data_9J4N
# 
_entry.id   9J4N 
# 
_audit_conform.dict_name       mmcif_pdbx.dic 
_audit_conform.dict_version    5.404 
_audit_conform.dict_location   http://mmcif.pdb.org/dictionaries/ascii/mmcif_pdbx.dic 
# 
loop_
_database_2.database_id 
_database_2.database_code 
_database_2.pdbx_database_accession 
_database_2.pdbx_DOI 
PDB   9J4N         pdb_00009j4n 10.2210/pdb9j4n/pdb 
WWPDB D_1300050110 ?            ?                   
# 
loop_
_pdbx_audit_revision_history.ordinal 
_pdbx_audit_revision_history.data_content_type 
_pdbx_audit_revision_history.major_revision 
_pdbx_audit_revision_history.minor_revision 
_pdbx_audit_revision_history.revision_date 
_pdbx_audit_revision_history.part_number 
1 'Structure model' 1 0 2025-07-09 ? 
2 'Structure model' 1 1 2025-09-03 ? 
# 
_pdbx_audit_revision_details.ordinal             1 
_pdbx_audit_revision_details.revision_ordinal    1 
_pdbx_audit_revision_details.data_content_type   'Structure model' 
_pdbx_audit_revision_details.provider            repository 
_pdbx_audit_revision_details.type                'Initial release' 
_pdbx_audit_revision_details.description         ? 
_pdbx_audit_revision_details.details             ? 
# 
_pdbx_audit_revision_group.ordinal             1 
_pdbx_audit_revision_group.revision_ordinal    2 
_pdbx_audit_revision_group.data_content_type   'Structure model' 
_pdbx_audit_revision_group.group               'Database references' 
# 
loop_
_pdbx_audit_revision_category.ordinal 
_pdbx_audit_revision_category.revision_ordinal 
_pdbx_audit_revision_category.data_content_type 
_pdbx_audit_revision_category.category 
1 2 'Structure model' citation        
2 2 'Structure model' citation_author 
# 
loop_
_pdbx_audit_revision_item.ordinal 
_pdbx_audit_revision_item.revision_ordinal 
_pdbx_audit_revision_item.data_content_type 
_pdbx_audit_revision_item.item 
1 2 'Structure model' '_citation.journal_volume'          
2 2 'Structure model' '_citation.page_first'              
3 2 'Structure model' '_citation.page_last'               
4 2 'Structure model' '_citation.title'                   
5 2 'Structure model' '_citation_author.identifier_ORCID' 
# 
_pdbx_database_status.status_code                     REL 
_pdbx_database_status.status_code_sf                  REL 
_pdbx_database_status.status_code_mr                  ? 
_pdbx_database_status.entry_id                        9J4N 
_pdbx_database_status.recvd_initial_deposition_date   2024-08-09 
_pdbx_database_status.SG_entry                        N 
_pdbx_database_status.deposit_site                    PDBJ 
_pdbx_database_status.process_site                    PDBJ 
_pdbx_database_status.status_code_cs                  ? 
_pdbx_database_status.status_code_nmr_data            ? 
_pdbx_database_status.methods_development_category    ? 
_pdbx_database_status.pdb_format_compatible           Y 
# 
_pdbx_contact_author.id                 2 
_pdbx_contact_author.email              jwkim@gist.ac.kr 
_pdbx_contact_author.name_first         Jungwook 
_pdbx_contact_author.name_last          Kim 
_pdbx_contact_author.name_mi            ? 
_pdbx_contact_author.role               'principal investigator/group leader' 
_pdbx_contact_author.identifier_ORCID   0000-0001-5213-9299 
# 
loop_
_audit_author.name 
_audit_author.pdbx_ordinal 
_audit_author.identifier_ORCID 
'Kim, J.' 1 ? 
'Cho, G.' 2 ? 
# 
_citation.abstract                  ? 
_citation.abstract_id_CAS           ? 
_citation.book_id_ISBN              ? 
_citation.book_publisher            ? 
_citation.book_publisher_city       ? 
_citation.book_title                ? 
_citation.coordinate_linkage        ? 
_citation.country                   UK 
_citation.database_id_Medline       ? 
_citation.details                   ? 
_citation.id                        primary 
_citation.journal_abbrev            Rna 
_citation.journal_id_ASTM           RNARFU 
_citation.journal_id_CSD            2122 
_citation.journal_id_ISSN           1469-9001 
_citation.journal_full              ? 
_citation.journal_issue             ? 
_citation.journal_volume            31 
_citation.language                  ? 
_citation.page_first                1305 
_citation.page_last                 1319 
_citation.title                     'Crystal structures of free-state tRNA Leu reveal conformational flexibility of type-II tRNAs.' 
_citation.year                      2025 
_citation.database_id_CSD           ? 
_citation.pdbx_database_id_DOI      10.1261/rna.080596.125 
_citation.pdbx_database_id_PubMed   40562537 
_citation.pdbx_database_id_patent   ? 
_citation.unpublished_flag          ? 
# 
loop_
_citation_author.citation_id 
_citation_author.name 
_citation_author.ordinal 
_citation_author.identifier_ORCID 
primary 'Cho, G.'  1 ? 
primary 'Yoo, J.'  2 ? 
primary 'Shin, K.' 3 ? 
primary 'Lee, J.'  4 ? 
primary 'Lim, J.'  5 ? 
primary 'Kim, J.'  6 ? 
# 
_entity.id                         1 
_entity.type                       polymer 
_entity.src_method                 man 
_entity.pdbx_description           'Leucine tRNA_UAG (85-MER)' 
_entity.formula_weight             27441.305 
_entity.pdbx_number_of_molecules   1 
_entity.pdbx_ec                    ? 
_entity.pdbx_mutation              ? 
_entity.pdbx_fragment              ? 
_entity.details                    ? 
# 
_entity_poly.entity_id                      1 
_entity_poly.type                           polyribonucleotide 
_entity_poly.nstd_linkage                   no 
_entity_poly.nstd_monomer                   no 
_entity_poly.pdbx_seq_one_letter_code       
;GCGGGAGUGGCGAAAUUGGUAGACGCACCAGAUUUAGGUUCUGGCGCCGCAAGGUGUGCGAGUUCAAGUCUCGCCUCCCG
CACCA
;
_entity_poly.pdbx_seq_one_letter_code_can   
;GCGGGAGUGGCGAAAUUGGUAGACGCACCAGAUUUAGGUUCUGGCGCCGCAAGGUGUGCGAGUUCAAGUCUCGCCUCCCG
CACCA
;
_entity_poly.pdbx_strand_id                 A 
_entity_poly.pdbx_target_identifier         ? 
# 
loop_
_entity_poly_seq.entity_id 
_entity_poly_seq.num 
_entity_poly_seq.mon_id 
_entity_poly_seq.hetero 
1 1  G n 
1 2  C n 
1 3  G n 
1 4  G n 
1 5  G n 
1 6  A n 
1 7  G n 
1 8  U n 
1 9  G n 
1 10 G n 
1 11 C n 
1 12 G n 
1 13 A n 
1 14 A n 
1 15 A n 
1 16 U n 
1 17 U n 
1 18 G n 
1 19 G n 
1 20 U n 
1 21 A n 
1 22 G n 
1 23 A n 
1 24 C n 
1 25 G n 
1 26 C n 
1 27 A n 
1 28 C n 
1 29 C n 
1 30 A n 
1 31 G n 
1 32 A n 
1 33 U n 
1 34 U n 
1 35 U n 
1 36 A n 
1 37 G n 
1 38 G n 
1 39 U n 
1 40 U n 
1 41 C n 
1 42 U n 
1 43 G n 
1 44 G n 
1 45 C n 
1 46 G n 
1 47 C n 
1 48 C n 
1 49 G n 
1 50 C n 
1 51 A n 
1 52 A n 
1 53 G n 
1 54 G n 
1 55 U n 
1 56 G n 
1 57 U n 
1 58 G n 
1 59 C n 
1 60 G n 
1 61 A n 
1 62 G n 
1 63 U n 
1 64 U n 
1 65 C n 
1 66 A n 
1 67 A n 
1 68 G n 
1 69 U n 
1 70 C n 
1 71 U n 
1 72 C n 
1 73 G n 
1 74 C n 
1 75 C n 
1 76 U n 
1 77 C n 
1 78 C n 
1 79 C n 
1 80 G n 
1 81 C n 
1 82 A n 
1 83 C n 
1 84 C n 
1 85 A n 
# 
_entity_src_gen.entity_id                          1 
_entity_src_gen.pdbx_src_id                        1 
_entity_src_gen.pdbx_alt_source_flag               sample 
_entity_src_gen.pdbx_seq_type                      'Biological sequence' 
_entity_src_gen.pdbx_beg_seq_num                   1 
_entity_src_gen.pdbx_end_seq_num                   85 
_entity_src_gen.gene_src_common_name               ? 
_entity_src_gen.gene_src_genus                     ? 
_entity_src_gen.pdbx_gene_src_gene                 ? 
_entity_src_gen.gene_src_species                   ? 
_entity_src_gen.gene_src_strain                    ? 
_entity_src_gen.gene_src_tissue                    ? 
_entity_src_gen.gene_src_tissue_fraction           ? 
_entity_src_gen.gene_src_details                   ? 
_entity_src_gen.pdbx_gene_src_fragment             ? 
_entity_src_gen.pdbx_gene_src_scientific_name      'Escherichia coli K-12' 
_entity_src_gen.pdbx_gene_src_ncbi_taxonomy_id     83333 
_entity_src_gen.pdbx_gene_src_variant              ? 
_entity_src_gen.pdbx_gene_src_cell_line            ? 
_entity_src_gen.pdbx_gene_src_atcc                 ? 
_entity_src_gen.pdbx_gene_src_organ                ? 
_entity_src_gen.pdbx_gene_src_organelle            ? 
_entity_src_gen.pdbx_gene_src_cell                 ? 
_entity_src_gen.pdbx_gene_src_cellular_location    ? 
_entity_src_gen.host_org_common_name               ? 
_entity_src_gen.pdbx_host_org_scientific_name      'Escherichia coli K-12' 
_entity_src_gen.pdbx_host_org_ncbi_taxonomy_id     83333 
_entity_src_gen.host_org_genus                     ? 
_entity_src_gen.pdbx_host_org_gene                 ? 
_entity_src_gen.pdbx_host_org_organ                ? 
_entity_src_gen.host_org_species                   ? 
_entity_src_gen.pdbx_host_org_tissue               ? 
_entity_src_gen.pdbx_host_org_tissue_fraction      ? 
_entity_src_gen.pdbx_host_org_strain               ? 
_entity_src_gen.pdbx_host_org_variant              ? 
_entity_src_gen.pdbx_host_org_cell_line            ? 
_entity_src_gen.pdbx_host_org_atcc                 ? 
_entity_src_gen.pdbx_host_org_culture_collection   ? 
_entity_src_gen.pdbx_host_org_cell                 ? 
_entity_src_gen.pdbx_host_org_organelle            ? 
_entity_src_gen.pdbx_host_org_cellular_location    ? 
_entity_src_gen.pdbx_host_org_vector_type          plasmid 
_entity_src_gen.pdbx_host_org_vector               ? 
_entity_src_gen.host_org_details                   ? 
_entity_src_gen.expression_system_id               ? 
_entity_src_gen.plasmid_name                       pBSTNAV 
_entity_src_gen.plasmid_details                    ? 
_entity_src_gen.pdbx_description                   ? 
# 
loop_
_chem_comp.id 
_chem_comp.type 
_chem_comp.mon_nstd_flag 
_chem_comp.name 
_chem_comp.pdbx_synonyms 
_chem_comp.formula 
_chem_comp.formula_weight 
A 'RNA linking' y "ADENOSINE-5'-MONOPHOSPHATE" ? 'C10 H14 N5 O7 P' 347.221 
C 'RNA linking' y "CYTIDINE-5'-MONOPHOSPHATE"  ? 'C9 H14 N3 O8 P'  323.197 
G 'RNA linking' y "GUANOSINE-5'-MONOPHOSPHATE" ? 'C10 H14 N5 O8 P' 363.221 
U 'RNA linking' y "URIDINE-5'-MONOPHOSPHATE"   ? 'C9 H13 N2 O9 P'  324.181 
# 
loop_
_pdbx_poly_seq_scheme.asym_id 
_pdbx_poly_seq_scheme.entity_id 
_pdbx_poly_seq_scheme.seq_id 
_pdbx_poly_seq_scheme.mon_id 
_pdbx_poly_seq_scheme.ndb_seq_num 
_pdbx_poly_seq_scheme.pdb_seq_num 
_pdbx_poly_seq_scheme.auth_seq_num 
_pdbx_poly_seq_scheme.pdb_mon_id 
_pdbx_poly_seq_scheme.auth_mon_id 
_pdbx_poly_seq_scheme.pdb_strand_id 
_pdbx_poly_seq_scheme.pdb_ins_code 
_pdbx_poly_seq_scheme.hetero 
A 1 1  G 1  1  1  G G A . n 
A 1 2  C 2  2  2  C C A . n 
A 1 3  G 3  3  3  G G A . n 
A 1 4  G 4  4  4  G G A . n 
A 1 5  G 5  5  5  G G A . n 
A 1 6  A 6  6  6  A A A . n 
A 1 7  G 7  7  7  G G A . n 
A 1 8  U 8  8  8  U U A . n 
A 1 9  G 9  9  9  G G A . n 
A 1 10 G 10 10 10 G G A . n 
A 1 11 C 11 11 11 C C A . n 
A 1 12 G 12 12 12 G G A . n 
A 1 13 A 13 13 13 A A A . n 
A 1 14 A 14 14 14 A A A . n 
A 1 15 A 15 15 15 A A A . n 
A 1 16 U 16 16 ?  ? ? A . n 
A 1 17 U 17 17 ?  ? ? A . n 
A 1 18 G 18 18 18 G G A . n 
A 1 19 G 19 19 19 G G A . n 
A 1 20 U 20 20 20 U U A . n 
A 1 21 A 21 20 20 A A A A n 
A 1 22 G 22 21 21 G G A . n 
A 1 23 A 23 22 22 A A A . n 
A 1 24 C 24 23 23 C C A . n 
A 1 25 G 25 24 24 G G A . n 
A 1 26 C 26 25 25 C C A . n 
A 1 27 A 27 26 26 A A A . n 
A 1 28 C 28 27 27 C C A . n 
A 1 29 C 29 28 28 C C A . n 
A 1 30 A 30 29 29 A A A . n 
A 1 31 G 31 30 30 G G A . n 
A 1 32 A 32 31 31 A A A . n 
A 1 33 U 33 32 32 U U A . n 
A 1 34 U 34 33 33 U U A . n 
A 1 35 U 35 34 ?  ? ? A . n 
A 1 36 A 36 35 ?  ? ? A . n 
A 1 37 G 37 36 36 G G A . n 
A 1 38 G 38 37 37 G G A . n 
A 1 39 U 39 38 38 U U A . n 
A 1 40 U 40 39 39 U U A . n 
A 1 41 C 41 40 40 C C A . n 
A 1 42 U 42 41 41 U U A . n 
A 1 43 G 43 42 42 G G A . n 
A 1 44 G 44 43 43 G G A . n 
A 1 45 C 45 44 44 C C A . n 
A 1 46 G 46 45 45 G G A . n 
A 1 47 C 47 46 46 C C A . n 
A 1 48 C 48 47 47 C C A . n 
A 1 49 G 49 47 47 G G A a n 
A 1 50 C 50 47 47 C C A b n 
A 1 51 A 51 47 47 A A A c n 
A 1 52 A 52 47 47 A A A d n 
A 1 53 G 53 47 47 G G A e n 
A 1 54 G 54 47 47 G G A f n 
A 1 55 U 55 47 47 U U A g n 
A 1 56 G 56 47 47 G G A h n 
A 1 57 U 57 48 48 U U A . n 
A 1 58 G 58 49 49 G G A . n 
A 1 59 C 59 50 50 C C A . n 
A 1 60 G 60 51 51 G G A . n 
A 1 61 A 61 52 52 A A A . n 
A 1 62 G 62 53 53 G G A . n 
A 1 63 U 63 54 54 U U A . n 
A 1 64 U 64 55 55 U U A . n 
A 1 65 C 65 56 56 C C A . n 
A 1 66 A 66 57 57 A A A . n 
A 1 67 A 67 58 58 A A A . n 
A 1 68 G 68 59 59 G G A . n 
A 1 69 U 69 60 60 U U A . n 
A 1 70 C 70 61 61 C C A . n 
A 1 71 U 71 62 62 U U A . n 
A 1 72 C 72 63 63 C C A . n 
A 1 73 G 73 64 64 G G A . n 
A 1 74 C 74 65 65 C C A . n 
A 1 75 C 75 66 66 C C A . n 
A 1 76 U 76 67 67 U U A . n 
A 1 77 C 77 68 68 C C A . n 
A 1 78 C 78 69 69 C C A . n 
A 1 79 C 79 70 70 C C A . n 
A 1 80 G 80 71 71 G G A . n 
A 1 81 C 81 72 72 C C A . n 
A 1 82 A 82 73 73 A A A . n 
A 1 83 C 83 74 74 C C A . n 
A 1 84 C 84 75 75 C C A . n 
A 1 85 A 85 76 76 A A A . n 
# 
loop_
_software.citation_id 
_software.classification 
_software.compiler_name 
_software.compiler_version 
_software.contact_author 
_software.contact_author_email 
_software.date 
_software.description 
_software.dependencies 
_software.hardware 
_software.language 
_software.location 
_software.mods 
_software.name 
_software.os 
_software.os_version 
_software.type 
_software.version 
_software.pdbx_ordinal 
? 'data collection' ? ? ? ? ? ? ? ? ? ? ? JBluIce-EPICS ? ? ? .        1 
? 'data processing' ? ? ? ? ? ? ? ? ? ? ? autoPROC      ? ? ? .        2 
? 'data reduction'  ? ? ? ? ? ? ? ? ? ? ? autoPROC      ? ? ? .        3 
? 'data scaling'    ? ? ? ? ? ? ? ? ? ? ? STARANISO     ? ? ? .        4 
? phasing           ? ? ? ? ? ? ? ? ? ? ? MOLREP        ? ? ? .        5 
? refinement        ? ? ? ? ? ? ? ? ? ? ? REFMAC        ? ? ? 5.8.0425 6 
? 'model building'  ? ? ? ? ? ? ? ? ? ? ? Coot          ? ? ? .        7 
? 'data extraction' ? ? ? ? ? ? ? ? ? ? ? PDB_EXTRACT   ? ? ? .        8 
# 
_cell.angle_alpha                  90.00 
_cell.angle_alpha_esd              ? 
_cell.angle_beta                   90.00 
_cell.angle_beta_esd               ? 
_cell.angle_gamma                  90.00 
_cell.angle_gamma_esd              ? 
_cell.entry_id                     9J4N 
_cell.details                      ? 
_cell.formula_units_Z              ? 
_cell.length_a                     61.365 
_cell.length_a_esd                 ? 
_cell.length_b                     114.179 
_cell.length_b_esd                 ? 
_cell.length_c                     53.817 
_cell.length_c_esd                 ? 
_cell.volume                       ? 
_cell.volume_esd                   ? 
_cell.Z_PDB                        4 
_cell.reciprocal_angle_alpha       ? 
_cell.reciprocal_angle_beta        ? 
_cell.reciprocal_angle_gamma       ? 
_cell.reciprocal_angle_alpha_esd   ? 
_cell.reciprocal_angle_beta_esd    ? 
_cell.reciprocal_angle_gamma_esd   ? 
_cell.reciprocal_length_a          ? 
_cell.reciprocal_length_b          ? 
_cell.reciprocal_length_c          ? 
_cell.reciprocal_length_a_esd      ? 
_cell.reciprocal_length_b_esd      ? 
_cell.reciprocal_length_c_esd      ? 
_cell.pdbx_unique_axis             ? 
_cell.pdbx_esd_method              ? 
# 
_symmetry.entry_id                         9J4N 
_symmetry.cell_setting                     ? 
_symmetry.Int_Tables_number                18 
_symmetry.space_group_name_Hall            ? 
_symmetry.space_group_name_H-M             'P 21 21 2' 
_symmetry.pdbx_full_space_group_name_H-M   ? 
# 
_exptl.absorpt_coefficient_mu     ? 
_exptl.absorpt_correction_T_max   ? 
_exptl.absorpt_correction_T_min   ? 
_exptl.absorpt_correction_type    ? 
_exptl.absorpt_process_details    ? 
_exptl.entry_id                   9J4N 
_exptl.crystals_number            1 
_exptl.details                    ? 
_exptl.method                     'X-RAY DIFFRACTION' 
_exptl.method_details             ? 
# 
_exptl_crystal.colour                       ? 
_exptl_crystal.density_diffrn               ? 
_exptl_crystal.density_Matthews             3.44 
_exptl_crystal.density_method               ? 
_exptl_crystal.density_percent_sol          64.20 
_exptl_crystal.description                  ? 
_exptl_crystal.F_000                        ? 
_exptl_crystal.id                           1 
_exptl_crystal.preparation                  ? 
_exptl_crystal.size_max                     ? 
_exptl_crystal.size_mid                     ? 
_exptl_crystal.size_min                     ? 
_exptl_crystal.size_rad                     ? 
_exptl_crystal.colour_lustre                ? 
_exptl_crystal.colour_modifier              ? 
_exptl_crystal.colour_primary               ? 
_exptl_crystal.density_meas                 ? 
_exptl_crystal.density_meas_esd             ? 
_exptl_crystal.density_meas_gt              ? 
_exptl_crystal.density_meas_lt              ? 
_exptl_crystal.density_meas_temp            ? 
_exptl_crystal.density_meas_temp_esd        ? 
_exptl_crystal.density_meas_temp_gt         ? 
_exptl_crystal.density_meas_temp_lt         ? 
_exptl_crystal.pdbx_crystal_image_url       ? 
_exptl_crystal.pdbx_crystal_image_format    ? 
_exptl_crystal.pdbx_mosaicity               ? 
_exptl_crystal.pdbx_mosaicity_esd           ? 
_exptl_crystal.pdbx_mosaic_method           ? 
_exptl_crystal.pdbx_mosaic_block_size       ? 
_exptl_crystal.pdbx_mosaic_block_size_esd   ? 
# 
_exptl_crystal_grow.apparatus       ? 
_exptl_crystal_grow.atmosphere      ? 
_exptl_crystal_grow.crystal_id      1 
_exptl_crystal_grow.details         ? 
_exptl_crystal_grow.method          'VAPOR DIFFUSION, SITTING DROP' 
_exptl_crystal_grow.method_ref      ? 
_exptl_crystal_grow.pH              4.6 
_exptl_crystal_grow.pressure        ? 
_exptl_crystal_grow.pressure_esd    ? 
_exptl_crystal_grow.seeding         ? 
_exptl_crystal_grow.seeding_ref     ? 
_exptl_crystal_grow.temp_details    RT 
_exptl_crystal_grow.temp_esd        ? 
_exptl_crystal_grow.time            ? 
_exptl_crystal_grow.pdbx_details    
'0.25 M ammonium sulfate, 0.1 M sodium acetate trihydrate, pH 4.6, 32% (w/v) polyethylene glycol monomethyl ether 2000' 
_exptl_crystal_grow.pdbx_pH_range   ? 
_exptl_crystal_grow.temp            297 
# 
_diffrn.ambient_environment              ? 
_diffrn.ambient_temp                     100 
_diffrn.ambient_temp_details             LN2 
_diffrn.ambient_temp_esd                 ? 
_diffrn.crystal_id                       1 
_diffrn.crystal_support                  ? 
_diffrn.crystal_treatment                ? 
_diffrn.details                          ? 
_diffrn.id                               1 
_diffrn.ambient_pressure                 ? 
_diffrn.ambient_pressure_esd             ? 
_diffrn.ambient_pressure_gt              ? 
_diffrn.ambient_pressure_lt              ? 
_diffrn.ambient_temp_gt                  ? 
_diffrn.ambient_temp_lt                  ? 
_diffrn.pdbx_serial_crystal_experiment   N 
# 
_diffrn_detector.details                      ? 
_diffrn_detector.detector                     CCD 
_diffrn_detector.diffrn_id                    1 
_diffrn_detector.type                         'ADSC QUANTUM 270' 
_diffrn_detector.area_resol_mean              ? 
_diffrn_detector.dtime                        ? 
_diffrn_detector.pdbx_frames_total            ? 
_diffrn_detector.pdbx_collection_time_total   ? 
_diffrn_detector.pdbx_collection_date         2023-04-13 
_diffrn_detector.pdbx_frequency               ? 
_diffrn_detector.id                           ? 
_diffrn_detector.number_of_axes               ? 
# 
_diffrn_radiation.collimation                      ? 
_diffrn_radiation.diffrn_id                        1 
_diffrn_radiation.filter_edge                      ? 
_diffrn_radiation.inhomogeneity                    ? 
_diffrn_radiation.monochromator                    ? 
_diffrn_radiation.polarisn_norm                    ? 
_diffrn_radiation.polarisn_ratio                   ? 
_diffrn_radiation.probe                            ? 
_diffrn_radiation.type                             ? 
_diffrn_radiation.xray_symbol                      ? 
_diffrn_radiation.wavelength_id                    1 
_diffrn_radiation.pdbx_monochromatic_or_laue_m_l   M 
_diffrn_radiation.pdbx_wavelength_list             ? 
_diffrn_radiation.pdbx_wavelength                  ? 
_diffrn_radiation.pdbx_diffrn_protocol             'SINGLE WAVELENGTH' 
_diffrn_radiation.pdbx_analyzer                    ? 
_diffrn_radiation.pdbx_scattering_type             x-ray 
# 
_diffrn_radiation_wavelength.id           1 
_diffrn_radiation_wavelength.wavelength   0.9793 
_diffrn_radiation_wavelength.wt           1.0 
# 
_diffrn_source.current                     ? 
_diffrn_source.details                     ? 
_diffrn_source.diffrn_id                   1 
_diffrn_source.power                       ? 
_diffrn_source.size                        ? 
_diffrn_source.source                      SYNCHROTRON 
_diffrn_source.target                      ? 
_diffrn_source.type                        'PAL/PLS BEAMLINE 7A (6B, 6C1)' 
_diffrn_source.voltage                     ? 
_diffrn_source.take-off_angle              ? 
_diffrn_source.pdbx_wavelength_list        0.9793 
_diffrn_source.pdbx_wavelength             ? 
_diffrn_source.pdbx_synchrotron_beamline   '7A (6B, 6C1)' 
_diffrn_source.pdbx_synchrotron_site       PAL/PLS 
# 
_reflns.B_iso_Wilson_estimate                          ? 
_reflns.entry_id                                       9J4N 
_reflns.data_reduction_details                         ? 
_reflns.data_reduction_method                          ? 
_reflns.d_resolution_high                              2.897 
_reflns.d_resolution_low                               48.681 
_reflns.details                                        ? 
_reflns.limit_h_max                                    ? 
_reflns.limit_h_min                                    ? 
_reflns.limit_k_max                                    ? 
_reflns.limit_k_min                                    ? 
_reflns.limit_l_max                                    ? 
_reflns.limit_l_min                                    ? 
_reflns.number_all                                     ? 
_reflns.number_obs                                     4225 
_reflns.observed_criterion                             ? 
_reflns.observed_criterion_F_max                       ? 
_reflns.observed_criterion_F_min                       ? 
_reflns.observed_criterion_I_max                       ? 
_reflns.observed_criterion_I_min                       ? 
_reflns.observed_criterion_sigma_F                     ? 
_reflns.observed_criterion_sigma_I                     ? 
_reflns.percent_possible_obs                           86.8 
_reflns.R_free_details                                 ? 
_reflns.Rmerge_F_all                                   ? 
_reflns.Rmerge_F_obs                                   ? 
_reflns.Friedel_coverage                               ? 
_reflns.number_gt                                      ? 
_reflns.threshold_expression                           ? 
_reflns.pdbx_redundancy                                11.5 
_reflns.pdbx_netI_over_av_sigmaI                       ? 
_reflns.pdbx_netI_over_sigmaI                          11.1 
_reflns.pdbx_res_netI_over_av_sigmaI_2                 ? 
_reflns.pdbx_res_netI_over_sigmaI_2                    ? 
_reflns.pdbx_chi_squared                               ? 
_reflns.pdbx_scaling_rejects                           ? 
_reflns.pdbx_d_res_high_opt                            ? 
_reflns.pdbx_d_res_low_opt                             ? 
_reflns.pdbx_d_res_opt_method                          ? 
_reflns.phase_calculation_details                      ? 
_reflns.pdbx_Rrim_I_all                                0.200 
_reflns.pdbx_Rpim_I_all                                0.059 
_reflns.pdbx_d_opt                                     ? 
_reflns.pdbx_number_measured_all                       ? 
_reflns.pdbx_diffrn_id                                 1 
_reflns.pdbx_ordinal                                   1 
_reflns.pdbx_CC_half                                   0.997 
_reflns.pdbx_CC_star                                   ? 
_reflns.pdbx_R_split                                   ? 
_reflns.pdbx_Rmerge_I_obs                              0.191 
_reflns.pdbx_Rmerge_I_all                              ? 
_reflns.pdbx_Rsym_value                                ? 
_reflns.pdbx_CC_split_method                           ? 
_reflns.pdbx_aniso_diffraction_limit_axis_1_ortho[1]   ? 
_reflns.pdbx_aniso_diffraction_limit_axis_1_ortho[2]   ? 
_reflns.pdbx_aniso_diffraction_limit_axis_1_ortho[3]   ? 
_reflns.pdbx_aniso_diffraction_limit_axis_2_ortho[1]   ? 
_reflns.pdbx_aniso_diffraction_limit_axis_2_ortho[2]   ? 
_reflns.pdbx_aniso_diffraction_limit_axis_2_ortho[3]   ? 
_reflns.pdbx_aniso_diffraction_limit_axis_3_ortho[1]   ? 
_reflns.pdbx_aniso_diffraction_limit_axis_3_ortho[2]   ? 
_reflns.pdbx_aniso_diffraction_limit_axis_3_ortho[3]   ? 
_reflns.pdbx_aniso_diffraction_limit_1                 ? 
_reflns.pdbx_aniso_diffraction_limit_2                 ? 
_reflns.pdbx_aniso_diffraction_limit_3                 ? 
_reflns.pdbx_aniso_B_tensor_eigenvector_1_ortho[1]     ? 
_reflns.pdbx_aniso_B_tensor_eigenvector_1_ortho[2]     ? 
_reflns.pdbx_aniso_B_tensor_eigenvector_1_ortho[3]     ? 
_reflns.pdbx_aniso_B_tensor_eigenvector_2_ortho[1]     ? 
_reflns.pdbx_aniso_B_tensor_eigenvector_2_ortho[2]     ? 
_reflns.pdbx_aniso_B_tensor_eigenvector_2_ortho[3]     ? 
_reflns.pdbx_aniso_B_tensor_eigenvector_3_ortho[1]     ? 
_reflns.pdbx_aniso_B_tensor_eigenvector_3_ortho[2]     ? 
_reflns.pdbx_aniso_B_tensor_eigenvector_3_ortho[3]     ? 
_reflns.pdbx_aniso_B_tensor_eigenvalue_1               ? 
_reflns.pdbx_aniso_B_tensor_eigenvalue_2               ? 
_reflns.pdbx_aniso_B_tensor_eigenvalue_3               ? 
_reflns.pdbx_orthogonalization_convention              ? 
_reflns.pdbx_percent_possible_ellipsoidal              ? 
_reflns.pdbx_percent_possible_spherical                ? 
_reflns.pdbx_percent_possible_ellipsoidal_anomalous    ? 
_reflns.pdbx_percent_possible_spherical_anomalous      ? 
_reflns.pdbx_redundancy_anomalous                      ? 
_reflns.pdbx_CC_half_anomalous                         ? 
_reflns.pdbx_absDiff_over_sigma_anomalous              ? 
_reflns.pdbx_percent_possible_anomalous                ? 
_reflns.pdbx_observed_signal_threshold                 ? 
_reflns.pdbx_signal_type                               ? 
_reflns.pdbx_signal_details                            ? 
_reflns.pdbx_signal_software_id                        ? 
# 
_reflns_shell.d_res_high                                    2.897 
_reflns_shell.d_res_low                                     3.331 
_reflns_shell.meanI_over_sigI_all                           ? 
_reflns_shell.meanI_over_sigI_obs                           1.8 
_reflns_shell.number_measured_all                           ? 
_reflns_shell.number_measured_obs                           ? 
_reflns_shell.number_possible                               ? 
_reflns_shell.number_unique_all                             ? 
_reflns_shell.number_unique_obs                             352 
_reflns_shell.percent_possible_obs                          ? 
_reflns_shell.Rmerge_F_all                                  ? 
_reflns_shell.Rmerge_F_obs                                  ? 
_reflns_shell.meanI_over_sigI_gt                            ? 
_reflns_shell.meanI_over_uI_all                             ? 
_reflns_shell.meanI_over_uI_gt                              ? 
_reflns_shell.number_measured_gt                            ? 
_reflns_shell.number_unique_gt                              ? 
_reflns_shell.percent_possible_gt                           ? 
_reflns_shell.Rmerge_F_gt                                   ? 
_reflns_shell.Rmerge_I_gt                                   ? 
_reflns_shell.pdbx_redundancy                               13.2 
_reflns_shell.pdbx_chi_squared                              ? 
_reflns_shell.pdbx_netI_over_sigmaI_all                     ? 
_reflns_shell.pdbx_netI_over_sigmaI_obs                     ? 
_reflns_shell.pdbx_Rrim_I_all                               1.821 
_reflns_shell.pdbx_Rpim_I_all                               0.498 
_reflns_shell.pdbx_rejects                                  ? 
_reflns_shell.pdbx_ordinal                                  1 
_reflns_shell.pdbx_diffrn_id                                1 
_reflns_shell.pdbx_CC_half                                  0.626 
_reflns_shell.pdbx_CC_star                                  ? 
_reflns_shell.pdbx_R_split                                  ? 
_reflns_shell.percent_possible_all                          61.7 
_reflns_shell.Rmerge_I_all                                  ? 
_reflns_shell.Rmerge_I_obs                                  1.750 
_reflns_shell.pdbx_Rsym_value                               ? 
_reflns_shell.pdbx_percent_possible_ellipsoidal             ? 
_reflns_shell.pdbx_percent_possible_spherical               ? 
_reflns_shell.pdbx_percent_possible_ellipsoidal_anomalous   ? 
_reflns_shell.pdbx_percent_possible_spherical_anomalous     ? 
_reflns_shell.pdbx_redundancy_anomalous                     ? 
_reflns_shell.pdbx_CC_half_anomalous                        ? 
_reflns_shell.pdbx_absDiff_over_sigma_anomalous             ? 
_reflns_shell.pdbx_percent_possible_anomalous               ? 
# 
_refine.aniso_B[1][1]                            -3.27 
_refine.aniso_B[1][2]                            -0.00 
_refine.aniso_B[1][3]                            -0.00 
_refine.aniso_B[2][2]                            -0.09 
_refine.aniso_B[2][3]                            0.00 
_refine.aniso_B[3][3]                            3.36 
_refine.B_iso_max                                ? 
_refine.B_iso_mean                               84.520 
_refine.B_iso_min                                ? 
_refine.correlation_coeff_Fo_to_Fc               0.868 
_refine.correlation_coeff_Fo_to_Fc_free          0.895 
_refine.details                                  'HYDROGENS HAVE BEEN USED IF PRESENT IN THE INPUT' 
_refine.diff_density_max                         ? 
_refine.diff_density_max_esd                     ? 
_refine.diff_density_min                         ? 
_refine.diff_density_min_esd                     ? 
_refine.diff_density_rms                         ? 
_refine.diff_density_rms_esd                     ? 
_refine.entry_id                                 9J4N 
_refine.pdbx_refine_id                           'X-RAY DIFFRACTION' 
_refine.ls_abs_structure_details                 ? 
_refine.ls_abs_structure_Flack                   ? 
_refine.ls_abs_structure_Flack_esd               ? 
_refine.ls_abs_structure_Rogers                  ? 
_refine.ls_abs_structure_Rogers_esd              ? 
_refine.ls_d_res_high                            2.90 
_refine.ls_d_res_low                             48.681 
_refine.ls_extinction_coef                       ? 
_refine.ls_extinction_coef_esd                   ? 
_refine.ls_extinction_expression                 ? 
_refine.ls_extinction_method                     ? 
_refine.ls_goodness_of_fit_all                   ? 
_refine.ls_goodness_of_fit_all_esd               ? 
_refine.ls_goodness_of_fit_obs                   ? 
_refine.ls_goodness_of_fit_obs_esd               ? 
_refine.ls_hydrogen_treatment                    ? 
_refine.ls_matrix_type                           ? 
_refine.ls_number_constraints                    ? 
_refine.ls_number_parameters                     ? 
_refine.ls_number_reflns_all                     ? 
_refine.ls_number_reflns_obs                     4000 
_refine.ls_number_reflns_R_free                  218 
_refine.ls_number_reflns_R_work                  ? 
_refine.ls_number_restraints                     ? 
_refine.ls_percent_reflns_obs                    48.04 
_refine.ls_percent_reflns_R_free                 5.2 
_refine.ls_R_factor_all                          ? 
_refine.ls_R_factor_obs                          0.24762 
_refine.ls_R_factor_R_free                       0.26961 
_refine.ls_R_factor_R_free_error                 ? 
_refine.ls_R_factor_R_free_error_details         ? 
_refine.ls_R_factor_R_work                       0.24644 
_refine.ls_R_Fsqd_factor_obs                     ? 
_refine.ls_R_I_factor_obs                        ? 
_refine.ls_redundancy_reflns_all                 ? 
_refine.ls_redundancy_reflns_obs                 ? 
_refine.ls_restrained_S_all                      ? 
_refine.ls_restrained_S_obs                      ? 
_refine.ls_shift_over_esd_max                    ? 
_refine.ls_shift_over_esd_mean                   ? 
_refine.ls_structure_factor_coef                 ? 
_refine.ls_weighting_details                     ? 
_refine.ls_weighting_scheme                      ? 
_refine.ls_wR_factor_all                         ? 
_refine.ls_wR_factor_obs                         ? 
_refine.ls_wR_factor_R_free                      ? 
_refine.ls_wR_factor_R_work                      ? 
_refine.occupancy_max                            ? 
_refine.occupancy_min                            ? 
_refine.solvent_model_details                    MASK 
_refine.solvent_model_param_bsol                 ? 
_refine.solvent_model_param_ksol                 ? 
_refine.pdbx_R_complete                          ? 
_refine.ls_R_factor_gt                           ? 
_refine.ls_goodness_of_fit_gt                    ? 
_refine.ls_goodness_of_fit_ref                   ? 
_refine.ls_shift_over_su_max                     ? 
_refine.ls_shift_over_su_max_lt                  ? 
_refine.ls_shift_over_su_mean                    ? 
_refine.ls_shift_over_su_mean_lt                 ? 
_refine.pdbx_ls_sigma_I                          ? 
_refine.pdbx_ls_sigma_F                          ? 
_refine.pdbx_ls_sigma_Fsqd                       ? 
_refine.pdbx_data_cutoff_high_absF               ? 
_refine.pdbx_data_cutoff_high_rms_absF           ? 
_refine.pdbx_data_cutoff_low_absF                ? 
_refine.pdbx_isotropic_thermal_model             ? 
_refine.pdbx_ls_cross_valid_method               THROUGHOUT 
_refine.pdbx_method_to_determine_struct          'MOLECULAR REPLACEMENT' 
_refine.pdbx_starting_model                      ? 
_refine.pdbx_stereochemistry_target_values       'MAXIMUM LIKELIHOOD' 
_refine.pdbx_R_Free_selection_details            RANDOM 
_refine.pdbx_stereochem_target_val_spec_case     ? 
_refine.pdbx_overall_ESU_R                       ? 
_refine.pdbx_overall_ESU_R_Free                  0.670 
_refine.pdbx_solvent_vdw_probe_radii             1.20 
_refine.pdbx_solvent_ion_probe_radii             0.80 
_refine.pdbx_solvent_shrinkage_radii             0.80 
_refine.pdbx_real_space_R                        ? 
_refine.pdbx_density_correlation                 ? 
_refine.pdbx_pd_number_of_powder_patterns        ? 
_refine.pdbx_pd_number_of_points                 ? 
_refine.pdbx_pd_meas_number_of_points            ? 
_refine.pdbx_pd_proc_ls_prof_R_factor            ? 
_refine.pdbx_pd_proc_ls_prof_wR_factor           ? 
_refine.pdbx_pd_Marquardt_correlation_coeff      ? 
_refine.pdbx_pd_Fsqrd_R_factor                   ? 
_refine.pdbx_pd_ls_matrix_band_width             ? 
_refine.pdbx_overall_phase_error                 ? 
_refine.pdbx_overall_SU_R_free_Cruickshank_DPI   ? 
_refine.pdbx_overall_SU_R_free_Blow_DPI          ? 
_refine.pdbx_overall_SU_R_Blow_DPI               ? 
_refine.pdbx_TLS_residual_ADP_flag               ? 
_refine.pdbx_diffrn_id                           1 
_refine.overall_SU_B                             ? 
_refine.overall_SU_ML                            ? 
_refine.overall_SU_R_Cruickshank_DPI             ? 
_refine.overall_SU_R_free                        ? 
_refine.overall_FOM_free_R_set                   ? 
_refine.overall_FOM_work_R_set                   ? 
_refine.pdbx_average_fsc_overall                 ? 
_refine.pdbx_average_fsc_work                    ? 
_refine.pdbx_average_fsc_free                    ? 
# 
_refine_hist.pdbx_refine_id                   'X-RAY DIFFRACTION' 
_refine_hist.cycle_id                         1 
_refine_hist.details                          ? 
_refine_hist.d_res_high                       2.90 
_refine_hist.d_res_low                        48.681 
_refine_hist.number_atoms_solvent             0 
_refine_hist.number_atoms_total               1737 
_refine_hist.number_reflns_all                ? 
_refine_hist.number_reflns_obs                ? 
_refine_hist.number_reflns_R_free             ? 
_refine_hist.number_reflns_R_work             ? 
_refine_hist.R_factor_all                     ? 
_refine_hist.R_factor_obs                     ? 
_refine_hist.R_factor_R_free                  ? 
_refine_hist.R_factor_R_work                  ? 
_refine_hist.pdbx_number_residues_total       ? 
_refine_hist.pdbx_B_iso_mean_ligand           ? 
_refine_hist.pdbx_B_iso_mean_solvent          ? 
_refine_hist.pdbx_number_atoms_protein        0 
_refine_hist.pdbx_number_atoms_nucleic_acid   1737 
_refine_hist.pdbx_number_atoms_ligand         0 
_refine_hist.pdbx_number_atoms_lipid          ? 
_refine_hist.pdbx_number_atoms_carb           ? 
_refine_hist.pdbx_pseudo_atom_details         ? 
# 
loop_
_refine_ls_restr.pdbx_refine_id 
_refine_ls_restr.criterion 
_refine_ls_restr.dev_ideal 
_refine_ls_restr.dev_ideal_target 
_refine_ls_restr.number 
_refine_ls_restr.rejects 
_refine_ls_restr.type 
_refine_ls_restr.weight 
_refine_ls_restr.pdbx_restraint_function 
'X-RAY DIFFRACTION' ? 0.005  0.011  1940 ? r_bond_refined_d             ? ? 
'X-RAY DIFFRACTION' ? ?      ?      ?    ? r_bond_other_d               ? ? 
'X-RAY DIFFRACTION' ? 1.680  1.838  3021 ? r_angle_refined_deg          ? ? 
'X-RAY DIFFRACTION' ? ?      ?      ?    ? r_angle_other_deg            ? ? 
'X-RAY DIFFRACTION' ? ?      ?      ?    ? r_dihedral_angle_1_deg       ? ? 
'X-RAY DIFFRACTION' ? ?      ?      ?    ? r_dihedral_angle_2_deg       ? ? 
'X-RAY DIFFRACTION' ? ?      ?      ?    ? r_dihedral_angle_3_deg       ? ? 
'X-RAY DIFFRACTION' ? ?      ?      ?    ? r_dihedral_angle_4_deg       ? ? 
'X-RAY DIFFRACTION' ? 0.078  0.200  403  ? r_chiral_restr               ? ? 
'X-RAY DIFFRACTION' ? 0.008  0.020  845  ? r_gen_planes_refined         ? ? 
'X-RAY DIFFRACTION' ? ?      ?      ?    ? r_gen_planes_other           ? ? 
'X-RAY DIFFRACTION' ? ?      ?      ?    ? r_nbd_refined                ? ? 
'X-RAY DIFFRACTION' ? ?      ?      ?    ? r_nbd_other                  ? ? 
'X-RAY DIFFRACTION' ? ?      ?      ?    ? r_nbtor_refined              ? ? 
'X-RAY DIFFRACTION' ? ?      ?      ?    ? r_nbtor_other                ? ? 
'X-RAY DIFFRACTION' ? ?      ?      ?    ? r_xyhbond_nbd_refined        ? ? 
'X-RAY DIFFRACTION' ? ?      ?      ?    ? r_xyhbond_nbd_other          ? ? 
'X-RAY DIFFRACTION' ? ?      ?      ?    ? r_metal_ion_refined          ? ? 
'X-RAY DIFFRACTION' ? ?      ?      ?    ? r_metal_ion_other            ? ? 
'X-RAY DIFFRACTION' ? ?      ?      ?    ? r_symmetry_vdw_refined       ? ? 
'X-RAY DIFFRACTION' ? ?      ?      ?    ? r_symmetry_vdw_other         ? ? 
'X-RAY DIFFRACTION' ? ?      ?      ?    ? r_symmetry_hbond_refined     ? ? 
'X-RAY DIFFRACTION' ? ?      ?      ?    ? r_symmetry_hbond_other       ? ? 
'X-RAY DIFFRACTION' ? ?      ?      ?    ? r_symmetry_metal_ion_refined ? ? 
'X-RAY DIFFRACTION' ? ?      ?      ?    ? r_symmetry_metal_ion_other   ? ? 
'X-RAY DIFFRACTION' ? ?      ?      ?    ? r_mcbond_it                  ? ? 
'X-RAY DIFFRACTION' ? ?      ?      ?    ? r_mcbond_other               ? ? 
'X-RAY DIFFRACTION' ? ?      ?      ?    ? r_mcangle_it                 ? ? 
'X-RAY DIFFRACTION' ? ?      ?      ?    ? r_mcangle_other              ? ? 
'X-RAY DIFFRACTION' ? 7.399  8.423  1940 ? r_scbond_it                  ? ? 
'X-RAY DIFFRACTION' ? ?      ?      ?    ? r_scbond_other               ? ? 
'X-RAY DIFFRACTION' ? ?      ?      ?    ? r_scangle_it                 ? ? 
'X-RAY DIFFRACTION' ? ?      ?      ?    ? r_scangle_other              ? ? 
'X-RAY DIFFRACTION' ? 20.927 116.59 9654 ? r_long_range_B_refined       ? ? 
'X-RAY DIFFRACTION' ? ?      ?      ?    ? r_long_range_B_other         ? ? 
'X-RAY DIFFRACTION' ? ?      ?      ?    ? r_rigid_bond_restr           ? ? 
'X-RAY DIFFRACTION' ? ?      ?      ?    ? r_sphericity_free            ? ? 
'X-RAY DIFFRACTION' ? ?      ?      ?    ? r_sphericity_bonded          ? ? 
# 
_refine_ls_shell.pdbx_refine_id                   'X-RAY DIFFRACTION' 
_refine_ls_shell.d_res_high                       2.900 
_refine_ls_shell.d_res_low                        2.975 
_refine_ls_shell.number_reflns_all                ? 
_refine_ls_shell.number_reflns_obs                ? 
_refine_ls_shell.number_reflns_R_free             1 
_refine_ls_shell.number_reflns_R_work             24 
_refine_ls_shell.percent_reflns_obs               4.49 
_refine_ls_shell.percent_reflns_R_free            ? 
_refine_ls_shell.R_factor_all                     ? 
_refine_ls_shell.R_factor_obs                     ? 
_refine_ls_shell.R_factor_R_free_error            ? 
_refine_ls_shell.R_factor_R_work                  0.446 
_refine_ls_shell.redundancy_reflns_all            ? 
_refine_ls_shell.redundancy_reflns_obs            ? 
_refine_ls_shell.wR_factor_all                    ? 
_refine_ls_shell.wR_factor_obs                    ? 
_refine_ls_shell.wR_factor_R_free                 ? 
_refine_ls_shell.wR_factor_R_work                 ? 
_refine_ls_shell.pdbx_R_complete                  ? 
_refine_ls_shell.pdbx_total_number_of_bins_used   20 
_refine_ls_shell.pdbx_phase_error                 ? 
_refine_ls_shell.pdbx_fsc_work                    ? 
_refine_ls_shell.pdbx_fsc_free                    ? 
_refine_ls_shell.R_factor_R_free                  0.186 
# 
_struct.entry_id                     9J4N 
_struct.title                        'Crystal structure of E. coli Leucine tRNA with UAG anticodon' 
_struct.pdbx_model_details           ? 
_struct.pdbx_formula_weight          ? 
_struct.pdbx_formula_weight_method   ? 
_struct.pdbx_model_type_details      ? 
_struct.pdbx_CASP_flag               N 
# 
_struct_keywords.entry_id        9J4N 
_struct_keywords.text            'tRNA, RNA' 
_struct_keywords.pdbx_keywords   RNA 
# 
_struct_asym.id                            A 
_struct_asym.pdbx_blank_PDB_chainid_flag   N 
_struct_asym.pdbx_modified                 N 
_struct_asym.entity_id                     1 
_struct_asym.details                       ? 
# 
_struct_ref.id                         1 
_struct_ref.db_name                    GB 
_struct_ref.db_code                    CP053605.1 
_struct_ref.pdbx_db_accession          1845258627 
_struct_ref.pdbx_db_isoform            ? 
_struct_ref.entity_id                  1 
_struct_ref.pdbx_seq_one_letter_code   
;GCGGGAGUGGCGAAAUUGGUAGACGCACCAGAUUUAGGUUCUGGCGCCGCAAGGUGUGCGAGUUCAAGUCUCGCCUCCCG
CACCA
;
_struct_ref.pdbx_align_begin           583093 
# 
_struct_ref_seq.align_id                      1 
_struct_ref_seq.ref_id                        1 
_struct_ref_seq.pdbx_PDB_id_code              9J4N 
_struct_ref_seq.pdbx_strand_id                A 
_struct_ref_seq.seq_align_beg                 1 
_struct_ref_seq.pdbx_seq_align_beg_ins_code   ? 
_struct_ref_seq.seq_align_end                 85 
_struct_ref_seq.pdbx_seq_align_end_ins_code   ? 
_struct_ref_seq.pdbx_db_accession             1845258627 
_struct_ref_seq.db_align_beg                  583093 
_struct_ref_seq.pdbx_db_align_beg_ins_code    ? 
_struct_ref_seq.db_align_end                  583009 
_struct_ref_seq.pdbx_db_align_end_ins_code    ? 
_struct_ref_seq.pdbx_auth_seq_align_beg       1 
_struct_ref_seq.pdbx_auth_seq_align_end       76 
# 
_pdbx_struct_assembly.id                   1 
_pdbx_struct_assembly.details              author_defined_assembly 
_pdbx_struct_assembly.method_details       ? 
_pdbx_struct_assembly.oligomeric_details   monomeric 
_pdbx_struct_assembly.oligomeric_count     1 
# 
_pdbx_struct_assembly_gen.assembly_id       1 
_pdbx_struct_assembly_gen.oper_expression   1 
_pdbx_struct_assembly_gen.asym_id_list      A 
# 
_pdbx_struct_assembly_auth_evidence.id                     1 
_pdbx_struct_assembly_auth_evidence.assembly_id            1 
_pdbx_struct_assembly_auth_evidence.experimental_support   none 
_pdbx_struct_assembly_auth_evidence.details                ? 
# 
_pdbx_struct_oper_list.id                   1 
_pdbx_struct_oper_list.type                 'identity operation' 
_pdbx_struct_oper_list.name                 1_555 
_pdbx_struct_oper_list.symmetry_operation   x,y,z 
_pdbx_struct_oper_list.matrix[1][1]         1.0000000000 
_pdbx_struct_oper_list.matrix[1][2]         0.0000000000 
_pdbx_struct_oper_list.matrix[1][3]         0.0000000000 
_pdbx_struct_oper_list.vector[1]            0.0000000000 
_pdbx_struct_oper_list.matrix[2][1]         0.0000000000 
_pdbx_struct_oper_list.matrix[2][2]         1.0000000000 
_pdbx_struct_oper_list.matrix[2][3]         0.0000000000 
_pdbx_struct_oper_list.vector[2]            0.0000000000 
_pdbx_struct_oper_list.matrix[3][1]         0.0000000000 
_pdbx_struct_oper_list.matrix[3][2]         0.0000000000 
_pdbx_struct_oper_list.matrix[3][3]         1.0000000000 
_pdbx_struct_oper_list.vector[3]            0.0000000000 
# 
loop_
_struct_conn.id 
_struct_conn.conn_type_id 
_struct_conn.pdbx_leaving_atom_flag 
_struct_conn.pdbx_PDB_id 
_struct_conn.ptnr1_label_asym_id 
_struct_conn.ptnr1_label_comp_id 
_struct_conn.ptnr1_label_seq_id 
_struct_conn.ptnr1_label_atom_id 
_struct_conn.pdbx_ptnr1_label_alt_id 
_struct_conn.pdbx_ptnr1_PDB_ins_code 
_struct_conn.pdbx_ptnr1_standard_comp_id 
_struct_conn.ptnr1_symmetry 
_struct_conn.ptnr2_label_asym_id 
_struct_conn.ptnr2_label_comp_id 
_struct_conn.ptnr2_label_seq_id 
_struct_conn.ptnr2_label_atom_id 
_struct_conn.pdbx_ptnr2_label_alt_id 
_struct_conn.pdbx_ptnr2_PDB_ins_code 
_struct_conn.ptnr1_auth_asym_id 
_struct_conn.ptnr1_auth_comp_id 
_struct_conn.ptnr1_auth_seq_id 
_struct_conn.ptnr2_auth_asym_id 
_struct_conn.ptnr2_auth_comp_id 
_struct_conn.ptnr2_auth_seq_id 
_struct_conn.ptnr2_symmetry 
_struct_conn.pdbx_ptnr3_label_atom_id 
_struct_conn.pdbx_ptnr3_label_seq_id 
_struct_conn.pdbx_ptnr3_label_comp_id 
_struct_conn.pdbx_ptnr3_label_asym_id 
_struct_conn.pdbx_ptnr3_label_alt_id 
_struct_conn.pdbx_ptnr3_PDB_ins_code 
_struct_conn.details 
_struct_conn.pdbx_dist_value 
_struct_conn.pdbx_value_order 
_struct_conn.pdbx_role 
hydrog1  hydrog ? ? A G 1  N1 ? ? ? 1_555 A C 81 N3 ? ? A G 1  A C 72 1_555 ? ? ? ? ? ? WATSON-CRICK            ? ? ? 
hydrog2  hydrog ? ? A G 1  N2 ? ? ? 1_555 A C 81 O2 ? ? A G 1  A C 72 1_555 ? ? ? ? ? ? WATSON-CRICK            ? ? ? 
hydrog3  hydrog ? ? A G 1  O6 ? ? ? 1_555 A C 81 N4 ? ? A G 1  A C 72 1_555 ? ? ? ? ? ? WATSON-CRICK            ? ? ? 
hydrog4  hydrog ? ? A C 2  N3 ? ? ? 1_555 A G 80 N1 ? ? A C 2  A G 71 1_555 ? ? ? ? ? ? WATSON-CRICK            ? ? ? 
hydrog5  hydrog ? ? A C 2  N4 ? ? ? 1_555 A G 80 O6 ? ? A C 2  A G 71 1_555 ? ? ? ? ? ? WATSON-CRICK            ? ? ? 
hydrog6  hydrog ? ? A C 2  O2 ? ? ? 1_555 A G 80 N2 ? ? A C 2  A G 71 1_555 ? ? ? ? ? ? WATSON-CRICK            ? ? ? 
hydrog7  hydrog ? ? A G 3  N1 ? ? ? 1_555 A C 79 N3 ? ? A G 3  A C 70 1_555 ? ? ? ? ? ? WATSON-CRICK            ? ? ? 
hydrog8  hydrog ? ? A G 3  N2 ? ? ? 1_555 A C 79 O2 ? ? A G 3  A C 70 1_555 ? ? ? ? ? ? WATSON-CRICK            ? ? ? 
hydrog9  hydrog ? ? A G 3  O6 ? ? ? 1_555 A C 79 N4 ? ? A G 3  A C 70 1_555 ? ? ? ? ? ? WATSON-CRICK            ? ? ? 
hydrog10 hydrog ? ? A G 4  N1 ? ? ? 1_555 A C 78 N3 ? ? A G 4  A C 69 1_555 ? ? ? ? ? ? WATSON-CRICK            ? ? ? 
hydrog11 hydrog ? ? A G 4  N2 ? ? ? 1_555 A C 78 O2 ? ? A G 4  A C 69 1_555 ? ? ? ? ? ? WATSON-CRICK            ? ? ? 
hydrog12 hydrog ? ? A G 4  O6 ? ? ? 1_555 A C 78 N4 ? ? A G 4  A C 69 1_555 ? ? ? ? ? ? WATSON-CRICK            ? ? ? 
hydrog13 hydrog ? ? A G 5  N1 ? ? ? 1_555 A C 77 N3 ? ? A G 5  A C 68 1_555 ? ? ? ? ? ? WATSON-CRICK            ? ? ? 
hydrog14 hydrog ? ? A G 5  N2 ? ? ? 1_555 A C 77 O2 ? ? A G 5  A C 68 1_555 ? ? ? ? ? ? WATSON-CRICK            ? ? ? 
hydrog15 hydrog ? ? A G 5  O6 ? ? ? 1_555 A C 77 N4 ? ? A G 5  A C 68 1_555 ? ? ? ? ? ? WATSON-CRICK            ? ? ? 
hydrog16 hydrog ? ? A A 6  N1 ? ? ? 1_555 A U 76 N3 ? ? A A 6  A U 67 1_555 ? ? ? ? ? ? WATSON-CRICK            ? ? ? 
hydrog17 hydrog ? ? A A 6  N6 ? ? ? 1_555 A U 76 O4 ? ? A A 6  A U 67 1_555 ? ? ? ? ? ? WATSON-CRICK            ? ? ? 
hydrog18 hydrog ? ? A G 7  N1 ? ? ? 1_555 A C 75 N3 ? ? A G 7  A C 66 1_555 ? ? ? ? ? ? WATSON-CRICK            ? ? ? 
hydrog19 hydrog ? ? A G 7  N2 ? ? ? 1_555 A C 75 O2 ? ? A G 7  A C 66 1_555 ? ? ? ? ? ? WATSON-CRICK            ? ? ? 
hydrog20 hydrog ? ? A G 7  O6 ? ? ? 1_555 A C 75 N4 ? ? A G 7  A C 66 1_555 ? ? ? ? ? ? WATSON-CRICK            ? ? ? 
hydrog21 hydrog ? ? A U 8  O2 ? ? ? 1_555 A A 15 N6 ? ? A U 8  A A 15 1_555 ? ? ? ? ? ? 'U-A PAIR'              ? ? ? 
hydrog22 hydrog ? ? A G 9  N1 ? ? ? 1_555 A G 12 O6 ? ? A G 9  A G 12 1_555 ? ? ? ? ? ? TYPE_6_PAIR             ? ? ? 
hydrog23 hydrog ? ? A G 9  N2 ? ? ? 1_555 A G 12 N7 ? ? A G 9  A G 12 1_555 ? ? ? ? ? ? TYPE_6_PAIR             ? ? ? 
hydrog24 hydrog ? ? A G 9  O6 ? ? ? 1_555 A C 24 N4 ? ? A G 9  A C 23 1_555 ? ? ? ? ? ? 'G-C PAIR'              ? ? ? 
hydrog25 hydrog ? ? A G 10 N1 ? ? ? 1_555 A C 26 N3 ? ? A G 10 A C 25 1_555 ? ? ? ? ? ? WATSON-CRICK            ? ? ? 
hydrog26 hydrog ? ? A G 10 N2 ? ? ? 1_555 A C 26 O2 ? ? A G 10 A C 25 1_555 ? ? ? ? ? ? WATSON-CRICK            ? ? ? 
hydrog27 hydrog ? ? A G 10 O6 ? ? ? 1_555 A C 26 N4 ? ? A G 10 A C 25 1_555 ? ? ? ? ? ? WATSON-CRICK            ? ? ? 
hydrog28 hydrog ? ? A C 11 N3 ? ? ? 1_555 A G 25 N1 ? ? A C 11 A G 24 1_555 ? ? ? ? ? ? WATSON-CRICK            ? ? ? 
hydrog29 hydrog ? ? A C 11 N4 ? ? ? 1_555 A G 25 O6 ? ? A C 11 A G 24 1_555 ? ? ? ? ? ? WATSON-CRICK            ? ? ? 
hydrog30 hydrog ? ? A C 11 O2 ? ? ? 1_555 A G 25 N2 ? ? A C 11 A G 24 1_555 ? ? ? ? ? ? WATSON-CRICK            ? ? ? 
hydrog31 hydrog ? ? A G 12 N1 ? ? ? 1_555 A C 24 N3 ? ? A G 12 A C 23 1_555 ? ? ? ? ? ? WATSON-CRICK            ? ? ? 
hydrog32 hydrog ? ? A G 12 N2 ? ? ? 1_555 A C 24 O2 ? ? A G 12 A C 23 1_555 ? ? ? ? ? ? WATSON-CRICK            ? ? ? 
hydrog33 hydrog ? ? A G 12 O6 ? ? ? 1_555 A C 24 N4 ? ? A G 12 A C 23 1_555 ? ? ? ? ? ? WATSON-CRICK            ? ? ? 
hydrog34 hydrog ? ? A A 13 N6 ? ? ? 1_555 A G 22 N3 ? ? A A 13 A G 21 1_555 ? ? ? ? ? ? 'A-G MISPAIR'           ? ? ? 
hydrog35 hydrog ? ? A A 13 N3 ? ? ? 1_555 A A 23 N6 ? ? A A 13 A A 22 1_555 ? ? ? ? ? ? 'A-A MISPAIR'           ? ? ? 
hydrog36 hydrog ? ? A A 15 N1 ? ? ? 1_555 A U 57 N3 ? ? A A 15 A U 48 1_555 ? ? ? ? ? ? 'REVERSED WATSON-CRICK' ? ? ? 
hydrog37 hydrog ? ? A A 15 N6 ? ? ? 1_555 A U 57 O2 ? ? A A 15 A U 48 1_555 ? ? ? ? ? ? 'REVERSED WATSON-CRICK' ? ? ? 
hydrog38 hydrog ? ? A G 18 N1 ? ? ? 1_555 A U 64 O2 ? ? A G 18 A U 55 1_555 ? ? ? ? ? ? 'G-U MISPAIR'           ? ? ? 
hydrog39 hydrog ? ? A G 19 N1 ? ? ? 1_555 A C 65 N3 ? ? A G 19 A C 56 1_555 ? ? ? ? ? ? WATSON-CRICK            ? ? ? 
hydrog40 hydrog ? ? A G 19 N2 ? ? ? 1_555 A C 65 O2 ? ? A G 19 A C 56 1_555 ? ? ? ? ? ? WATSON-CRICK            ? ? ? 
hydrog41 hydrog ? ? A G 19 O6 ? ? ? 1_555 A C 65 N4 ? ? A G 19 A C 56 1_555 ? ? ? ? ? ? WATSON-CRICK            ? ? ? 
hydrog42 hydrog ? ? A G 22 O6 ? ? ? 1_555 A G 56 N2 ? h A G 21 A G 47 1_555 ? ? ? ? ? ? 'G-G MISPAIR'           ? ? ? 
hydrog43 hydrog ? ? A A 27 N6 ? ? ? 1_555 A C 45 O2 ? ? A A 26 A C 44 1_555 ? ? ? ? ? ? 'A-C MISPAIR'           ? ? ? 
hydrog44 hydrog ? ? A C 28 N3 ? ? ? 1_555 A G 44 N1 ? ? A C 27 A G 43 1_555 ? ? ? ? ? ? WATSON-CRICK            ? ? ? 
hydrog45 hydrog ? ? A C 28 N4 ? ? ? 1_555 A G 44 O6 ? ? A C 27 A G 43 1_555 ? ? ? ? ? ? WATSON-CRICK            ? ? ? 
hydrog46 hydrog ? ? A C 28 O2 ? ? ? 1_555 A G 44 N2 ? ? A C 27 A G 43 1_555 ? ? ? ? ? ? WATSON-CRICK            ? ? ? 
hydrog47 hydrog ? ? A C 29 N3 ? ? ? 1_555 A G 43 N1 ? ? A C 28 A G 42 1_555 ? ? ? ? ? ? WATSON-CRICK            ? ? ? 
hydrog48 hydrog ? ? A C 29 N4 ? ? ? 1_555 A G 43 O6 ? ? A C 28 A G 42 1_555 ? ? ? ? ? ? WATSON-CRICK            ? ? ? 
hydrog49 hydrog ? ? A C 29 O2 ? ? ? 1_555 A G 43 N2 ? ? A C 28 A G 42 1_555 ? ? ? ? ? ? WATSON-CRICK            ? ? ? 
hydrog50 hydrog ? ? A A 30 N1 ? ? ? 1_555 A U 42 N3 ? ? A A 29 A U 41 1_555 ? ? ? ? ? ? WATSON-CRICK            ? ? ? 
hydrog51 hydrog ? ? A A 30 N6 ? ? ? 1_555 A U 42 O4 ? ? A A 29 A U 41 1_555 ? ? ? ? ? ? WATSON-CRICK            ? ? ? 
hydrog52 hydrog ? ? A G 31 N1 ? ? ? 1_555 A C 41 N3 ? ? A G 30 A C 40 1_555 ? ? ? ? ? ? WATSON-CRICK            ? ? ? 
hydrog53 hydrog ? ? A G 31 N2 ? ? ? 1_555 A C 41 O2 ? ? A G 30 A C 40 1_555 ? ? ? ? ? ? WATSON-CRICK            ? ? ? 
hydrog54 hydrog ? ? A G 31 O6 ? ? ? 1_555 A C 41 N4 ? ? A G 30 A C 40 1_555 ? ? ? ? ? ? WATSON-CRICK            ? ? ? 
hydrog55 hydrog ? ? A A 32 N1 ? ? ? 1_555 A U 40 N3 ? ? A A 31 A U 39 1_555 ? ? ? ? ? ? WATSON-CRICK            ? ? ? 
hydrog56 hydrog ? ? A A 32 N6 ? ? ? 1_555 A U 40 O4 ? ? A A 31 A U 39 1_555 ? ? ? ? ? ? WATSON-CRICK            ? ? ? 
hydrog57 hydrog ? ? A U 33 N3 ? ? ? 1_555 A U 39 O4 ? ? A U 32 A U 38 1_555 ? ? ? ? ? ? TYPE_16_PAIR            ? ? ? 
hydrog58 hydrog ? ? A U 33 O2 ? ? ? 1_555 A U 39 N3 ? ? A U 32 A U 38 1_555 ? ? ? ? ? ? TYPE_16_PAIR            ? ? ? 
hydrog59 hydrog ? ? A G 46 N1 ? ? ? 1_555 A U 55 O2 ? g A G 45 A U 47 1_555 ? ? ? ? ? ? TYPE_28_PAIR            ? ? ? 
hydrog60 hydrog ? ? A G 46 O6 ? ? ? 1_555 A U 55 N3 ? g A G 45 A U 47 1_555 ? ? ? ? ? ? TYPE_28_PAIR            ? ? ? 
hydrog61 hydrog ? ? A C 47 N3 ? ? ? 1_555 A G 54 N1 ? f A C 46 A G 47 1_555 ? ? ? ? ? ? WATSON-CRICK            ? ? ? 
hydrog62 hydrog ? ? A C 47 N4 ? ? ? 1_555 A G 54 O6 ? f A C 46 A G 47 1_555 ? ? ? ? ? ? WATSON-CRICK            ? ? ? 
hydrog63 hydrog ? ? A C 47 O2 ? ? ? 1_555 A G 54 N2 ? f A C 46 A G 47 1_555 ? ? ? ? ? ? WATSON-CRICK            ? ? ? 
hydrog64 hydrog ? ? A C 48 N3 ? ? ? 1_555 A G 53 N1 ? e A C 47 A G 47 1_555 ? ? ? ? ? ? WATSON-CRICK            ? ? ? 
hydrog65 hydrog ? ? A C 48 N4 ? ? ? 1_555 A G 53 O6 ? e A C 47 A G 47 1_555 ? ? ? ? ? ? WATSON-CRICK            ? ? ? 
hydrog66 hydrog ? ? A C 48 O2 ? ? ? 1_555 A G 53 N2 ? e A C 47 A G 47 1_555 ? ? ? ? ? ? WATSON-CRICK            ? ? ? 
hydrog67 hydrog ? ? A G 49 N2 ? a ? 1_555 A A 52 N7 ? d A G 47 A A 47 1_555 ? ? ? ? ? ? 'G-A MISPAIR'           ? ? ? 
hydrog68 hydrog ? ? A G 58 N1 ? ? ? 1_555 A C 74 N3 ? ? A G 49 A C 65 1_555 ? ? ? ? ? ? WATSON-CRICK            ? ? ? 
hydrog69 hydrog ? ? A G 58 N2 ? ? ? 1_555 A C 74 O2 ? ? A G 49 A C 65 1_555 ? ? ? ? ? ? WATSON-CRICK            ? ? ? 
hydrog70 hydrog ? ? A G 58 O6 ? ? ? 1_555 A C 74 N4 ? ? A G 49 A C 65 1_555 ? ? ? ? ? ? WATSON-CRICK            ? ? ? 
hydrog71 hydrog ? ? A C 59 N3 ? ? ? 1_555 A G 73 N1 ? ? A C 50 A G 64 1_555 ? ? ? ? ? ? WATSON-CRICK            ? ? ? 
hydrog72 hydrog ? ? A C 59 N4 ? ? ? 1_555 A G 73 O6 ? ? A C 50 A G 64 1_555 ? ? ? ? ? ? WATSON-CRICK            ? ? ? 
hydrog73 hydrog ? ? A C 59 O2 ? ? ? 1_555 A G 73 N2 ? ? A C 50 A G 64 1_555 ? ? ? ? ? ? WATSON-CRICK            ? ? ? 
hydrog74 hydrog ? ? A G 60 N1 ? ? ? 1_555 A C 72 N3 ? ? A G 51 A C 63 1_555 ? ? ? ? ? ? WATSON-CRICK            ? ? ? 
hydrog75 hydrog ? ? A G 60 N2 ? ? ? 1_555 A C 72 O2 ? ? A G 51 A C 63 1_555 ? ? ? ? ? ? WATSON-CRICK            ? ? ? 
hydrog76 hydrog ? ? A G 60 O6 ? ? ? 1_555 A C 72 N4 ? ? A G 51 A C 63 1_555 ? ? ? ? ? ? WATSON-CRICK            ? ? ? 
hydrog77 hydrog ? ? A A 61 N1 ? ? ? 1_555 A U 71 N3 ? ? A A 52 A U 62 1_555 ? ? ? ? ? ? WATSON-CRICK            ? ? ? 
hydrog78 hydrog ? ? A A 61 N6 ? ? ? 1_555 A U 71 O4 ? ? A A 52 A U 62 1_555 ? ? ? ? ? ? WATSON-CRICK            ? ? ? 
hydrog79 hydrog ? ? A G 62 N1 ? ? ? 1_555 A C 70 N3 ? ? A G 53 A C 61 1_555 ? ? ? ? ? ? WATSON-CRICK            ? ? ? 
hydrog80 hydrog ? ? A G 62 N2 ? ? ? 1_555 A C 70 O2 ? ? A G 53 A C 61 1_555 ? ? ? ? ? ? WATSON-CRICK            ? ? ? 
hydrog81 hydrog ? ? A G 62 O6 ? ? ? 1_555 A C 70 N4 ? ? A G 53 A C 61 1_555 ? ? ? ? ? ? WATSON-CRICK            ? ? ? 
hydrog82 hydrog ? ? A U 63 N3 ? ? ? 1_555 A A 67 N7 ? ? A U 54 A A 58 1_555 ? ? ? ? ? ? 'REVERSED HOOGSTEEN'    ? ? ? 
hydrog83 hydrog ? ? A U 63 O2 ? ? ? 1_555 A A 67 N6 ? ? A U 54 A A 58 1_555 ? ? ? ? ? ? 'REVERSED HOOGSTEEN'    ? ? ? 
# 
_struct_conn_type.id          hydrog 
_struct_conn_type.criteria    ? 
_struct_conn_type.reference   ? 
# 
_pdbx_entry_details.entry_id                   9J4N 
_pdbx_entry_details.compound_details           ? 
_pdbx_entry_details.source_details             ? 
_pdbx_entry_details.nonpolymer_details         ? 
_pdbx_entry_details.sequence_details           ? 
_pdbx_entry_details.has_ligand_of_interest     ? 
_pdbx_entry_details.has_protein_modification   N 
# 
_pdbx_validate_rmsd_bond.id                        1 
_pdbx_validate_rmsd_bond.PDB_model_num             1 
_pdbx_validate_rmsd_bond.auth_atom_id_1            P 
_pdbx_validate_rmsd_bond.auth_asym_id_1            A 
_pdbx_validate_rmsd_bond.auth_comp_id_1            G 
_pdbx_validate_rmsd_bond.auth_seq_id_1             1 
_pdbx_validate_rmsd_bond.PDB_ins_code_1            ? 
_pdbx_validate_rmsd_bond.label_alt_id_1            ? 
_pdbx_validate_rmsd_bond.auth_atom_id_2            OP3 
_pdbx_validate_rmsd_bond.auth_asym_id_2            A 
_pdbx_validate_rmsd_bond.auth_comp_id_2            G 
_pdbx_validate_rmsd_bond.auth_seq_id_2             1 
_pdbx_validate_rmsd_bond.PDB_ins_code_2            ? 
_pdbx_validate_rmsd_bond.label_alt_id_2            ? 
_pdbx_validate_rmsd_bond.bond_value                1.521 
_pdbx_validate_rmsd_bond.bond_target_value         1.607 
_pdbx_validate_rmsd_bond.bond_deviation            -0.086 
_pdbx_validate_rmsd_bond.bond_standard_deviation   0.012 
_pdbx_validate_rmsd_bond.linker_flag               N 
# 
loop_
_pdbx_validate_rmsd_angle.id 
_pdbx_validate_rmsd_angle.PDB_model_num 
_pdbx_validate_rmsd_angle.auth_atom_id_1 
_pdbx_validate_rmsd_angle.auth_asym_id_1 
_pdbx_validate_rmsd_angle.auth_comp_id_1 
_pdbx_validate_rmsd_angle.auth_seq_id_1 
_pdbx_validate_rmsd_angle.PDB_ins_code_1 
_pdbx_validate_rmsd_angle.label_alt_id_1 
_pdbx_validate_rmsd_angle.auth_atom_id_2 
_pdbx_validate_rmsd_angle.auth_asym_id_2 
_pdbx_validate_rmsd_angle.auth_comp_id_2 
_pdbx_validate_rmsd_angle.auth_seq_id_2 
_pdbx_validate_rmsd_angle.PDB_ins_code_2 
_pdbx_validate_rmsd_angle.label_alt_id_2 
_pdbx_validate_rmsd_angle.auth_atom_id_3 
_pdbx_validate_rmsd_angle.auth_asym_id_3 
_pdbx_validate_rmsd_angle.auth_comp_id_3 
_pdbx_validate_rmsd_angle.auth_seq_id_3 
_pdbx_validate_rmsd_angle.PDB_ins_code_3 
_pdbx_validate_rmsd_angle.label_alt_id_3 
_pdbx_validate_rmsd_angle.angle_value 
_pdbx_validate_rmsd_angle.angle_target_value 
_pdbx_validate_rmsd_angle.angle_deviation 
_pdbx_validate_rmsd_angle.angle_standard_deviation 
_pdbx_validate_rmsd_angle.linker_flag 
1 1 "O3'" A A 6  ? ? P A G 7  ? ? OP2   A G 7  ? ? 118.52 110.50 8.02   1.10 Y 
2 1 "O5'" A C 11 ? ? P A C 11 ? ? OP2   A C 11 ? ? 99.80  105.70 -5.90  0.90 N 
3 1 "O3'" A C 47 b ? P A A 47 c ? "O5'" A A 47 c ? 86.50  104.00 -17.50 1.90 Y 
4 1 "O5'" A C 68 ? ? P A C 68 ? ? OP2   A C 68 ? ? 100.24 105.70 -5.46  0.90 N 
# 
loop_
_pdbx_unobs_or_zero_occ_residues.id 
_pdbx_unobs_or_zero_occ_residues.PDB_model_num 
_pdbx_unobs_or_zero_occ_residues.polymer_flag 
_pdbx_unobs_or_zero_occ_residues.occupancy_flag 
_pdbx_unobs_or_zero_occ_residues.auth_asym_id 
_pdbx_unobs_or_zero_occ_residues.auth_comp_id 
_pdbx_unobs_or_zero_occ_residues.auth_seq_id 
_pdbx_unobs_or_zero_occ_residues.PDB_ins_code 
_pdbx_unobs_or_zero_occ_residues.label_asym_id 
_pdbx_unobs_or_zero_occ_residues.label_comp_id 
_pdbx_unobs_or_zero_occ_residues.label_seq_id 
1 1 Y 1 A U 16 ? A U 16 
2 1 Y 1 A U 17 ? A U 17 
3 1 Y 1 A U 34 ? A U 35 
4 1 Y 1 A A 35 ? A A 36 
# 
loop_
_chem_comp_atom.comp_id 
_chem_comp_atom.atom_id 
_chem_comp_atom.type_symbol 
_chem_comp_atom.pdbx_aromatic_flag 
_chem_comp_atom.pdbx_stereo_config 
_chem_comp_atom.pdbx_ordinal 
A OP3    O N N 1   
A P      P N N 2   
A OP1    O N N 3   
A OP2    O N N 4   
A "O5'"  O N N 5   
A "C5'"  C N N 6   
A "C4'"  C N R 7   
A "O4'"  O N N 8   
A "C3'"  C N S 9   
A "O3'"  O N N 10  
A "C2'"  C N R 11  
A "O2'"  O N N 12  
A "C1'"  C N R 13  
A N9     N Y N 14  
A C8     C Y N 15  
A N7     N Y N 16  
A C5     C Y N 17  
A C6     C Y N 18  
A N6     N N N 19  
A N1     N Y N 20  
A C2     C Y N 21  
A N3     N Y N 22  
A C4     C Y N 23  
A HOP3   H N N 24  
A HOP2   H N N 25  
A "H5'"  H N N 26  
A "H5''" H N N 27  
A "H4'"  H N N 28  
A "H3'"  H N N 29  
A "HO3'" H N N 30  
A "H2'"  H N N 31  
A "HO2'" H N N 32  
A "H1'"  H N N 33  
A H8     H N N 34  
A H61    H N N 35  
A H62    H N N 36  
A H2     H N N 37  
C OP3    O N N 38  
C P      P N N 39  
C OP1    O N N 40  
C OP2    O N N 41  
C "O5'"  O N N 42  
C "C5'"  C N N 43  
C "C4'"  C N R 44  
C "O4'"  O N N 45  
C "C3'"  C N S 46  
C "O3'"  O N N 47  
C "C2'"  C N R 48  
C "O2'"  O N N 49  
C "C1'"  C N R 50  
C N1     N N N 51  
C C2     C N N 52  
C O2     O N N 53  
C N3     N N N 54  
C C4     C N N 55  
C N4     N N N 56  
C C5     C N N 57  
C C6     C N N 58  
C HOP3   H N N 59  
C HOP2   H N N 60  
C "H5'"  H N N 61  
C "H5''" H N N 62  
C "H4'"  H N N 63  
C "H3'"  H N N 64  
C "HO3'" H N N 65  
C "H2'"  H N N 66  
C "HO2'" H N N 67  
C "H1'"  H N N 68  
C H41    H N N 69  
C H42    H N N 70  
C H5     H N N 71  
C H6     H N N 72  
G OP3    O N N 73  
G P      P N N 74  
G OP1    O N N 75  
G OP2    O N N 76  
G "O5'"  O N N 77  
G "C5'"  C N N 78  
G "C4'"  C N R 79  
G "O4'"  O N N 80  
G "C3'"  C N S 81  
G "O3'"  O N N 82  
G "C2'"  C N R 83  
G "O2'"  O N N 84  
G "C1'"  C N R 85  
G N9     N Y N 86  
G C8     C Y N 87  
G N7     N Y N 88  
G C5     C Y N 89  
G C6     C N N 90  
G O6     O N N 91  
G N1     N N N 92  
G C2     C N N 93  
G N2     N N N 94  
G N3     N N N 95  
G C4     C Y N 96  
G HOP3   H N N 97  
G HOP2   H N N 98  
G "H5'"  H N N 99  
G "H5''" H N N 100 
G "H4'"  H N N 101 
G "H3'"  H N N 102 
G "HO3'" H N N 103 
G "H2'"  H N N 104 
G "HO2'" H N N 105 
G "H1'"  H N N 106 
G H8     H N N 107 
G H1     H N N 108 
G H21    H N N 109 
G H22    H N N 110 
U OP3    O N N 111 
U P      P N N 112 
U OP1    O N N 113 
U OP2    O N N 114 
U "O5'"  O N N 115 
U "C5'"  C N N 116 
U "C4'"  C N R 117 
U "O4'"  O N N 118 
U "C3'"  C N S 119 
U "O3'"  O N N 120 
U "C2'"  C N R 121 
U "O2'"  O N N 122 
U "C1'"  C N R 123 
U N1     N N N 124 
U C2     C N N 125 
U O2     O N N 126 
U N3     N N N 127 
U C4     C N N 128 
U O4     O N N 129 
U C5     C N N 130 
U C6     C N N 131 
U HOP3   H N N 132 
U HOP2   H N N 133 
U "H5'"  H N N 134 
U "H5''" H N N 135 
U "H4'"  H N N 136 
U "H3'"  H N N 137 
U "HO3'" H N N 138 
U "H2'"  H N N 139 
U "HO2'" H N N 140 
U "H1'"  H N N 141 
U H3     H N N 142 
U H5     H N N 143 
U H6     H N N 144 
# 
loop_
_chem_comp_bond.comp_id 
_chem_comp_bond.atom_id_1 
_chem_comp_bond.atom_id_2 
_chem_comp_bond.value_order 
_chem_comp_bond.pdbx_aromatic_flag 
_chem_comp_bond.pdbx_stereo_config 
_chem_comp_bond.pdbx_ordinal 
A OP3   P      sing N N 1   
A OP3   HOP3   sing N N 2   
A P     OP1    doub N N 3   
A P     OP2    sing N N 4   
A P     "O5'"  sing N N 5   
A OP2   HOP2   sing N N 6   
A "O5'" "C5'"  sing N N 7   
A "C5'" "C4'"  sing N N 8   
A "C5'" "H5'"  sing N N 9   
A "C5'" "H5''" sing N N 10  
A "C4'" "O4'"  sing N N 11  
A "C4'" "C3'"  sing N N 12  
A "C4'" "H4'"  sing N N 13  
A "O4'" "C1'"  sing N N 14  
A "C3'" "O3'"  sing N N 15  
A "C3'" "C2'"  sing N N 16  
A "C3'" "H3'"  sing N N 17  
A "O3'" "HO3'" sing N N 18  
A "C2'" "O2'"  sing N N 19  
A "C2'" "C1'"  sing N N 20  
A "C2'" "H2'"  sing N N 21  
A "O2'" "HO2'" sing N N 22  
A "C1'" N9     sing N N 23  
A "C1'" "H1'"  sing N N 24  
A N9    C8     sing Y N 25  
A N9    C4     sing Y N 26  
A C8    N7     doub Y N 27  
A C8    H8     sing N N 28  
A N7    C5     sing Y N 29  
A C5    C6     sing Y N 30  
A C5    C4     doub Y N 31  
A C6    N6     sing N N 32  
A C6    N1     doub Y N 33  
A N6    H61    sing N N 34  
A N6    H62    sing N N 35  
A N1    C2     sing Y N 36  
A C2    N3     doub Y N 37  
A C2    H2     sing N N 38  
A N3    C4     sing Y N 39  
C OP3   P      sing N N 40  
C OP3   HOP3   sing N N 41  
C P     OP1    doub N N 42  
C P     OP2    sing N N 43  
C P     "O5'"  sing N N 44  
C OP2   HOP2   sing N N 45  
C "O5'" "C5'"  sing N N 46  
C "C5'" "C4'"  sing N N 47  
C "C5'" "H5'"  sing N N 48  
C "C5'" "H5''" sing N N 49  
C "C4'" "O4'"  sing N N 50  
C "C4'" "C3'"  sing N N 51  
C "C4'" "H4'"  sing N N 52  
C "O4'" "C1'"  sing N N 53  
C "C3'" "O3'"  sing N N 54  
C "C3'" "C2'"  sing N N 55  
C "C3'" "H3'"  sing N N 56  
C "O3'" "HO3'" sing N N 57  
C "C2'" "O2'"  sing N N 58  
C "C2'" "C1'"  sing N N 59  
C "C2'" "H2'"  sing N N 60  
C "O2'" "HO2'" sing N N 61  
C "C1'" N1     sing N N 62  
C "C1'" "H1'"  sing N N 63  
C N1    C2     sing N N 64  
C N1    C6     sing N N 65  
C C2    O2     doub N N 66  
C C2    N3     sing N N 67  
C N3    C4     doub N N 68  
C C4    N4     sing N N 69  
C C4    C5     sing N N 70  
C N4    H41    sing N N 71  
C N4    H42    sing N N 72  
C C5    C6     doub N N 73  
C C5    H5     sing N N 74  
C C6    H6     sing N N 75  
G OP3   P      sing N N 76  
G OP3   HOP3   sing N N 77  
G P     OP1    doub N N 78  
G P     OP2    sing N N 79  
G P     "O5'"  sing N N 80  
G OP2   HOP2   sing N N 81  
G "O5'" "C5'"  sing N N 82  
G "C5'" "C4'"  sing N N 83  
G "C5'" "H5'"  sing N N 84  
G "C5'" "H5''" sing N N 85  
G "C4'" "O4'"  sing N N 86  
G "C4'" "C3'"  sing N N 87  
G "C4'" "H4'"  sing N N 88  
G "O4'" "C1'"  sing N N 89  
G "C3'" "O3'"  sing N N 90  
G "C3'" "C2'"  sing N N 91  
G "C3'" "H3'"  sing N N 92  
G "O3'" "HO3'" sing N N 93  
G "C2'" "O2'"  sing N N 94  
G "C2'" "C1'"  sing N N 95  
G "C2'" "H2'"  sing N N 96  
G "O2'" "HO2'" sing N N 97  
G "C1'" N9     sing N N 98  
G "C1'" "H1'"  sing N N 99  
G N9    C8     sing Y N 100 
G N9    C4     sing Y N 101 
G C8    N7     doub Y N 102 
G C8    H8     sing N N 103 
G N7    C5     sing Y N 104 
G C5    C6     sing N N 105 
G C5    C4     doub Y N 106 
G C6    O6     doub N N 107 
G C6    N1     sing N N 108 
G N1    C2     sing N N 109 
G N1    H1     sing N N 110 
G C2    N2     sing N N 111 
G C2    N3     doub N N 112 
G N2    H21    sing N N 113 
G N2    H22    sing N N 114 
G N3    C4     sing N N 115 
U OP3   P      sing N N 116 
U OP3   HOP3   sing N N 117 
U P     OP1    doub N N 118 
U P     OP2    sing N N 119 
U P     "O5'"  sing N N 120 
U OP2   HOP2   sing N N 121 
U "O5'" "C5'"  sing N N 122 
U "C5'" "C4'"  sing N N 123 
U "C5'" "H5'"  sing N N 124 
U "C5'" "H5''" sing N N 125 
U "C4'" "O4'"  sing N N 126 
U "C4'" "C3'"  sing N N 127 
U "C4'" "H4'"  sing N N 128 
U "O4'" "C1'"  sing N N 129 
U "C3'" "O3'"  sing N N 130 
U "C3'" "C2'"  sing N N 131 
U "C3'" "H3'"  sing N N 132 
U "O3'" "HO3'" sing N N 133 
U "C2'" "O2'"  sing N N 134 
U "C2'" "C1'"  sing N N 135 
U "C2'" "H2'"  sing N N 136 
U "O2'" "HO2'" sing N N 137 
U "C1'" N1     sing N N 138 
U "C1'" "H1'"  sing N N 139 
U N1    C2     sing N N 140 
U N1    C6     sing N N 141 
U C2    O2     doub N N 142 
U C2    N3     sing N N 143 
U N3    C4     sing N N 144 
U N3    H3     sing N N 145 
U C4    O4     doub N N 146 
U C4    C5     sing N N 147 
U C5    C6     doub N N 148 
U C5    H5     sing N N 149 
U C6    H6     sing N N 150 
# 
loop_
_ndb_struct_conf_na.entry_id 
_ndb_struct_conf_na.feature 
9J4N 'double helix'         
9J4N 'a-form double helix'  
9J4N 'parallel strands'     
9J4N 'hairpin loop'         
9J4N tetraloop              
9J4N 'mismatched base pair' 
# 
loop_
_ndb_struct_na_base_pair.model_number 
_ndb_struct_na_base_pair.i_label_asym_id 
_ndb_struct_na_base_pair.i_label_comp_id 
_ndb_struct_na_base_pair.i_label_seq_id 
_ndb_struct_na_base_pair.i_symmetry 
_ndb_struct_na_base_pair.j_label_asym_id 
_ndb_struct_na_base_pair.j_label_comp_id 
_ndb_struct_na_base_pair.j_label_seq_id 
_ndb_struct_na_base_pair.j_symmetry 
_ndb_struct_na_base_pair.shear 
_ndb_struct_na_base_pair.stretch 
_ndb_struct_na_base_pair.stagger 
_ndb_struct_na_base_pair.buckle 
_ndb_struct_na_base_pair.propeller 
_ndb_struct_na_base_pair.opening 
_ndb_struct_na_base_pair.pair_number 
_ndb_struct_na_base_pair.pair_name 
_ndb_struct_na_base_pair.i_auth_asym_id 
_ndb_struct_na_base_pair.i_auth_seq_id 
_ndb_struct_na_base_pair.i_PDB_ins_code 
_ndb_struct_na_base_pair.j_auth_asym_id 
_ndb_struct_na_base_pair.j_auth_seq_id 
_ndb_struct_na_base_pair.j_PDB_ins_code 
_ndb_struct_na_base_pair.hbond_type_28 
_ndb_struct_na_base_pair.hbond_type_12 
1 A G 1  1_555 A C 81 1_555 -0.429 -0.198 0.280  -5.160  -15.594 0.714   1  A_G1:C72_A    A 1  ? A 72 ? 19 1 
1 A C 2  1_555 A G 80 1_555 0.030  -0.126 0.341  -5.018  -4.268  1.591   2  A_C2:G71_A    A 2  ? A 71 ? 19 1 
1 A G 3  1_555 A C 79 1_555 -0.059 -0.118 -0.235 -4.352  -11.348 0.245   3  A_G3:C70_A    A 3  ? A 70 ? 19 1 
1 A G 4  1_555 A C 78 1_555 -0.031 -0.129 -0.163 -3.347  -11.533 0.988   4  A_G4:C69_A    A 4  ? A 69 ? 19 1 
1 A G 5  1_555 A C 77 1_555 -0.096 -0.076 -0.497 -9.495  -13.578 3.922   5  A_G5:C68_A    A 5  ? A 68 ? 19 1 
1 A A 6  1_555 A U 76 1_555 0.137  -0.199 0.120  -11.089 -10.122 1.863   6  A_A6:U67_A    A 6  ? A 67 ? 20 1 
1 A G 7  1_555 A C 75 1_555 -0.315 -0.043 -0.073 -4.514  2.222   -2.623  7  A_G7:C66_A    A 7  ? A 66 ? 19 1 
1 A G 58 1_555 A C 74 1_555 -0.505 -0.060 -0.346 -8.456  -4.161  1.336   8  A_G49:C65_A   A 49 ? A 65 ? 19 1 
1 A C 59 1_555 A G 73 1_555 0.238  -0.224 -0.143 -3.203  1.358   1.933   9  A_C50:G64_A   A 50 ? A 64 ? 19 1 
1 A G 60 1_555 A C 72 1_555 -0.196 -0.174 -0.003 -0.865  -4.580  3.718   10 A_G51:C63_A   A 51 ? A 63 ? 19 1 
1 A A 61 1_555 A U 71 1_555 0.167  -0.104 -0.060 -9.211  -12.324 4.267   11 A_A52:U62_A   A 52 ? A 62 ? 20 1 
1 A G 62 1_555 A C 70 1_555 -0.195 -0.135 -0.395 -14.915 -9.135  -1.721  12 A_G53:C61_A   A 53 ? A 61 ? 19 1 
1 A U 63 1_555 A A 67 1_555 4.179  -2.056 -0.052 -1.810  11.901  -95.609 13 A_U54:A58_A   A 54 ? A 58 ? 24 4 
1 A U 64 1_555 A G 18 1_555 0.617  -5.534 -0.217 23.918  9.768   -92.089 14 A_U55:G18_A   A 55 ? A 18 ? ?  6 
1 A A 23 1_555 A A 13 1_555 -5.864 -3.437 0.514  6.802   -8.515  -18.246 15 A_A22:A13_A   A 22 ? A 13 ? ?  9 
1 A C 24 1_555 A G 12 1_555 0.244  -0.231 -0.144 10.244  -10.101 4.089   16 A_C23:G12_A   A 23 ? A 12 ? 19 1 
1 A G 25 1_555 A C 11 1_555 0.269  -0.188 -0.405 1.917   -8.859  3.400   17 A_G24:C11_A   A 24 ? A 11 ? 19 1 
1 A C 26 1_555 A G 10 1_555 0.562  -0.122 0.112  -3.038  -9.957  6.195   18 A_C25:G10_A   A 25 ? A 10 ? 19 1 
1 A A 27 1_555 A C 45 1_555 -3.482 -0.674 0.207  10.391  -5.305  5.055   19 A_A26:C44_A   A 26 ? A 44 ? ?  1 
1 A C 28 1_555 A G 44 1_555 0.006  -0.116 -0.215 11.004  -11.464 4.112   20 A_C27:G43_A   A 27 ? A 43 ? 19 1 
1 A C 29 1_555 A G 43 1_555 -0.084 -0.044 -0.232 2.839   -13.525 0.975   21 A_C28:G42_A   A 28 ? A 42 ? 19 1 
1 A A 30 1_555 A U 42 1_555 -0.168 -0.100 -0.413 -2.327  -15.882 1.814   22 A_A29:U41_A   A 29 ? A 41 ? 20 1 
1 A G 31 1_555 A C 41 1_555 -0.206 -0.242 -0.440 0.010   -8.913  0.538   23 A_G30:C40_A   A 30 ? A 40 ? 19 1 
1 A A 32 1_555 A U 40 1_555 0.149  -0.236 -0.357 0.713   -10.202 5.963   24 A_A31:U39_A   A 31 ? A 39 ? 20 1 
1 A U 33 1_555 A U 39 1_555 3.188  -2.064 -0.142 0.807   -9.941  9.783   25 A_U32:U38_A   A 32 ? A 38 ? 16 1 
1 A A 15 1_555 A U 57 1_555 -0.182 0.979  -0.457 8.029   8.361   153.909 26 A_A15:U48_A   A 15 ? A 48 ? 21 2 
1 A G 19 1_555 A C 65 1_555 -1.342 -0.047 0.465  -34.652 -36.326 -0.855  27 A_G19:C56_A   A 19 ? A 56 ? 19 1 
1 A G 22 1_555 A G 56 1_555 -7.482 -2.828 -0.193 -34.219 -26.281 -20.683 28 A_G21:G47h_A  A 21 ? A 47 h ?  4 
1 A G 46 1_555 A U 55 1_555 -2.739 -0.837 -0.205 2.114   -8.679  1.021   29 A_G45:U47g_A  A 45 ? A 47 g 28 1 
1 A C 47 1_555 A G 54 1_555 0.227  -0.270 0.124  2.159   -10.507 0.898   30 A_C46:G47f_A  A 46 ? A 47 f 19 1 
1 A C 48 1_555 A G 53 1_555 0.223  -0.180 -0.049 8.295   3.834   4.425   31 A_C47:G47e_A  A 47 ? A 47 e 19 1 
1 A G 49 1_555 A A 52 1_555 7.782  -5.470 -0.443 10.971  -11.982 -34.695 32 A_G47a:A47d_A A 47 a A 47 d ?  ? 
# 
loop_
_ndb_struct_na_base_pair_step.model_number 
_ndb_struct_na_base_pair_step.i_label_asym_id_1 
_ndb_struct_na_base_pair_step.i_label_comp_id_1 
_ndb_struct_na_base_pair_step.i_label_seq_id_1 
_ndb_struct_na_base_pair_step.i_symmetry_1 
_ndb_struct_na_base_pair_step.j_label_asym_id_1 
_ndb_struct_na_base_pair_step.j_label_comp_id_1 
_ndb_struct_na_base_pair_step.j_label_seq_id_1 
_ndb_struct_na_base_pair_step.j_symmetry_1 
_ndb_struct_na_base_pair_step.i_label_asym_id_2 
_ndb_struct_na_base_pair_step.i_label_comp_id_2 
_ndb_struct_na_base_pair_step.i_label_seq_id_2 
_ndb_struct_na_base_pair_step.i_symmetry_2 
_ndb_struct_na_base_pair_step.j_label_asym_id_2 
_ndb_struct_na_base_pair_step.j_label_comp_id_2 
_ndb_struct_na_base_pair_step.j_label_seq_id_2 
_ndb_struct_na_base_pair_step.j_symmetry_2 
_ndb_struct_na_base_pair_step.shift 
_ndb_struct_na_base_pair_step.slide 
_ndb_struct_na_base_pair_step.rise 
_ndb_struct_na_base_pair_step.tilt 
_ndb_struct_na_base_pair_step.roll 
_ndb_struct_na_base_pair_step.twist 
_ndb_struct_na_base_pair_step.x_displacement 
_ndb_struct_na_base_pair_step.y_displacement 
_ndb_struct_na_base_pair_step.helical_rise 
_ndb_struct_na_base_pair_step.inclination 
_ndb_struct_na_base_pair_step.tip 
_ndb_struct_na_base_pair_step.helical_twist 
_ndb_struct_na_base_pair_step.step_number 
_ndb_struct_na_base_pair_step.step_name 
_ndb_struct_na_base_pair_step.i_auth_asym_id_1 
_ndb_struct_na_base_pair_step.i_auth_seq_id_1 
_ndb_struct_na_base_pair_step.i_PDB_ins_code_1 
_ndb_struct_na_base_pair_step.j_auth_asym_id_1 
_ndb_struct_na_base_pair_step.j_auth_seq_id_1 
_ndb_struct_na_base_pair_step.j_PDB_ins_code_1 
_ndb_struct_na_base_pair_step.i_auth_asym_id_2 
_ndb_struct_na_base_pair_step.i_auth_seq_id_2 
_ndb_struct_na_base_pair_step.i_PDB_ins_code_2 
_ndb_struct_na_base_pair_step.j_auth_asym_id_2 
_ndb_struct_na_base_pair_step.j_auth_seq_id_2 
_ndb_struct_na_base_pair_step.j_PDB_ins_code_2 
1 A G 1  1_555 A C 81 1_555 A C 2  1_555 A G 80 1_555 -0.470 -1.996 3.195 -3.031 1.579  33.065 -3.745 0.330  3.128 2.765  5.309   
33.236 1  AA_G1C2:G71C72_AA      A 1  ? A 72 ? A 2  ? A 71 ? 
1 A C 2  1_555 A G 80 1_555 A G 3  1_555 A C 79 1_555 -0.223 -1.961 3.122 3.552  7.971  30.824 -4.820 0.967  2.509 14.633 -6.521  
32.007 2  AA_C2G3:C70G71_AA      A 2  ? A 71 ? A 3  ? A 70 ? 
1 A G 3  1_555 A C 79 1_555 A G 4  1_555 A C 78 1_555 0.058  -1.774 3.315 -0.963 5.853  29.598 -4.554 -0.300 2.915 11.315 1.862   
30.174 3  AA_G3G4:C69C70_AA      A 3  ? A 70 ? A 4  ? A 69 ? 
1 A G 4  1_555 A C 78 1_555 A G 5  1_555 A C 77 1_555 0.303  -2.060 3.537 2.150  4.545  26.734 -5.560 -0.087 3.163 9.720  -4.598  
27.194 4  AA_G4G5:C68C69_AA      A 4  ? A 69 ? A 5  ? A 68 ? 
1 A G 5  1_555 A C 77 1_555 A A 6  1_555 A U 76 1_555 -0.092 -1.496 3.380 -3.351 4.582  32.616 -3.403 -0.406 3.140 8.082  5.911   
33.093 5  AA_G5A6:U67C68_AA      A 5  ? A 68 ? A 6  ? A 67 ? 
1 A A 6  1_555 A U 76 1_555 A G 7  1_555 A C 75 1_555 0.147  -1.461 3.208 5.083  9.184  28.273 -4.532 0.669  2.603 18.034 -9.980  
30.122 6  AA_A6G7:C66U67_AA      A 6  ? A 67 ? A 7  ? A 66 ? 
1 A G 7  1_555 A C 75 1_555 A G 58 1_555 A C 74 1_555 0.361  -2.403 3.336 1.925  8.254  32.264 -5.472 -0.331 2.673 14.542 -3.392  
33.330 7  AA_G7G49:C65C66_AA     A 7  ? A 66 ? A 49 ? A 65 ? 
1 A G 58 1_555 A C 74 1_555 A C 59 1_555 A G 73 1_555 -0.625 -2.039 3.141 -3.353 -0.472 36.031 -3.218 0.547  3.210 -0.761 5.405   
36.185 8  AA_G49C50:G64C65_AA    A 49 ? A 65 ? A 50 ? A 64 ? 
1 A C 59 1_555 A G 73 1_555 A G 60 1_555 A C 72 1_555 -0.006 -1.915 3.233 0.381  6.277  28.803 -5.007 0.087  2.762 12.433 -0.755  
29.467 9  AA_C50G51:C63G64_AA    A 50 ? A 64 ? A 51 ? A 63 ? 
1 A G 60 1_555 A C 72 1_555 A A 61 1_555 A U 71 1_555 0.303  -1.732 3.559 1.621  6.147  34.272 -3.869 -0.248 3.221 10.320 -2.722  
34.840 10 AA_G51A52:U62C63_AA    A 51 ? A 63 ? A 52 ? A 62 ? 
1 A A 61 1_555 A U 71 1_555 A G 62 1_555 A C 70 1_555 0.032  -1.974 3.319 4.023  6.049  31.051 -4.653 0.645  2.874 11.110 -7.389  
31.869 11 AA_A52G53:C61U62_AA    A 52 ? A 62 ? A 53 ? A 61 ? 
1 A G 62 1_555 A C 70 1_555 A U 63 1_555 A A 67 1_555 -2.160 -2.263 3.030 3.191  -1.105 84.399 -1.660 1.676  2.986 -0.822 -2.374  
84.453 12 AA_G53U54:A58C61_AA    A 53 ? A 61 ? A 54 ? A 58 ? 
1 A U 63 1_555 A A 67 1_555 A U 64 1_555 A G 18 1_555 1.800  -2.254 3.465 8.765  5.594  45.380 -3.361 -1.489 3.451 7.141  -11.188 
46.495 13 AA_U54U55:G18A58_AA    A 54 ? A 58 ? A 55 ? A 18 ? 
1 A A 23 1_555 A A 13 1_555 A C 24 1_555 A G 12 1_555 0.492  -1.386 3.329 0.666  5.410  55.918 -1.780 -0.485 3.198 5.754  -0.708  
56.162 14 AA_A22C23:G12A13_AA    A 22 ? A 13 ? A 23 ? A 12 ? 
1 A C 24 1_555 A G 12 1_555 A G 25 1_555 A C 11 1_555 0.205  -1.677 3.327 0.430  11.857 29.398 -5.096 -0.303 2.484 22.254 -0.808  
31.653 15 AA_C23G24:C11G12_AA    A 23 ? A 12 ? A 24 ? A 11 ? 
1 A G 25 1_555 A C 11 1_555 A C 26 1_555 A G 10 1_555 0.359  -2.094 3.236 -3.199 4.367  34.087 -4.171 -1.073 2.909 7.392  5.415   
34.502 16 AA_G24C25:G10C11_AA    A 24 ? A 11 ? A 25 ? A 10 ? 
1 A C 26 1_555 A G 10 1_555 A A 27 1_555 A C 45 1_555 3.866  -0.601 3.039 -7.162 -2.467 45.185 -0.590 -5.497 2.459 -3.184 9.244   
45.782 17 AA_C25A26:C44G10_AA    A 25 ? A 10 ? A 26 ? A 44 ? 
1 A A 27 1_555 A C 45 1_555 A C 28 1_555 A G 44 1_555 -0.224 -1.220 3.394 -2.193 3.372  45.756 -1.863 0.092  3.308 4.327  2.814   
45.923 18 AA_A26C27:G43C44_AA    A 26 ? A 44 ? A 27 ? A 43 ? 
1 A C 28 1_555 A G 44 1_555 A C 29 1_555 A G 43 1_555 -0.384 -1.917 3.319 -0.805 9.923  29.780 -5.274 0.570  2.572 18.664 1.514   
31.364 19 AA_C27C28:G42G43_AA    A 27 ? A 43 ? A 28 ? A 42 ? 
1 A C 29 1_555 A G 43 1_555 A A 30 1_555 A U 42 1_555 -0.089 -1.573 3.418 0.873  14.523 31.022 -4.843 0.282  2.456 25.470 -1.530  
34.188 20 AA_C28A29:U41G42_AA    A 28 ? A 42 ? A 29 ? A 41 ? 
1 A A 30 1_555 A U 42 1_555 A G 31 1_555 A C 41 1_555 0.116  -1.235 3.339 -1.273 11.724 30.176 -4.193 -0.423 2.678 21.514 2.337   
32.348 21 AA_A29G30:C40U41_AA    A 29 ? A 41 ? A 30 ? A 40 ? 
1 A G 31 1_555 A C 41 1_555 A A 32 1_555 A U 40 1_555 0.539  -1.513 3.310 -1.557 8.365  32.181 -3.974 -1.190 2.811 14.770 2.750   
33.258 22 AA_G30A31:U39C40_AA    A 30 ? A 40 ? A 31 ? A 39 ? 
1 A A 32 1_555 A U 40 1_555 A U 33 1_555 A U 39 1_555 0.082  -0.958 3.336 -1.536 7.144  45.079 -1.859 -0.240 3.153 9.247  1.988   
45.637 23 AA_A31U32:U38U39_AA    A 31 ? A 39 ? A 32 ? A 38 ? 
1 A G 22 1_555 A G 56 1_555 A G 46 1_555 A U 55 1_555 3.082  -2.702 3.003 12.467 11.864 39.549 -4.799 -3.036 2.914 16.612 -17.457 
42.994 24 AA_G21G45:U47gG47h_AA  A 21 ? A 47 h A 45 ? A 47 g 
1 A G 46 1_555 A U 55 1_555 A C 47 1_555 A G 54 1_555 -0.528 -1.234 3.218 -5.363 2.672  43.955 -1.878 0.210  3.182 3.550  7.125   
44.342 25 AA_G45C46:G47fU47g_AA  A 45 ? A 47 g A 46 ? A 47 f 
1 A C 47 1_555 A G 54 1_555 A C 48 1_555 A G 53 1_555 0.087  -1.979 3.118 -1.576 4.871  29.011 -4.833 -0.476 2.748 9.628  3.116   
29.449 26 AA_C46C47:G47eG47f_AA  A 46 ? A 47 f A 47 ? A 47 e 
1 A C 48 1_555 A G 53 1_555 A G 49 1_555 A A 52 1_555 -4.654 -1.233 3.790 3.073  5.871  49.906 -1.912 5.715  3.360 6.922  -3.624  
50.316 27 AA_C47G47a:A47dG47e_AA A 47 ? A 47 e A 47 a A 47 d 
# 
_pdbx_audit_support.funding_organization   'National Research Foundation (NRF, Korea)' 
_pdbx_audit_support.country                'Korea, Republic Of' 
_pdbx_audit_support.grant_number           ? 
_pdbx_audit_support.ordinal                1 
# 
_pdbx_initial_refinement_model.id               1 
_pdbx_initial_refinement_model.entity_id_list   ? 
_pdbx_initial_refinement_model.type             'in silico model' 
_pdbx_initial_refinement_model.source_name      Other 
_pdbx_initial_refinement_model.accession_code   ? 
_pdbx_initial_refinement_model.details          AlphaFold3 
# 
_atom_sites.entry_id                    9J4N 
_atom_sites.Cartn_transf_matrix[1][1]   ? 
_atom_sites.Cartn_transf_matrix[1][2]   ? 
_atom_sites.Cartn_transf_matrix[1][3]   ? 
_atom_sites.Cartn_transf_matrix[2][1]   ? 
_atom_sites.Cartn_transf_matrix[2][2]   ? 
_atom_sites.Cartn_transf_matrix[2][3]   ? 
_atom_sites.Cartn_transf_matrix[3][1]   ? 
_atom_sites.Cartn_transf_matrix[3][2]   ? 
_atom_sites.Cartn_transf_matrix[3][3]   ? 
_atom_sites.Cartn_transf_vector[1]      ? 
_atom_sites.Cartn_transf_vector[2]      ? 
_atom_sites.Cartn_transf_vector[3]      ? 
_atom_sites.Cartn_transform_axes        ? 
_atom_sites.fract_transf_matrix[1][1]   0.01355824 
_atom_sites.fract_transf_matrix[1][2]   -0.00472975 
_atom_sites.fract_transf_matrix[1][3]   0.00770476 
_atom_sites.fract_transf_matrix[2][1]   -0.00329105 
_atom_sites.fract_transf_matrix[2][2]   0.00290881 
_atom_sites.fract_transf_matrix[2][3]   0.00757697 
_atom_sites.fract_transf_matrix[3][1]   -0.00758351 
_atom_sites.fract_transf_matrix[3][2]   -0.01667586 
_atom_sites.fract_transf_matrix[3][3]   0.00310800 
_atom_sites.fract_transf_vector[1]      -0.232029 
_atom_sites.fract_transf_vector[2]      0.047521 
_atom_sites.fract_transf_vector[3]      -0.081910 
_atom_sites.solution_primary            ? 
_atom_sites.solution_secondary          ? 
_atom_sites.solution_hydrogens          ? 
_atom_sites.special_details             ? 
# 
loop_
_atom_type.symbol 
C 
N 
O 
P 
# 
loop_
_atom_site.group_PDB 
_atom_site.id 
_atom_site.type_symbol 
_atom_site.label_atom_id 
_atom_site.label_alt_id 
_atom_site.label_comp_id 
_atom_site.label_asym_id 
_atom_site.label_entity_id 
_atom_site.label_seq_id 
_atom_site.pdbx_PDB_ins_code 
_atom_site.Cartn_x 
_atom_site.Cartn_y 
_atom_site.Cartn_z 
_atom_site.occupancy 
_atom_site.B_iso_or_equiv 
_atom_site.pdbx_formal_charge 
_atom_site.auth_seq_id 
_atom_site.auth_comp_id 
_atom_site.auth_asym_id 
_atom_site.auth_atom_id 
_atom_site.pdbx_PDB_model_num 
ATOM 1    O OP3   . G A 1 1  ? -15.377 15.966  19.378  1.00 57.26  ?  1  G A OP3   1 
ATOM 2    P P     . G A 1 1  ? -15.892 17.340  19.776  1.00 71.47  ?  1  G A P     1 
ATOM 3    O OP1   . G A 1 1  ? -17.407 17.411  19.985  1.00 74.17  ?  1  G A OP1   1 
ATOM 4    O OP2   . G A 1 1  ? -15.382 18.439  18.885  1.00 75.34  -1 1  G A OP2   1 
ATOM 5    O "O5'" . G A 1 1  ? -15.228 17.639  21.208  1.00 76.50  ?  1  G A "O5'" 1 
ATOM 6    C "C5'" . G A 1 1  ? -15.461 18.914  21.864  1.00 69.00  ?  1  G A "C5'" 1 
ATOM 7    C "C4'" . G A 1 1  ? -14.623 18.958  23.115  1.00 62.11  ?  1  G A "C4'" 1 
ATOM 8    O "O4'" . G A 1 1  ? -15.124 17.974  24.056  1.00 56.89  ?  1  G A "O4'" 1 
ATOM 9    C "C3'" . G A 1 1  ? -13.156 18.567  22.915  1.00 65.31  ?  1  G A "C3'" 1 
ATOM 10   O "O3'" . G A 1 1  ? -12.360 19.665  22.524  1.00 64.09  ?  1  G A "O3'" 1 
ATOM 11   C "C2'" . G A 1 1  ? -12.759 18.041  24.291  1.00 71.30  ?  1  G A "C2'" 1 
ATOM 12   O "O2'" . G A 1 1  ? -12.393 19.046  25.216  1.00 90.20  ?  1  G A "O2'" 1 
ATOM 13   C "C1'" . G A 1 1  ? -14.045 17.329  24.699  1.00 65.40  ?  1  G A "C1'" 1 
ATOM 14   N N9    . G A 1 1  ? -14.035 15.909  24.372  1.00 63.58  ?  1  G A N9    1 
ATOM 15   C C8    . G A 1 1  ? -14.816 15.228  23.471  1.00 65.31  ?  1  G A C8    1 
ATOM 16   N N7    . G A 1 1  ? -14.554 13.943  23.424  1.00 58.14  ?  1  G A N7    1 
ATOM 17   C C5    . G A 1 1  ? -13.527 13.775  24.341  1.00 52.26  ?  1  G A C5    1 
ATOM 18   C C6    . G A 1 1  ? -12.842 12.607  24.740  1.00 48.44  ?  1  G A C6    1 
ATOM 19   O O6    . G A 1 1  ? -13.005 11.452  24.334  1.00 48.18  ?  1  G A O6    1 
ATOM 20   N N1    . G A 1 1  ? -11.877 12.884  25.705  1.00 49.58  ?  1  G A N1    1 
ATOM 21   C C2    . G A 1 1  ? -11.617 14.123  26.230  1.00 52.74  ?  1  G A C2    1 
ATOM 22   N N2    . G A 1 1  ? -10.658 14.201  27.158  1.00 53.89  ?  1  G A N2    1 
ATOM 23   N N3    . G A 1 1  ? -12.263 15.223  25.868  1.00 55.43  ?  1  G A N3    1 
ATOM 24   C C4    . G A 1 1  ? -13.197 14.976  24.923  1.00 56.06  ?  1  G A C4    1 
ATOM 25   P P     . C A 1 2  ? -11.133 19.439  21.521  1.00 75.18  ?  2  C A P     1 
ATOM 26   O OP1   . C A 1 2  ? -10.586 20.793  21.230  1.00 81.85  ?  2  C A OP1   1 
ATOM 27   O OP2   . C A 1 2  ? -11.648 18.613  20.387  1.00 65.12  -1 2  C A OP2   1 
ATOM 28   O "O5'" . C A 1 2  ? -10.039 18.650  22.399  1.00 67.94  ?  2  C A "O5'" 1 
ATOM 29   C "C5'" . C A 1 2  ? -9.147  19.422  23.236  1.00 55.96  ?  2  C A "C5'" 1 
ATOM 30   C "C4'" . C A 1 2  ? -8.313  18.509  24.101  1.00 52.77  ?  2  C A "C4'" 1 
ATOM 31   O "O4'" . C A 1 2  ? -9.149  17.471  24.662  1.00 49.69  ?  2  C A "O4'" 1 
ATOM 32   C "C3'" . C A 1 2  ? -7.195  17.711  23.426  1.00 53.47  ?  2  C A "C3'" 1 
ATOM 33   O "O3'" . C A 1 2  ? -6.016  18.470  23.213  1.00 62.45  ?  2  C A "O3'" 1 
ATOM 34   C "C2'" . C A 1 2  ? -6.935  16.625  24.477  1.00 47.56  ?  2  C A "C2'" 1 
ATOM 35   O "O2'" . C A 1 2  ? -6.125  17.077  25.543  1.00 39.93  ?  2  C A "O2'" 1 
ATOM 36   C "C1'" . C A 1 2  ? -8.366  16.334  24.951  1.00 47.20  ?  2  C A "C1'" 1 
ATOM 37   N N1    . C A 1 2  ? -9.001  15.185  24.258  1.00 46.86  ?  2  C A N1    1 
ATOM 38   C C2    . C A 1 2  ? -8.498  13.897  24.477  1.00 49.91  ?  2  C A C2    1 
ATOM 39   O O2    . C A 1 2  ? -7.528  13.750  25.231  1.00 58.95  ?  2  C A O2    1 
ATOM 40   N N3    . C A 1 2  ? -9.077  12.846  23.859  1.00 49.60  ?  2  C A N3    1 
ATOM 41   C C4    . C A 1 2  ? -10.124 13.045  23.052  1.00 51.03  ?  2  C A C4    1 
ATOM 42   N N4    . C A 1 2  ? -10.647 11.976  22.472  1.00 53.10  ?  2  C A N4    1 
ATOM 43   C C5    . C A 1 2  ? -10.662 14.349  22.826  1.00 48.24  ?  2  C A C5    1 
ATOM 44   C C6    . C A 1 2  ? -10.074 15.385  23.443  1.00 45.61  ?  2  C A C6    1 
ATOM 45   P P     . G A 1 3  ? -5.003  18.088  22.018  1.00 70.45  ?  3  G A P     1 
ATOM 46   O OP1   . G A 1 3  ? -3.882  19.070  21.980  1.00 70.29  ?  3  G A OP1   1 
ATOM 47   O OP2   . G A 1 3  ? -5.820  17.862  20.790  1.00 62.86  -1 3  G A OP2   1 
ATOM 48   O "O5'" . G A 1 3  ? -4.346  16.680  22.393  1.00 63.36  ?  3  G A "O5'" 1 
ATOM 49   C "C5'" . G A 1 3  ? -3.291  16.670  23.377  1.00 63.60  ?  3  G A "C5'" 1 
ATOM 50   C "C4'" . G A 1 3  ? -2.892  15.247  23.659  1.00 64.11  ?  3  G A "C4'" 1 
ATOM 51   O "O4'" . G A 1 3  ? -4.063  14.499  24.059  1.00 63.50  ?  3  G A "O4'" 1 
ATOM 52   C "C3'" . G A 1 3  ? -2.383  14.443  22.464  1.00 68.72  ?  3  G A "C3'" 1 
ATOM 53   O "O3'" . G A 1 3  ? -1.050  14.748  22.090  1.00 77.02  ?  3  G A "O3'" 1 
ATOM 54   C "C2'" . G A 1 3  ? -2.540  13.020  22.996  1.00 66.41  ?  3  G A "C2'" 1 
ATOM 55   O "O2'" . G A 1 3  ? -1.502  12.671  23.883  1.00 66.77  ?  3  G A "O2'" 1 
ATOM 56   C "C1'" . G A 1 3  ? -3.876  13.141  23.723  1.00 65.53  ?  3  G A "C1'" 1 
ATOM 57   N N9    . G A 1 3  ? -4.999  12.674  22.922  1.00 63.28  ?  3  G A N9    1 
ATOM 58   C C8    . G A 1 3  ? -5.944  13.419  22.264  1.00 63.25  ?  3  G A C8    1 
ATOM 59   N N7    . G A 1 3  ? -6.830  12.679  21.636  1.00 62.81  ?  3  G A N7    1 
ATOM 60   C C5    . G A 1 3  ? -6.434  11.372  21.890  1.00 58.64  ?  3  G A C5    1 
ATOM 61   C C6    . G A 1 3  ? -7.005  10.144  21.478  1.00 55.12  ?  3  G A C6    1 
ATOM 62   O O6    . G A 1 3  ? -8.008  9.960   20.782  1.00 58.47  ?  3  G A O6    1 
ATOM 63   N N1    . G A 1 3  ? -6.285  9.056   21.961  1.00 55.94  ?  3  G A N1    1 
ATOM 64   C C2    . G A 1 3  ? -5.169  9.143   22.756  1.00 62.92  ?  3  G A C2    1 
ATOM 65   N N2    . G A 1 3  ? -4.610  7.991   23.146  1.00 72.02  ?  3  G A N2    1 
ATOM 66   N N3    . G A 1 3  ? -4.625  10.292  23.150  1.00 59.23  ?  3  G A N3    1 
ATOM 67   C C4    . G A 1 3  ? -5.305  11.359  22.676  1.00 60.47  ?  3  G A C4    1 
ATOM 68   P P     . G A 1 4  ? -0.537  14.415  20.601  1.00 78.59  ?  4  G A P     1 
ATOM 69   O OP1   . G A 1 4  ? 0.904   14.762  20.418  1.00 88.30  ?  4  G A OP1   1 
ATOM 70   O OP2   . G A 1 4  ? -1.528  14.878  19.585  1.00 66.35  -1 4  G A OP2   1 
ATOM 71   O "O5'" . G A 1 4  ? -0.539  12.820  20.582  1.00 72.10  ?  4  G A "O5'" 1 
ATOM 72   C "C5'" . G A 1 4  ? 0.569   12.129  21.198  1.00 67.61  ?  4  G A "C5'" 1 
ATOM 73   C "C4'" . G A 1 4  ? 0.317   10.655  21.051  1.00 68.08  ?  4  G A "C4'" 1 
ATOM 74   O "O4'" . G A 1 4  ? -1.048  10.376  21.434  1.00 64.79  ?  4  G A "O4'" 1 
ATOM 75   C "C3'" . G A 1 4  ? 0.355   10.115  19.622  1.00 72.54  ?  4  G A "C3'" 1 
ATOM 76   O "O3'" . G A 1 4  ? 1.669   9.964   19.103  1.00 83.42  ?  4  G A "O3'" 1 
ATOM 77   C "C2'" . G A 1 4  ? -0.393  8.793   19.804  1.00 66.33  ?  4  G A "C2'" 1 
ATOM 78   O "O2'" . G A 1 4  ? 0.397   7.761   20.354  1.00 73.82  ?  4  G A "O2'" 1 
ATOM 79   C "C1'" . G A 1 4  ? -1.495  9.218   20.765  1.00 55.16  ?  4  G A "C1'" 1 
ATOM 80   N N9    . G A 1 4  ? -2.738  9.513   20.079  1.00 44.53  ?  4  G A N9    1 
ATOM 81   C C8    . G A 1 4  ? -3.282  10.734  19.786  1.00 40.39  ?  4  G A C8    1 
ATOM 82   N N7    . G A 1 4  ? -4.420  10.641  19.144  1.00 39.26  ?  4  G A N7    1 
ATOM 83   C C5    . G A 1 4  ? -4.627  9.275   19.008  1.00 43.67  ?  4  G A C5    1 
ATOM 84   C C6    . G A 1 4  ? -5.678  8.559   18.384  1.00 47.99  ?  4  G A C6    1 
ATOM 85   O O6    . G A 1 4  ? -6.675  9.007   17.809  1.00 53.30  ?  4  G A O6    1 
ATOM 86   N N1    . G A 1 4  ? -5.490  7.178   18.464  1.00 50.81  ?  4  G A N1    1 
ATOM 87   C C2    . G A 1 4  ? -4.418  6.563   19.063  1.00 55.60  ?  4  G A C2    1 
ATOM 88   N N2    . G A 1 4  ? -4.404  5.223   19.037  1.00 60.15  ?  4  G A N2    1 
ATOM 89   N N3    . G A 1 4  ? -3.425  7.230   19.654  1.00 51.47  ?  4  G A N3    1 
ATOM 90   C C4    . G A 1 4  ? -3.595  8.573   19.578  1.00 45.28  ?  4  G A C4    1 
ATOM 91   P P     . G A 1 5  ? 1.913   10.052  17.518  1.00 89.03  ?  5  G A P     1 
ATOM 92   O OP1   . G A 1 5  ? 3.366   9.847   17.248  1.00 85.03  ?  5  G A OP1   1 
ATOM 93   O OP2   . G A 1 5  ? 1.272   11.312  17.044  1.00 83.95  -1 5  G A OP2   1 
ATOM 94   O "O5'" . G A 1 5  ? 1.100   8.791   16.947  1.00 87.65  ?  5  G A "O5'" 1 
ATOM 95   C "C5'" . G A 1 5  ? 1.769   7.505   16.969  1.00 77.98  ?  5  G A "C5'" 1 
ATOM 96   C "C4'" . G A 1 5  ? 0.785   6.376   16.785  1.00 70.79  ?  5  G A "C4'" 1 
ATOM 97   O "O4'" . G A 1 5  ? -0.501  6.697   17.362  1.00 63.19  ?  5  G A "O4'" 1 
ATOM 98   C "C3'" . G A 1 5  ? 0.380   6.035   15.355  1.00 68.43  ?  5  G A "C3'" 1 
ATOM 99   O "O3'" . G A 1 5  ? 1.441   5.451   14.627  1.00 75.08  ?  5  G A "O3'" 1 
ATOM 100  C "C2'" . G A 1 5  ? -0.786  5.090   15.644  1.00 64.22  ?  5  G A "C2'" 1 
ATOM 101  O "O2'" . G A 1 5  ? -0.363  3.806   16.052  1.00 61.64  ?  5  G A "O2'" 1 
ATOM 102  C "C1'" . G A 1 5  ? -1.477  5.882   16.752  1.00 58.56  ?  5  G A "C1'" 1 
ATOM 103  N N9    . G A 1 5  ? -2.522  6.758   16.258  1.00 55.82  ?  5  G A N9    1 
ATOM 104  C C8    . G A 1 5  ? -2.517  8.129   16.292  1.00 56.70  ?  5  G A C8    1 
ATOM 105  N N7    . G A 1 5  ? -3.603  8.655   15.766  1.00 63.54  ?  5  G A N7    1 
ATOM 106  C C5    . G A 1 5  ? -4.356  7.560   15.349  1.00 64.48  ?  5  G A C5    1 
ATOM 107  C C6    . G A 1 5  ? -5.624  7.509   14.708  1.00 59.90  ?  5  G A C6    1 
ATOM 108  O O6    . G A 1 5  ? -6.350  8.452   14.380  1.00 56.07  ?  5  G A O6    1 
ATOM 109  N N1    . G A 1 5  ? -6.029  6.196   14.457  1.00 58.89  ?  5  G A N1    1 
ATOM 110  C C2    . G A 1 5  ? -5.302  5.077   14.786  1.00 66.72  ?  5  G A C2    1 
ATOM 111  N N2    . G A 1 5  ? -5.854  3.898   14.472  1.00 70.89  ?  5  G A N2    1 
ATOM 112  N N3    . G A 1 5  ? -4.111  5.115   15.401  1.00 66.31  ?  5  G A N3    1 
ATOM 113  C C4    . G A 1 5  ? -3.698  6.386   15.646  1.00 63.87  ?  5  G A C4    1 
ATOM 114  P P     . A A 1 6  ? 1.669   5.870   13.096  1.00 78.21  ?  6  A A P     1 
ATOM 115  O OP1   . A A 1 6  ? 3.012   5.408   12.636  1.00 80.97  ?  6  A A OP1   1 
ATOM 116  O OP2   . A A 1 6  ? 1.252   7.284   12.853  1.00 74.48  -1 6  A A OP2   1 
ATOM 117  O "O5'" . A A 1 6  ? 0.574   4.885   12.494  1.00 68.03  ?  6  A A "O5'" 1 
ATOM 118  C "C5'" . A A 1 6  ? 0.673   3.489   12.845  1.00 62.28  ?  6  A A "C5'" 1 
ATOM 119  C "C4'" . A A 1 6  ? -0.542  2.807   12.287  1.00 57.09  ?  6  A A "C4'" 1 
ATOM 120  O "O4'" . A A 1 6  ? -1.723  3.357   12.919  1.00 52.30  ?  6  A A "O4'" 1 
ATOM 121  C "C3'" . A A 1 6  ? -0.793  3.068   10.802  1.00 52.54  ?  6  A A "C3'" 1 
ATOM 122  O "O3'" . A A 1 6  ? 0.037   2.250   10.001  1.00 52.30  ?  6  A A "O3'" 1 
ATOM 123  C "C2'" . A A 1 6  ? -2.273  2.710   10.718  1.00 52.31  ?  6  A A "C2'" 1 
ATOM 124  O "O2'" . A A 1 6  ? -2.484  1.320   10.841  1.00 52.08  ?  6  A A "O2'" 1 
ATOM 125  C "C1'" . A A 1 6  ? -2.772  3.407   11.975  1.00 50.59  ?  6  A A "C1'" 1 
ATOM 126  N N9    . A A 1 6  ? -3.207  4.790   11.796  1.00 49.86  ?  6  A A N9    1 
ATOM 127  C C8    . A A 1 6  ? -2.601  5.943   12.232  1.00 50.00  ?  6  A A C8    1 
ATOM 128  N N7    . A A 1 6  ? -3.290  7.030   11.977  1.00 46.76  ?  6  A A N7    1 
ATOM 129  C C5    . A A 1 6  ? -4.427  6.564   11.332  1.00 50.37  ?  6  A A C5    1 
ATOM 130  C C6    . A A 1 6  ? -5.561  7.218   10.802  1.00 50.42  ?  6  A A C6    1 
ATOM 131  N N6    . A A 1 6  ? -5.743  8.533   10.840  1.00 48.10  ?  6  A A N6    1 
ATOM 132  N N1    . A A 1 6  ? -6.524  6.455   10.236  1.00 47.39  ?  6  A A N1    1 
ATOM 133  C C2    . A A 1 6  ? -6.336  5.129   10.206  1.00 51.91  ?  6  A A C2    1 
ATOM 134  N N3    . A A 1 6  ? -5.317  4.403   10.660  1.00 49.95  ?  6  A A N3    1 
ATOM 135  C C4    . A A 1 6  ? -4.385  5.187   11.221  1.00 49.73  ?  6  A A C4    1 
ATOM 136  P P     . G A 1 7  ? 0.488   2.720   8.534   1.00 50.46  ?  7  G A P     1 
ATOM 137  O OP1   . G A 1 7  ? 1.276   1.585   7.980   1.00 47.52  ?  7  G A OP1   1 
ATOM 138  O OP2   . G A 1 7  ? 1.000   4.115   8.356   1.00 48.16  -1 7  G A OP2   1 
ATOM 139  O "O5'" . G A 1 7  ? -0.981  2.685   7.918   1.00 51.35  ?  7  G A "O5'" 1 
ATOM 140  C "C5'" . G A 1 7  ? -1.583  1.397   7.640   1.00 53.06  ?  7  G A "C5'" 1 
ATOM 141  C "C4'" . G A 1 7  ? -2.730  1.657   6.709   1.00 52.16  ?  7  G A "C4'" 1 
ATOM 142  O "O4'" . G A 1 7  ? -3.512  2.726   7.300   1.00 48.61  ?  7  G A "O4'" 1 
ATOM 143  C "C3'" . G A 1 7  ? -2.311  2.129   5.308   1.00 56.69  ?  7  G A "C3'" 1 
ATOM 144  O "O3'" . G A 1 7  ? -2.962  1.398   4.279   1.00 68.36  ?  7  G A "O3'" 1 
ATOM 145  C "C2'" . G A 1 7  ? -2.724  3.602   5.271   1.00 58.89  ?  7  G A "C2'" 1 
ATOM 146  O "O2'" . G A 1 7  ? -3.203  3.997   4.001   1.00 68.92  ?  7  G A "O2'" 1 
ATOM 147  C "C1'" . G A 1 7  ? -3.846  3.654   6.304   1.00 54.49  ?  7  G A "C1'" 1 
ATOM 148  N N9    . G A 1 7  ? -3.983  4.979   6.890   1.00 52.51  ?  7  G A N9    1 
ATOM 149  C C8    . G A 1 7  ? -3.024  5.648   7.609   1.00 53.32  ?  7  G A C8    1 
ATOM 150  N N7    . G A 1 7  ? -3.398  6.854   7.965   1.00 52.57  ?  7  G A N7    1 
ATOM 151  C C5    . G A 1 7  ? -4.666  7.000   7.414   1.00 48.11  ?  7  G A C5    1 
ATOM 152  C C6    . G A 1 7  ? -5.550  8.105   7.454   1.00 41.94  ?  7  G A C6    1 
ATOM 153  O O6    . G A 1 7  ? -5.366  9.194   8.000   1.00 40.59  ?  7  G A O6    1 
ATOM 154  N N1    . G A 1 7  ? -6.732  7.849   6.761   1.00 36.54  ?  7  G A N1    1 
ATOM 155  C C2    . G A 1 7  ? -7.021  6.667   6.128   1.00 35.21  ?  7  G A C2    1 
ATOM 156  N N2    . G A 1 7  ? -8.213  6.594   5.536   1.00 35.57  ?  7  G A N2    1 
ATOM 157  N N3    . G A 1 7  ? -6.199  5.619   6.076   1.00 37.82  ?  7  G A N3    1 
ATOM 158  C C4    . G A 1 7  ? -5.036  5.857   6.735   1.00 47.88  ?  7  G A C4    1 
ATOM 159  P P     . U A 1 8  ? -2.191  0.304   3.388   1.00 77.61  ?  8  U A P     1 
ATOM 160  O OP1   . U A 1 8  ? -3.053  -0.903  3.204   1.00 80.89  ?  8  U A OP1   1 
ATOM 161  O OP2   . U A 1 8  ? -0.830  0.125   3.964   1.00 80.59  -1 8  U A OP2   1 
ATOM 162  O "O5'" . U A 1 8  ? -2.078  0.990   1.942   1.00 74.18  ?  8  U A "O5'" 1 
ATOM 163  C "C5'" . U A 1 8  ? -1.209  2.141   1.753   1.00 64.62  ?  8  U A "C5'" 1 
ATOM 164  C "C4'" . U A 1 8  ? -0.438  2.009   0.459   1.00 57.76  ?  8  U A "C4'" 1 
ATOM 165  O "O4'" . U A 1 8  ? 0.967   2.235   0.739   1.00 60.62  ?  8  U A "O4'" 1 
ATOM 166  C "C3'" . U A 1 8  ? -0.452  0.641   -0.238  1.00 55.47  ?  8  U A "C3'" 1 
ATOM 167  O "O3'" . U A 1 8  ? -1.526  0.418   -1.135  1.00 51.03  ?  8  U A "O3'" 1 
ATOM 168  C "C2'" . U A 1 8  ? 0.846   0.698   -1.038  1.00 60.17  ?  8  U A "C2'" 1 
ATOM 169  O "O2'" . U A 1 8  ? 0.688   1.546   -2.157  1.00 62.87  ?  8  U A "O2'" 1 
ATOM 170  C "C1'" . U A 1 8  ? 1.775   1.357   -0.020  1.00 61.53  ?  8  U A "C1'" 1 
ATOM 171  N N1    . U A 1 8  ? 2.529   0.422   0.872   1.00 67.59  ?  8  U A N1    1 
ATOM 172  C C2    . U A 1 8  ? 3.808   0.806   1.241   1.00 72.79  ?  8  U A C2    1 
ATOM 173  O O2    . U A 1 8  ? 4.315   1.853   0.866   1.00 76.63  ?  8  U A O2    1 
ATOM 174  N N3    . U A 1 8  ? 4.483   -0.075  2.056   1.00 75.25  ?  8  U A N3    1 
ATOM 175  C C4    . U A 1 8  ? 4.021   -1.283  2.546   1.00 74.39  ?  8  U A C4    1 
ATOM 176  O O4    . U A 1 8  ? 4.752   -1.967  3.268   1.00 67.83  ?  8  U A O4    1 
ATOM 177  C C5    . U A 1 8  ? 2.688   -1.614  2.128   1.00 76.60  ?  8  U A C5    1 
ATOM 178  C C6    . U A 1 8  ? 2.010   -0.778  1.317   1.00 72.18  ?  8  U A C6    1 
ATOM 179  P P     . G A 1 9  ? -2.440  -0.889  -0.954  1.00 54.46  ?  9  G A P     1 
ATOM 180  O OP1   . G A 1 9  ? -3.865  -0.630  -1.302  1.00 60.50  ?  9  G A OP1   1 
ATOM 181  O OP2   . G A 1 9  ? -2.144  -1.606  0.324   1.00 61.09  -1 9  G A OP2   1 
ATOM 182  O "O5'" . G A 1 9  ? -1.921  -1.869  -2.091  1.00 45.83  ?  9  G A "O5'" 1 
ATOM 183  C "C5'" . G A 1 9  ? -2.276  -3.254  -1.955  1.00 43.14  ?  9  G A "C5'" 1 
ATOM 184  C "C4'" . G A 1 9  ? -2.382  -3.840  -3.333  1.00 45.58  ?  9  G A "C4'" 1 
ATOM 185  O "O4'" . G A 1 9  ? -1.084  -3.744  -3.979  1.00 47.85  ?  9  G A "O4'" 1 
ATOM 186  C "C3'" . G A 1 9  ? -2.767  -5.325  -3.380  1.00 47.29  ?  9  G A "C3'" 1 
ATOM 187  O "O3'" . G A 1 9  ? -3.569  -5.576  -4.523  1.00 46.98  ?  9  G A "O3'" 1 
ATOM 188  C "C2'" . G A 1 9  ? -1.394  -5.990  -3.462  1.00 48.64  ?  9  G A "C2'" 1 
ATOM 189  O "O2'" . G A 1 9  ? -1.357  -7.314  -3.940  1.00 50.30  ?  9  G A "O2'" 1 
ATOM 190  C "C1'" . G A 1 9  ? -0.716  -5.026  -4.427  1.00 48.91  ?  9  G A "C1'" 1 
ATOM 191  N N9    . G A 1 9  ? 0.727   -5.148  -4.434  1.00 48.71  ?  9  G A N9    1 
ATOM 192  C C8    . G A 1 9  ? 1.563   -4.827  -5.465  1.00 52.61  ?  9  G A C8    1 
ATOM 193  N N7    . G A 1 9  ? 2.821   -5.072  -5.197  1.00 63.76  ?  9  G A N7    1 
ATOM 194  C C5    . G A 1 9  ? 2.804   -5.598  -3.911  1.00 65.03  ?  9  G A C5    1 
ATOM 195  C C6    . G A 1 9  ? 3.872   -6.054  -3.096  1.00 70.19  ?  9  G A C6    1 
ATOM 196  O O6    . G A 1 9  ? 5.085   -6.084  -3.364  1.00 71.71  ?  9  G A O6    1 
ATOM 197  N N1    . G A 1 9  ? 3.404   -6.511  -1.859  1.00 68.55  ?  9  G A N1    1 
ATOM 198  C C2    . G A 1 9  ? 2.088   -6.523  -1.460  1.00 66.90  ?  9  G A C2    1 
ATOM 199  N N2    . G A 1 9  ? 1.825   -6.986  -0.228  1.00 67.62  ?  9  G A N2    1 
ATOM 200  N N3    . G A 1 9  ? 1.088   -6.103  -2.232  1.00 63.38  ?  9  G A N3    1 
ATOM 201  C C4    . G A 1 9  ? 1.516   -5.654  -3.435  1.00 55.87  ?  9  G A C4    1 
ATOM 202  P P     . G A 1 10 ? -5.168  -5.587  -4.406  1.00 48.74  ?  10 G A P     1 
ATOM 203  O OP1   . G A 1 10 ? -5.679  -6.004  -5.740  1.00 58.19  ?  10 G A OP1   1 
ATOM 204  O OP2   . G A 1 10 ? -5.677  -4.315  -3.819  1.00 45.93  -1 10 G A OP2   1 
ATOM 205  O "O5'" . G A 1 10 ? -5.382  -6.801  -3.386  1.00 57.52  ?  10 G A "O5'" 1 
ATOM 206  C "C5'" . G A 1 10 ? -5.947  -8.034  -3.887  1.00 65.23  ?  10 G A "C5'" 1 
ATOM 207  C "C4'" . G A 1 10 ? -5.849  -9.135  -2.857  1.00 73.76  ?  10 G A "C4'" 1 
ATOM 208  O "O4'" . G A 1 10 ? -5.361  -10.350 -3.490  1.00 72.37  ?  10 G A "O4'" 1 
ATOM 209  C "C3'" . G A 1 10 ? -4.878  -8.933  -1.688  1.00 83.20  ?  10 G A "C3'" 1 
ATOM 210  O "O3'" . G A 1 10 ? -5.379  -8.066  -0.673  1.00 78.45  ?  10 G A "O3'" 1 
ATOM 211  C "C2'" . G A 1 10 ? -4.720  -10.387 -1.240  1.00 84.95  ?  10 G A "C2'" 1 
ATOM 212  O "O2'" . G A 1 10 ? -5.889  -10.823 -0.577  1.00 92.61  ?  10 G A "O2'" 1 
ATOM 213  C "C1'" . G A 1 10 ? -4.560  -11.084 -2.590  1.00 75.29  ?  10 G A "C1'" 1 
ATOM 214  N N9    . G A 1 10 ? -3.193  -11.052 -3.092  1.00 71.52  ?  10 G A N9    1 
ATOM 215  C C8    . G A 1 10 ? -2.755  -10.328 -4.168  1.00 72.93  ?  10 G A C8    1 
ATOM 216  N N7    . G A 1 10 ? -1.470  -10.438 -4.386  1.00 73.26  ?  10 G A N7    1 
ATOM 217  C C5    . G A 1 10 ? -1.029  -11.294 -3.391  1.00 72.72  ?  10 G A C5    1 
ATOM 218  C C6    . G A 1 10 ? 0.277   -11.774 -3.129  1.00 74.18  ?  10 G A C6    1 
ATOM 219  O O6    . G A 1 10 ? 1.325   -11.529 -3.742  1.00 75.58  ?  10 G A O6    1 
ATOM 220  N N1    . G A 1 10 ? 0.296   -12.609 -2.012  1.00 79.22  ?  10 G A N1    1 
ATOM 221  C C2    . G A 1 10 ? -0.802  -12.940 -1.252  1.00 78.57  ?  10 G A C2    1 
ATOM 222  N N2    . G A 1 10 ? -0.573  -13.750 -0.209  1.00 68.08  ?  10 G A N2    1 
ATOM 223  N N3    . G A 1 10 ? -2.037  -12.489 -1.495  1.00 79.41  ?  10 G A N3    1 
ATOM 224  C C4    . G A 1 10 ? -2.078  -11.674 -2.578  1.00 74.92  ?  10 G A C4    1 
ATOM 225  P P     . C A 1 11 ? -4.384  -7.118  0.169   1.00 71.47  ?  11 C A P     1 
ATOM 226  O OP1   . C A 1 11 ? -5.200  -6.136  0.933   1.00 64.56  ?  11 C A OP1   1 
ATOM 227  O OP2   . C A 1 11 ? -3.231  -6.583  -0.612  1.00 69.49  -1 11 C A OP2   1 
ATOM 228  O "O5'" . C A 1 11 ? -3.619  -8.177  1.092   1.00 82.68  ?  11 C A "O5'" 1 
ATOM 229  C "C5'" . C A 1 11 ? -4.321  -8.945  2.110   1.00 92.78  ?  11 C A "C5'" 1 
ATOM 230  C "C4'" . C A 1 11 ? -3.330  -9.762  2.912   1.00 101.40 ?  11 C A "C4'" 1 
ATOM 231  O "O4'" . C A 1 11 ? -2.777  -10.833 2.095   1.00 100.27 ?  11 C A "O4'" 1 
ATOM 232  C "C3'" . C A 1 11 ? -2.066  -9.048  3.421   1.00 99.82  ?  11 C A "C3'" 1 
ATOM 233  O "O3'" . C A 1 11 ? -2.211  -8.185  4.538   1.00 96.48  ?  11 C A "O3'" 1 
ATOM 234  C "C2'" . C A 1 11 ? -1.169  -10.248 3.721   1.00 92.43  ?  11 C A "C2'" 1 
ATOM 235  O "O2'" . C A 1 11 ? -1.587  -10.972 4.857   1.00 92.18  ?  11 C A "O2'" 1 
ATOM 236  C "C1'" . C A 1 11 ? -1.426  -11.063 2.453   1.00 92.40  ?  11 C A "C1'" 1 
ATOM 237  N N1    . C A 1 11 ? -0.534  -10.638 1.341   1.00 96.94  ?  11 C A N1    1 
ATOM 238  C C2    . C A 1 11 ? 0.801   -11.065 1.356   1.00 104.93 ?  11 C A C2    1 
ATOM 239  O O2    . C A 1 11 ? 1.194   -11.798 2.279   1.00 114.25 ?  11 C A O2    1 
ATOM 240  N N3    . C A 1 11 ? 1.627   -10.672 0.354   1.00 96.60  ?  11 C A N3    1 
ATOM 241  C C4    . C A 1 11 ? 1.175   -9.883  -0.628  1.00 93.96  ?  11 C A C4    1 
ATOM 242  N N4    . C A 1 11 ? 2.021   -9.538  -1.588  1.00 86.19  ?  11 C A N4    1 
ATOM 243  C C5    . C A 1 11 ? -0.172  -9.432  -0.652  1.00 100.08 ?  11 C A C5    1 
ATOM 244  C C6    . C A 1 11 ? -0.982  -9.823  0.342   1.00 95.19  ?  11 C A C6    1 
ATOM 245  P P     . G A 1 12 ? -1.204  -6.944  4.718   1.00 93.23  ?  12 G A P     1 
ATOM 246  O OP1   . G A 1 12 ? -1.705  -5.998  5.755   1.00 98.52  ?  12 G A OP1   1 
ATOM 247  O OP2   . G A 1 12 ? -0.725  -6.384  3.419   1.00 97.35  -1 12 G A OP2   1 
ATOM 248  O "O5'" . G A 1 12 ? 0.093   -7.666  5.289   1.00 86.40  ?  12 G A "O5'" 1 
ATOM 249  C "C5'" . G A 1 12 ? 0.001   -8.473  6.484   1.00 89.22  ?  12 G A "C5'" 1 
ATOM 250  C "C4'" . G A 1 12 ? 1.388   -8.970  6.801   1.00 92.03  ?  12 G A "C4'" 1 
ATOM 251  O "O4'" . G A 1 12 ? 1.813   -9.857  5.732   1.00 96.06  ?  12 G A "O4'" 1 
ATOM 252  C "C3'" . G A 1 12 ? 2.475   -7.885  6.845   1.00 92.90  ?  12 G A "C3'" 1 
ATOM 253  O "O3'" . G A 1 12 ? 2.595   -7.223  8.098   1.00 92.08  ?  12 G A "O3'" 1 
ATOM 254  C "C2'" . G A 1 12 ? 3.728   -8.669  6.455   1.00 86.78  ?  12 G A "C2'" 1 
ATOM 255  O "O2'" . G A 1 12 ? 4.318   -9.375  7.521   1.00 70.94  ?  12 G A "O2'" 1 
ATOM 256  C "C1'" . G A 1 12 ? 3.162   -9.614  5.396   1.00 93.51  ?  12 G A "C1'" 1 
ATOM 257  N N9    . G A 1 12 ? 3.254   -9.061  4.048   1.00 103.08 ?  12 G A N9    1 
ATOM 258  C C8    . G A 1 12 ? 2.266   -8.494  3.281   1.00 113.50 ?  12 G A C8    1 
ATOM 259  N N7    . G A 1 12 ? 2.690   -8.064  2.113   1.00 111.60 ?  12 G A N7    1 
ATOM 260  C C5    . G A 1 12 ? 4.048   -8.356  2.120   1.00 104.90 ?  12 G A C5    1 
ATOM 261  C C6    . G A 1 12 ? 5.041   -8.128  1.137   1.00 97.78  ?  12 G A C6    1 
ATOM 262  O O6    . G A 1 12 ? 4.908   -7.610  0.025   1.00 96.27  ?  12 G A O6    1 
ATOM 263  N N1    . G A 1 12 ? 6.292   -8.585  1.545   1.00 98.74  ?  12 G A N1    1 
ATOM 264  C C2    . G A 1 12 ? 6.558   -9.175  2.758   1.00 103.74 ?  12 G A C2    1 
ATOM 265  N N2    . G A 1 12 ? 7.826   -9.542  2.984   1.00 94.02  ?  12 G A N2    1 
ATOM 266  N N3    . G A 1 12 ? 5.632   -9.393  3.690   1.00 112.18 ?  12 G A N3    1 
ATOM 267  C C4    . G A 1 12 ? 4.405   -8.958  3.306   1.00 109.52 ?  12 G A C4    1 
ATOM 268  P P     . A A 1 13 ? 2.918   -5.649  8.186   1.00 86.20  ?  13 A A P     1 
ATOM 269  O OP1   . A A 1 13 ? 2.668   -5.109  9.549   1.00 90.45  ?  13 A A OP1   1 
ATOM 270  O OP2   . A A 1 13 ? 2.401   -4.874  7.023   1.00 97.34  -1 13 A A OP2   1 
ATOM 271  O "O5'" . A A 1 13 ? 4.498   -5.707  8.013   1.00 74.07  ?  13 A A "O5'" 1 
ATOM 272  C "C5'" . A A 1 13 ? 5.120   -4.597  7.378   1.00 68.48  ?  13 A A "C5'" 1 
ATOM 273  C "C4'" . A A 1 13 ? 6.268   -5.142  6.582   1.00 80.71  ?  13 A A "C4'" 1 
ATOM 274  O "O4'" . A A 1 13 ? 5.782   -6.066  5.576   1.00 84.54  ?  13 A A "O4'" 1 
ATOM 275  C "C3'" . A A 1 13 ? 7.037   -4.086  5.797   1.00 97.77  ?  13 A A "C3'" 1 
ATOM 276  O "O3'" . A A 1 13 ? 7.960   -3.483  6.685   1.00 102.49 ?  13 A A "O3'" 1 
ATOM 277  C "C2'" . A A 1 13 ? 7.622   -4.913  4.650   1.00 101.69 ?  13 A A "C2'" 1 
ATOM 278  O "O2'" . A A 1 13 ? 8.810   -5.607  4.966   1.00 110.24 ?  13 A A "O2'" 1 
ATOM 279  C "C1'" . A A 1 13 ? 6.458   -5.855  4.355   1.00 93.05  ?  13 A A "C1'" 1 
ATOM 280  N N9    . A A 1 13 ? 5.527   -5.326  3.360   1.00 84.16  ?  13 A A N9    1 
ATOM 281  C C8    . A A 1 13 ? 4.190   -5.071  3.521   1.00 83.92  ?  13 A A C8    1 
ATOM 282  N N7    . A A 1 13 ? 3.619   -4.595  2.445   1.00 80.75  ?  13 A A N7    1 
ATOM 283  C C5    . A A 1 13 ? 4.644   -4.514  1.521   1.00 73.97  ?  13 A A C5    1 
ATOM 284  C C6    . A A 1 13 ? 4.681   -4.072  0.186   1.00 78.56  ?  13 A A C6    1 
ATOM 285  N N6    . A A 1 13 ? 3.620   -3.619  -0.473  1.00 74.46  ?  13 A A N6    1 
ATOM 286  N N1    . A A 1 13 ? 5.873   -4.127  -0.457  1.00 87.24  ?  13 A A N1    1 
ATOM 287  C C2    . A A 1 13 ? 6.939   -4.595  0.207   1.00 81.66  ?  13 A A C2    1 
ATOM 288  N N3    . A A 1 13 ? 7.018   -5.031  1.459   1.00 75.52  ?  13 A A N3    1 
ATOM 289  C C4    . A A 1 13 ? 5.825   -4.962  2.072   1.00 74.95  ?  13 A A C4    1 
ATOM 290  P P     . A A 1 14 ? 8.177   -1.896  6.649   1.00 109.03 ?  14 A A P     1 
ATOM 291  O OP1   . A A 1 14 ? 8.995   -1.517  7.836   1.00 103.21 ?  14 A A OP1   1 
ATOM 292  O OP2   . A A 1 14 ? 6.855   -1.232  6.445   1.00 110.61 -1 14 A A OP2   1 
ATOM 293  O "O5'" . A A 1 14 ? 9.098   -1.838  5.344   1.00 96.68  ?  14 A A "O5'" 1 
ATOM 294  C "C5'" . A A 1 14 ? 10.334  -2.606  5.349   1.00 93.46  ?  14 A A "C5'" 1 
ATOM 295  C "C4'" . A A 1 14 ? 11.074  -2.396  4.058   1.00 87.72  ?  14 A A "C4'" 1 
ATOM 296  O "O4'" . A A 1 14 ? 10.374  -3.080  2.995   1.00 95.97  ?  14 A A "O4'" 1 
ATOM 297  C "C3'" . A A 1 14 ? 11.123  -0.954  3.554   1.00 93.55  ?  14 A A "C3'" 1 
ATOM 298  O "O3'" . A A 1 14 ? 12.060  -0.169  4.267   1.00 96.78  ?  14 A A "O3'" 1 
ATOM 299  C "C2'" . A A 1 14 ? 11.417  -1.163  2.066   1.00 101.40 ?  14 A A "C2'" 1 
ATOM 300  O "O2'" . A A 1 14 ? 12.756  -1.437  1.714   1.00 90.54  ?  14 A A "O2'" 1 
ATOM 301  C "C1'" . A A 1 14 ? 10.486  -2.340  1.792   1.00 109.21 ?  14 A A "C1'" 1 
ATOM 302  N N9    . A A 1 14 ? 9.162   -1.915  1.345   1.00 117.96 ?  14 A A N9    1 
ATOM 303  C C8    . A A 1 14 ? 7.978   -1.948  2.047   1.00 120.02 ?  14 A A C8    1 
ATOM 304  N N7    . A A 1 14 ? 6.960   -1.472  1.371   1.00 110.37 ?  14 A A N7    1 
ATOM 305  C C5    . A A 1 14 ? 7.508   -1.088  0.154   1.00 103.22 ?  14 A A C5    1 
ATOM 306  C C6    . A A 1 14 ? 6.944   -0.508  -0.997  1.00 92.89  ?  14 A A C6    1 
ATOM 307  N N6    . A A 1 14 ? 5.653   -0.217  -1.113  1.00 85.43  ?  14 A A N6    1 
ATOM 308  N N1    . A A 1 14 ? 7.771   -0.246  -2.038  1.00 90.90  ?  14 A A N1    1 
ATOM 309  C C2    . A A 1 14 ? 9.070   -0.544  -1.914  1.00 91.22  ?  14 A A C2    1 
ATOM 310  N N3    . A A 1 14 ? 9.711   -1.087  -0.884  1.00 94.27  ?  14 A A N3    1 
ATOM 311  C C4    . A A 1 14 ? 8.865   -1.348  0.128   1.00 104.17 ?  14 A A C4    1 
ATOM 312  P P     . A A 1 15 ? 11.689  1.342   4.666   1.00 98.47  ?  15 A A P     1 
ATOM 313  O OP1   . A A 1 15 ? 12.573  1.793   5.781   1.00 108.29 ?  15 A A OP1   1 
ATOM 314  O OP2   . A A 1 15 ? 10.208  1.470   4.836   1.00 74.03  -1 15 A A OP2   1 
ATOM 315  O "O5'" . A A 1 15 ? 12.195  2.077   3.339   1.00 82.43  ?  15 A A "O5'" 1 
ATOM 316  C "C5'" . A A 1 15 ? 13.541  1.835   2.845   1.00 72.90  ?  15 A A "C5'" 1 
ATOM 317  C "C4'" . A A 1 15 ? 13.578  2.152   1.375   1.00 71.36  ?  15 A A "C4'" 1 
ATOM 318  O "O4'" . A A 1 15 ? 12.518  1.421   0.709   1.00 77.28  ?  15 A A "O4'" 1 
ATOM 319  C "C3'" . A A 1 15 ? 13.330  3.625   1.040   1.00 74.07  ?  15 A A "C3'" 1 
ATOM 320  O "O3'" . A A 1 15 ? 14.518  4.406   1.086   1.00 59.50  ?  15 A A "O3'" 1 
ATOM 321  C "C2'" . A A 1 15 ? 12.624  3.558   -0.326  1.00 94.84  ?  15 A A "C2'" 1 
ATOM 322  O "O2'" . A A 1 15 ? 13.493  3.654   -1.434  1.00 98.44  ?  15 A A "O2'" 1 
ATOM 323  C "C1'" . A A 1 15 ? 11.890  2.211   -0.282  1.00 97.16  ?  15 A A "C1'" 1 
ATOM 324  N N9    . A A 1 15 ? 10.438  2.283   -0.046  1.00 96.45  ?  15 A A N9    1 
ATOM 325  C C8    . A A 1 15 ? 9.766   1.905   1.095   1.00 97.33  ?  15 A A C8    1 
ATOM 326  N N7    . A A 1 15 ? 8.470   2.073   1.039   1.00 80.53  ?  15 A A N7    1 
ATOM 327  C C5    . A A 1 15 ? 8.257   2.591   -0.224  1.00 82.09  ?  15 A A C5    1 
ATOM 328  C C6    . A A 1 15 ? 7.076   2.979   -0.882  1.00 83.97  ?  15 A A C6    1 
ATOM 329  N N6    . A A 1 15 ? 5.867   2.900   -0.339  1.00 72.64  ?  15 A A N6    1 
ATOM 330  N N1    . A A 1 15 ? 7.197   3.453   -2.142  1.00 96.80  ?  15 A A N1    1 
ATOM 331  C C2    . A A 1 15 ? 8.428   3.515   -2.682  1.00 102.54 ?  15 A A C2    1 
ATOM 332  N N3    . A A 1 15 ? 9.611   3.175   -2.162  1.00 90.94  ?  15 A A N3    1 
ATOM 333  C C4    . A A 1 15 ? 9.457   2.715   -0.910  1.00 89.05  ?  15 A A C4    1 
ATOM 334  P P     . G A 1 18 ? 15.130  13.893  2.024   1.00 123.73 ?  18 G A P     1 
ATOM 335  O OP1   . G A 1 18 ? 15.805  15.110  1.417   1.00 120.18 ?  18 G A OP1   1 
ATOM 336  O OP2   . G A 1 18 ? 14.133  14.222  3.126   1.00 113.77 -1 18 G A OP2   1 
ATOM 337  O "O5'" . G A 1 18 ? 14.291  13.236  0.820   1.00 120.82 ?  18 G A "O5'" 1 
ATOM 338  C "C5'" . G A 1 18 ? 12.944  13.663  0.536   1.00 120.48 ?  18 G A "C5'" 1 
ATOM 339  C "C4'" . G A 1 18 ? 12.540  13.159  -0.828  1.00 127.36 ?  18 G A "C4'" 1 
ATOM 340  O "O4'" . G A 1 18 ? 11.722  14.184  -1.445  1.00 139.37 ?  18 G A "O4'" 1 
ATOM 341  C "C3'" . G A 1 18 ? 13.641  12.830  -1.849  1.00 133.14 ?  18 G A "C3'" 1 
ATOM 342  O "O3'" . G A 1 18 ? 13.284  11.673  -2.612  1.00 144.13 ?  18 G A "O3'" 1 
ATOM 343  C "C2'" . G A 1 18 ? 13.714  14.105  -2.703  1.00 140.21 ?  18 G A "C2'" 1 
ATOM 344  O "O2'" . G A 1 18 ? 14.133  13.879  -4.035  1.00 130.22 ?  18 G A "O2'" 1 
ATOM 345  C "C1'" . G A 1 18 ? 12.265  14.584  -2.680  1.00 144.83 ?  18 G A "C1'" 1 
ATOM 346  N N9    . G A 1 18 ? 12.076  16.023  -2.795  1.00 147.01 ?  18 G A N9    1 
ATOM 347  C C8    . G A 1 18 ? 12.694  17.004  -2.064  1.00 136.45 ?  18 G A C8    1 
ATOM 348  N N7    . G A 1 18 ? 12.294  18.210  -2.379  1.00 147.87 ?  18 G A N7    1 
ATOM 349  C C5    . G A 1 18 ? 11.334  18.013  -3.364  1.00 171.30 ?  18 G A C5    1 
ATOM 350  C C6    . G A 1 18 ? 10.553  18.955  -4.087  1.00 196.83 ?  18 G A C6    1 
ATOM 351  O O6    . G A 1 18 ? 10.554  20.191  -3.991  1.00 206.13 ?  18 G A O6    1 
ATOM 352  N N1    . G A 1 18 ? 9.702   18.324  -4.999  1.00 216.80 ?  18 G A N1    1 
ATOM 353  C C2    . G A 1 18 ? 9.615   16.964  -5.190  1.00 223.62 ?  18 G A C2    1 
ATOM 354  N N2    . G A 1 18 ? 8.735   16.539  -6.110  1.00 239.54 ?  18 G A N2    1 
ATOM 355  N N3    . G A 1 18 ? 10.352  16.078  -4.517  1.00 201.53 ?  18 G A N3    1 
ATOM 356  C C4    . G A 1 18 ? 11.188  16.669  -3.626  1.00 169.52 ?  18 G A C4    1 
ATOM 357  P P     . G A 1 19 ? 13.915  10.215  -2.336  1.00 147.04 ?  19 G A P     1 
ATOM 358  O OP1   . G A 1 19 ? 12.920  9.265   -1.770  1.00 133.01 ?  19 G A OP1   1 
ATOM 359  O OP2   . G A 1 19 ? 15.238  10.300  -1.662  1.00 161.64 -1 19 G A OP2   1 
ATOM 360  O "O5'" . G A 1 19 ? 14.226  9.763   -3.838  1.00 136.55 ?  19 G A "O5'" 1 
ATOM 361  C "C5'" . G A 1 19 ? 15.068  10.618  -4.647  1.00 129.52 ?  19 G A "C5'" 1 
ATOM 362  C "C4'" . G A 1 19 ? 14.542  10.629  -6.060  1.00 135.30 ?  19 G A "C4'" 1 
ATOM 363  O "O4'" . G A 1 19 ? 14.565  11.976  -6.594  1.00 136.63 ?  19 G A "O4'" 1 
ATOM 364  C "C3'" . G A 1 19 ? 15.323  9.776   -7.069  1.00 154.21 ?  19 G A "C3'" 1 
ATOM 365  O "O3'" . G A 1 19 ? 14.395  9.118   -7.925  1.00 151.23 ?  19 G A "O3'" 1 
ATOM 366  C "C2'" . G A 1 19 ? 16.246  10.808  -7.731  1.00 151.69 ?  19 G A "C2'" 1 
ATOM 367  O "O2'" . G A 1 19 ? 16.718  10.422  -9.004  1.00 143.78 ?  19 G A "O2'" 1 
ATOM 368  C "C1'" . G A 1 19 ? 15.330  12.027  -7.778  1.00 142.05 ?  19 G A "C1'" 1 
ATOM 369  N N9    . G A 1 19 ? 16.008  13.317  -7.786  1.00 134.05 ?  19 G A N9    1 
ATOM 370  C C8    . G A 1 19 ? 16.972  13.742  -6.910  1.00 136.89 ?  19 G A C8    1 
ATOM 371  N N7    . G A 1 19 ? 17.370  14.972  -7.132  1.00 136.61 ?  19 G A N7    1 
ATOM 372  C C5    . G A 1 19 ? 16.598  15.392  -8.206  1.00 135.18 ?  19 G A C5    1 
ATOM 373  C C6    . G A 1 19 ? 16.582  16.639  -8.886  1.00 141.00 ?  19 G A C6    1 
ATOM 374  O O6    . G A 1 19 ? 17.263  17.647  -8.665  1.00 141.78 ?  19 G A O6    1 
ATOM 375  N N1    . G A 1 19 ? 15.653  16.643  -9.926  1.00 146.70 ?  19 G A N1    1 
ATOM 376  C C2    . G A 1 19 ? 14.839  15.588  -10.263 1.00 148.57 ?  19 G A C2    1 
ATOM 377  N N2    . G A 1 19 ? 14.002  15.787  -11.290 1.00 145.28 ?  19 G A N2    1 
ATOM 378  N N3    . G A 1 19 ? 14.848  14.414  -9.623  1.00 143.40 ?  19 G A N3    1 
ATOM 379  C C4    . G A 1 19 ? 15.752  14.385  -8.614  1.00 135.88 ?  19 G A C4    1 
ATOM 380  P P     . U A 1 20 ? 14.113  7.536   -7.803  1.00 131.58 ?  20 U A P     1 
ATOM 381  O OP1   . U A 1 20 ? 12.687  7.216   -7.511  1.00 109.68 -1 20 U A OP1   1 
ATOM 382  O OP2   . U A 1 20 ? 15.142  6.883   -6.944  1.00 135.21 ?  20 U A OP2   1 
ATOM 383  O "O5'" . U A 1 20 ? 14.458  7.227   -9.333  1.00 123.72 ?  20 U A "O5'" 1 
ATOM 384  C "C5'" . U A 1 20 ? 13.449  7.434   -10.358 1.00 114.82 ?  20 U A "C5'" 1 
ATOM 385  C "C4'" . U A 1 20 ? 13.108  6.101   -10.985 1.00 117.89 ?  20 U A "C4'" 1 
ATOM 386  O "O4'" . U A 1 20 ? 14.315  5.301   -11.129 1.00 124.09 ?  20 U A "O4'" 1 
ATOM 387  C "C3'" . U A 1 20 ? 12.122  5.232   -10.187 1.00 118.19 ?  20 U A "C3'" 1 
ATOM 388  O "O3'" . U A 1 20 ? 11.174  4.533   -10.983 1.00 108.37 ?  20 U A "O3'" 1 
ATOM 389  C "C2'" . U A 1 20 ? 13.035  4.258   -9.437  1.00 118.12 ?  20 U A "C2'" 1 
ATOM 390  O "O2'" . U A 1 20 ? 12.412  3.009   -9.225  1.00 116.47 ?  20 U A "O2'" 1 
ATOM 391  C "C1'" . U A 1 20 ? 14.181  4.078   -10.433 1.00 126.14 ?  20 U A "C1'" 1 
ATOM 392  N N1    . U A 1 20 ? 15.445  3.708   -9.740  1.00 127.44 ?  20 U A N1    1 
ATOM 393  C C2    . U A 1 20 ? 15.912  2.412   -9.911  1.00 119.71 ?  20 U A C2    1 
ATOM 394  O O2    . U A 1 20 ? 15.366  1.592   -10.643 1.00 122.69 ?  20 U A O2    1 
ATOM 395  N N3    . U A 1 20 ? 17.053  2.110   -9.209  1.00 109.14 ?  20 U A N3    1 
ATOM 396  C C4    . U A 1 20 ? 17.754  2.943   -8.358  1.00 111.80 ?  20 U A C4    1 
ATOM 397  O O4    . U A 1 20 ? 18.766  2.526   -7.796  1.00 113.11 ?  20 U A O4    1 
ATOM 398  C C5    . U A 1 20 ? 17.203  4.257   -8.219  1.00 113.94 ?  20 U A C5    1 
ATOM 399  C C6    . U A 1 20 ? 16.087  4.582   -8.892  1.00 120.88 ?  20 U A C6    1 
ATOM 400  P P     . A A 1 21 A 9.652   4.336   -10.486 1.00 102.59 ?  20 A A P     1 
ATOM 401  O OP1   . A A 1 21 A 8.742   4.402   -11.666 1.00 106.94 ?  20 A A OP1   1 
ATOM 402  O OP2   . A A 1 21 A 9.309   5.186   -9.304  1.00 87.86  -1 20 A A OP2   1 
ATOM 403  O "O5'" . A A 1 21 A 9.691   2.807   -10.012 1.00 71.98  ?  20 A A "O5'" 1 
ATOM 404  C "C5'" . A A 1 21 A 8.496   2.263   -9.404  1.00 58.01  ?  20 A A "C5'" 1 
ATOM 405  C "C4'" . A A 1 21 A 8.654   2.265   -7.905  1.00 53.37  ?  20 A A "C4'" 1 
ATOM 406  O "O4'" . A A 1 21 A 7.876   3.346   -7.325  1.00 52.16  ?  20 A A "O4'" 1 
ATOM 407  C "C3'" . A A 1 21 A 8.158   1.005   -7.187  1.00 54.39  ?  20 A A "C3'" 1 
ATOM 408  O "O3'" . A A 1 21 A 9.131   -0.023  -7.123  1.00 56.63  ?  20 A A "O3'" 1 
ATOM 409  C "C2'" . A A 1 21 A 7.837   1.554   -5.795  1.00 56.62  ?  20 A A "C2'" 1 
ATOM 410  O "O2'" . A A 1 21 A 8.964   1.709   -4.957  1.00 57.80  ?  20 A A "O2'" 1 
ATOM 411  C "C1'" . A A 1 21 A 7.229   2.911   -6.145  1.00 51.80  ?  20 A A "C1'" 1 
ATOM 412  N N9    . A A 1 21 A 5.774   2.898   -6.329  1.00 45.54  ?  20 A A N9    1 
ATOM 413  C C8    . A A 1 21 A 5.063   3.466   -7.354  1.00 41.17  ?  20 A A C8    1 
ATOM 414  N N7    . A A 1 21 A 3.770   3.293   -7.252  1.00 41.02  ?  20 A A N7    1 
ATOM 415  C C5    . A A 1 21 A 3.605   2.568   -6.085  1.00 44.57  ?  20 A A C5    1 
ATOM 416  C C6    . A A 1 21 A 2.460   2.094   -5.411  1.00 50.42  ?  20 A A C6    1 
ATOM 417  N N6    . A A 1 21 A 1.220   2.264   -5.849  1.00 61.82  ?  20 A A N6    1 
ATOM 418  N N1    . A A 1 21 A 2.634   1.423   -4.252  1.00 50.74  ?  20 A A N1    1 
ATOM 419  C C2    . A A 1 21 A 3.891   1.257   -3.817  1.00 57.30  ?  20 A A C2    1 
ATOM 420  N N3    . A A 1 21 A 5.041   1.654   -4.364  1.00 50.88  ?  20 A A N3    1 
ATOM 421  C C4    . A A 1 21 A 4.832   2.321   -5.509  1.00 45.05  ?  20 A A C4    1 
ATOM 422  P P     . G A 1 22 ? 9.214   -1.165  -8.248  1.00 71.83  ?  21 G A P     1 
ATOM 423  O OP1   . G A 1 22 ? 10.633  -1.413  -8.635  1.00 80.49  ?  21 G A OP1   1 
ATOM 424  O OP2   . G A 1 22 ? 8.181   -0.985  -9.310  1.00 70.83  -1 21 G A OP2   1 
ATOM 425  O "O5'" . G A 1 22 ? 8.873   -2.446  -7.370  1.00 61.66  ?  21 G A "O5'" 1 
ATOM 426  C "C5'" . G A 1 22 ? 9.554   -2.569  -6.117  1.00 61.37  ?  21 G A "C5'" 1 
ATOM 427  C "C4'" . G A 1 22 ? 8.505   -2.775  -5.066  1.00 62.10  ?  21 G A "C4'" 1 
ATOM 428  O "O4'" . G A 1 22 ? 7.528   -1.713  -5.153  1.00 62.72  ?  21 G A "O4'" 1 
ATOM 429  C "C3'" . G A 1 22 ? 7.641   -4.020  -5.254  1.00 68.01  ?  21 G A "C3'" 1 
ATOM 430  O "O3'" . G A 1 22 ? 8.327   -5.173  -4.789  1.00 81.16  ?  21 G A "O3'" 1 
ATOM 431  C "C2'" . G A 1 22 ? 6.452   -3.674  -4.363  1.00 62.01  ?  21 G A "C2'" 1 
ATOM 432  O "O2'" . G A 1 22 ? 6.762   -3.994  -3.026  1.00 60.74  ?  21 G A "O2'" 1 
ATOM 433  C "C1'" . G A 1 22 ? 6.325   -2.165  -4.568  1.00 61.89  ?  21 G A "C1'" 1 
ATOM 434  N N9    . G A 1 22 ? 5.189   -1.760  -5.395  1.00 58.51  ?  21 G A N9    1 
ATOM 435  C C8    . G A 1 22 ? 5.230   -1.309  -6.688  1.00 60.84  ?  21 G A C8    1 
ATOM 436  N N7    . G A 1 22 ? 4.052   -0.998  -7.170  1.00 60.05  ?  21 G A N7    1 
ATOM 437  C C5    . G A 1 22 ? 3.177   -1.258  -6.124  1.00 62.81  ?  21 G A C5    1 
ATOM 438  C C6    . G A 1 22 ? 1.764   -1.116  -6.053  1.00 72.47  ?  21 G A C6    1 
ATOM 439  O O6    . G A 1 22 ? 0.989   -0.722  -6.939  1.00 83.11  ?  21 G A O6    1 
ATOM 440  N N1    . G A 1 22 ? 1.265   -1.488  -4.801  1.00 61.30  ?  21 G A N1    1 
ATOM 441  C C2    . G A 1 22 ? 2.031   -1.950  -3.764  1.00 56.19  ?  21 G A C2    1 
ATOM 442  N N2    . G A 1 22 ? 1.382   -2.270  -2.643  1.00 57.08  ?  21 G A N2    1 
ATOM 443  N N3    . G A 1 22 ? 3.354   -2.084  -3.823  1.00 62.22  ?  21 G A N3    1 
ATOM 444  C C4    . G A 1 22 ? 3.864   -1.727  -5.029  1.00 59.76  ?  21 G A C4    1 
ATOM 445  P P     . A A 1 23 ? 8.698   -6.377  -5.786  1.00 82.78  ?  22 A A P     1 
ATOM 446  O OP1   . A A 1 23 ? 8.636   -5.902  -7.201  1.00 70.63  ?  22 A A OP1   1 
ATOM 447  O OP2   . A A 1 23 ? 7.919   -7.586  -5.385  1.00 77.20  -1 22 A A OP2   1 
ATOM 448  O "O5'" . A A 1 23 ? 10.204  -6.647  -5.320  1.00 92.12  ?  22 A A "O5'" 1 
ATOM 449  C "C5'" . A A 1 23 ? 11.323  -6.203  -6.138  1.00 108.65 ?  22 A A "C5'" 1 
ATOM 450  C "C4'" . A A 1 23 ? 12.550  -6.062  -5.267  1.00 108.98 ?  22 A A "C4'" 1 
ATOM 451  O "O4'" . A A 1 23 ? 12.369  -4.909  -4.402  1.00 105.58 ?  22 A A "O4'" 1 
ATOM 452  C "C3'" . A A 1 23 ? 12.850  -7.229  -4.311  1.00 104.41 ?  22 A A "C3'" 1 
ATOM 453  O "O3'" . A A 1 23 ? 13.691  -8.237  -4.865  1.00 93.50  ?  22 A A "O3'" 1 
ATOM 454  C "C2'" . A A 1 23 ? 13.546  -6.533  -3.138  1.00 94.96  ?  22 A A "C2'" 1 
ATOM 455  O "O2'" . A A 1 23 ? 14.952  -6.444  -3.236  1.00 90.96  ?  22 A A "O2'" 1 
ATOM 456  C "C1'" . A A 1 23 ? 12.831  -5.182  -3.098  1.00 93.85  ?  22 A A "C1'" 1 
ATOM 457  N N9    . A A 1 23 ? 11.700  -5.224  -2.186  1.00 93.09  ?  22 A A N9    1 
ATOM 458  C C8    . A A 1 23 ? 10.361  -5.090  -2.452  1.00 100.30 ?  22 A A C8    1 
ATOM 459  N N7    . A A 1 23 ? 9.606   -5.234  -1.391  1.00 102.68 ?  22 A A N7    1 
ATOM 460  C C5    . A A 1 23 ? 10.499  -5.505  -0.365  1.00 100.27 ?  22 A A C5    1 
ATOM 461  C C6    . A A 1 23 ? 10.339  -5.750  1.016   1.00 103.29 ?  22 A A C6    1 
ATOM 462  N N6    . A A 1 23 ? 9.171   -5.791  1.646   1.00 101.15 ?  22 A A N6    1 
ATOM 463  N N1    . A A 1 23 ? 11.456  -5.977  1.744   1.00 100.82 ?  22 A A N1    1 
ATOM 464  C C2    . A A 1 23 ? 12.639  -5.949  1.122   1.00 103.29 ?  22 A A C2    1 
ATOM 465  N N3    . A A 1 23 ? 12.910  -5.717  -0.155  1.00 102.33 ?  22 A A N3    1 
ATOM 466  C C4    . A A 1 23 ? 11.789  -5.502  -0.852  1.00 94.96  ?  22 A A C4    1 
ATOM 467  P P     . C A 1 24 ? 13.212  -9.769  -5.009  1.00 77.06  ?  23 C A P     1 
ATOM 468  O OP1   . C A 1 24 ? 14.042  -10.396 -6.078  1.00 86.81  ?  23 C A OP1   1 
ATOM 469  O OP2   . C A 1 24 ? 11.732  -9.930  -5.078  1.00 70.49  -1 23 C A OP2   1 
ATOM 470  O "O5'" . C A 1 24 ? 13.544  -10.558 -3.660  1.00 62.64  ?  23 C A "O5'" 1 
ATOM 471  C "C5'" . C A 1 24 ? 14.388  -9.971  -2.658  1.00 54.13  ?  23 C A "C5'" 1 
ATOM 472  C "C4'" . C A 1 24 ? 13.745  -10.208 -1.316  1.00 55.02  ?  23 C A "C4'" 1 
ATOM 473  O "O4'" . C A 1 24 ? 12.953  -9.055  -0.963  1.00 54.01  ?  23 C A "O4'" 1 
ATOM 474  C "C3'" . C A 1 24 ? 12.702  -11.328 -1.249  1.00 56.11  ?  23 C A "C3'" 1 
ATOM 475  O "O3'" . C A 1 24 ? 13.213  -12.637 -1.139  1.00 60.86  ?  23 C A "O3'" 1 
ATOM 476  C "C2'" . C A 1 24 ? 11.933  -10.977 0.016   1.00 52.67  ?  23 C A "C2'" 1 
ATOM 477  O "O2'" . C A 1 24 ? 12.549  -11.440 1.195   1.00 57.57  ?  23 C A "O2'" 1 
ATOM 478  C "C1'" . C A 1 24 ? 11.926  -9.452  -0.081  1.00 55.32  ?  23 C A "C1'" 1 
ATOM 479  N N1    . C A 1 24 ? 10.643  -8.973  -0.629  1.00 57.70  ?  23 C A N1    1 
ATOM 480  C C2    . C A 1 24 ? 9.568   -8.848  0.252   1.00 68.03  ?  23 C A C2    1 
ATOM 481  O O2    . C A 1 24 ? 9.740   -9.103  1.457   1.00 68.40  ?  23 C A O2    1 
ATOM 482  N N3    . C A 1 24 ? 8.373   -8.436  -0.235  1.00 72.05  ?  23 C A N3    1 
ATOM 483  C C4    . C A 1 24 ? 8.233   -8.166  -1.538  1.00 69.62  ?  23 C A C4    1 
ATOM 484  N N4    . C A 1 24 ? 7.046   -7.761  -1.955  1.00 68.48  ?  23 C A N4    1 
ATOM 485  C C5    . C A 1 24 ? 9.317   -8.306  -2.445  1.00 66.27  ?  23 C A C5    1 
ATOM 486  C C6    . C A 1 24 ? 10.496  -8.714  -1.955  1.00 60.13  ?  23 C A C6    1 
ATOM 487  P P     . G A 1 25 ? 12.440  -13.815 -1.900  1.00 74.30  ?  24 G A P     1 
ATOM 488  O OP1   . G A 1 25 ? 13.256  -15.052 -2.057  1.00 78.02  ?  24 G A OP1   1 
ATOM 489  O OP2   . G A 1 25 ? 11.713  -13.285 -3.098  1.00 77.45  -1 24 G A OP2   1 
ATOM 490  O "O5'" . G A 1 25 ? 11.386  -14.056 -0.734  1.00 52.80  ?  24 G A "O5'" 1 
ATOM 491  C "C5'" . G A 1 25 ? 11.812  -14.621 0.491   1.00 46.72  ?  24 G A "C5'" 1 
ATOM 492  C "C4'" . G A 1 25 ? 10.623  -14.512 1.397   1.00 57.62  ?  24 G A "C4'" 1 
ATOM 493  O "O4'" . G A 1 25 ? 10.189  -13.130 1.426   1.00 63.14  ?  24 G A "O4'" 1 
ATOM 494  C "C3'" . G A 1 25 ? 9.361   -15.222 0.905   1.00 64.00  ?  24 G A "C3'" 1 
ATOM 495  O "O3'" . G A 1 25 ? 9.345   -16.616 1.105   1.00 68.95  ?  24 G A "O3'" 1 
ATOM 496  C "C2'" . G A 1 25 ? 8.270   -14.512 1.706   1.00 69.87  ?  24 G A "C2'" 1 
ATOM 497  O "O2'" . G A 1 25 ? 8.028   -14.964 3.022   1.00 73.71  ?  24 G A "O2'" 1 
ATOM 498  C "C1'" . G A 1 25 ? 8.793   -13.082 1.658   1.00 69.01  ?  24 G A "C1'" 1 
ATOM 499  N N9    . G A 1 25 ? 8.117   -12.337 0.608   1.00 62.20  ?  24 G A N9    1 
ATOM 500  C C8    . G A 1 25 ? 8.577   -11.967 -0.629  1.00 59.51  ?  24 G A C8    1 
ATOM 501  N N7    . G A 1 25 ? 7.677   -11.331 -1.338  1.00 57.47  ?  24 G A N7    1 
ATOM 502  C C5    . G A 1 25 ? 6.558   -11.316 -0.521  1.00 57.60  ?  24 G A C5    1 
ATOM 503  C C6    . G A 1 25 ? 5.281   -10.772 -0.750  1.00 65.94  ?  24 G A C6    1 
ATOM 504  O O6    . G A 1 25 ? 4.887   -10.185 -1.765  1.00 83.14  ?  24 G A O6    1 
ATOM 505  N N1    . G A 1 25 ? 4.436   -10.966 0.345   1.00 61.52  ?  24 G A N1    1 
ATOM 506  C C2    . G A 1 25 ? 4.773   -11.622 1.501   1.00 55.98  ?  24 G A C2    1 
ATOM 507  N N2    . G A 1 25 ? 3.825   -11.717 2.442   1.00 52.02  ?  24 G A N2    1 
ATOM 508  N N3    . G A 1 25 ? 5.978   -12.134 1.719   1.00 55.38  ?  24 G A N3    1 
ATOM 509  C C4    . G A 1 25 ? 6.808   -11.946 0.668   1.00 56.01  ?  24 G A C4    1 
ATOM 510  P P     . C A 1 26 ? 8.438   -17.522 0.146   1.00 80.71  ?  25 C A P     1 
ATOM 511  O OP1   . C A 1 26 ? 8.693   -18.970 0.381   1.00 99.91  ?  25 C A OP1   1 
ATOM 512  O OP2   . C A 1 26 ? 8.496   -17.017 -1.252  1.00 100.47 -1 25 C A OP2   1 
ATOM 513  O "O5'" . C A 1 26 ? 7.015   -17.178 0.749   1.00 56.85  ?  25 C A "O5'" 1 
ATOM 514  C "C5'" . C A 1 26 ? 6.730   -17.620 2.072   1.00 54.03  ?  25 C A "C5'" 1 
ATOM 515  C "C4'" . C A 1 26 ? 5.319   -17.204 2.355   1.00 64.12  ?  25 C A "C4'" 1 
ATOM 516  O "O4'" . C A 1 26 ? 5.201   -15.767 2.218   1.00 65.83  ?  25 C A "O4'" 1 
ATOM 517  C "C3'" . C A 1 26 ? 4.303   -17.707 1.329   1.00 69.18  ?  25 C A "C3'" 1 
ATOM 518  O "O3'" . C A 1 26 ? 3.937   -19.049 1.544   1.00 75.49  ?  25 C A "O3'" 1 
ATOM 519  C "C2'" . C A 1 26 ? 3.134   -16.766 1.601   1.00 68.16  ?  25 C A "C2'" 1 
ATOM 520  O "O2'" . C A 1 26 ? 2.443   -17.084 2.791   1.00 70.76  ?  25 C A "O2'" 1 
ATOM 521  C "C1'" . C A 1 26 ? 3.910   -15.456 1.723   1.00 65.83  ?  25 C A "C1'" 1 
ATOM 522  N N1    . C A 1 26 ? 4.025   -14.794 0.399   1.00 58.25  ?  25 C A N1    1 
ATOM 523  C C2    . C A 1 26 ? 2.869   -14.223 -0.137  1.00 54.62  ?  25 C A C2    1 
ATOM 524  O O2    . C A 1 26 ? 1.811   -14.275 0.508   1.00 53.09  ?  25 C A O2    1 
ATOM 525  N N3    . C A 1 26 ? 2.937   -13.621 -1.345  1.00 52.82  ?  25 C A N3    1 
ATOM 526  C C4    . C A 1 26 ? 4.091   -13.586 -2.021  1.00 53.61  ?  25 C A C4    1 
ATOM 527  N N4    . C A 1 26 ? 4.102   -12.981 -3.197  1.00 49.87  ?  25 C A N4    1 
ATOM 528  C C5    . C A 1 26 ? 5.274   -14.176 -1.495  1.00 58.49  ?  25 C A C5    1 
ATOM 529  C C6    . C A 1 26 ? 5.198   -14.769 -0.294  1.00 56.13  ?  25 C A C6    1 
ATOM 530  P P     . A A 1 27 ? 3.562   -19.955 0.282   1.00 84.79  ?  26 A A P     1 
ATOM 531  O OP1   . A A 1 27 ? 3.287   -21.335 0.777   1.00 88.91  ?  26 A A OP1   1 
ATOM 532  O OP2   . A A 1 27 ? 4.646   -19.751 -0.721  1.00 93.23  -1 26 A A OP2   1 
ATOM 533  O "O5'" . A A 1 27 ? 2.208   -19.269 -0.220  1.00 71.19  ?  26 A A "O5'" 1 
ATOM 534  C "C5'" . A A 1 27 ? 1.059   -19.346 0.637   1.00 63.52  ?  26 A A "C5'" 1 
ATOM 535  C "C4'" . A A 1 27 ? -0.006  -18.444 0.084   1.00 67.27  ?  26 A A "C4'" 1 
ATOM 536  O "O4'" . A A 1 27 ? 0.557   -17.129 -0.126  1.00 62.20  ?  26 A A "O4'" 1 
ATOM 537  C "C3'" . A A 1 27 ? -0.561  -18.840 -1.288  1.00 69.94  ?  26 A A "C3'" 1 
ATOM 538  O "O3'" . A A 1 27 ? -1.620  -19.779 -1.209  1.00 79.56  ?  26 A A "O3'" 1 
ATOM 539  C "C2'" . A A 1 27 ? -1.085  -17.501 -1.805  1.00 68.09  ?  26 A A "C2'" 1 
ATOM 540  O "O2'" . A A 1 27 ? -2.372  -17.123 -1.356  1.00 59.35  ?  26 A A "O2'" 1 
ATOM 541  C "C1'" . A A 1 27 ? 0.014   -16.572 -1.299  1.00 65.56  ?  26 A A "C1'" 1 
ATOM 542  N N9    . A A 1 27 ? 1.086   -16.360 -2.260  1.00 60.89  ?  26 A A N9    1 
ATOM 543  C C8    . A A 1 27 ? 2.388   -16.772 -2.165  1.00 56.42  ?  26 A A C8    1 
ATOM 544  N N7    . A A 1 27 ? 3.120   -16.406 -3.186  1.00 53.81  ?  26 A A N7    1 
ATOM 545  C C5    . A A 1 27 ? 2.247   -15.710 -4.001  1.00 52.76  ?  26 A A C5    1 
ATOM 546  C C6    . A A 1 27 ? 2.427   -15.064 -5.232  1.00 53.00  ?  26 A A C6    1 
ATOM 547  N N6    . A A 1 27 ? 3.597   -15.024 -5.864  1.00 53.69  ?  26 A A N6    1 
ATOM 548  N N1    . A A 1 27 ? 1.345   -14.457 -5.783  1.00 52.94  ?  26 A A N1    1 
ATOM 549  C C2    . A A 1 27 ? 0.178   -14.504 -5.129  1.00 54.36  ?  26 A A C2    1 
ATOM 550  N N3    . A A 1 27 ? -0.103  -15.076 -3.963  1.00 58.45  ?  26 A A N3    1 
ATOM 551  C C4    . A A 1 27 ? 0.987   -15.675 -3.447  1.00 57.83  ?  26 A A C4    1 
ATOM 552  P P     . C A 1 28 ? -1.712  -20.985 -2.264  1.00 85.67  ?  27 C A P     1 
ATOM 553  O OP1   . C A 1 28 ? -2.874  -21.883 -2.021  1.00 83.08  ?  27 C A OP1   1 
ATOM 554  O OP2   . C A 1 28 ? -0.341  -21.559 -2.419  1.00 90.28  -1 27 C A OP2   1 
ATOM 555  O "O5'" . C A 1 28 ? -2.146  -20.190 -3.571  1.00 90.23  ?  27 C A "O5'" 1 
ATOM 556  C "C5'" . C A 1 28 ? -3.351  -19.393 -3.511  1.00 89.13  ?  27 C A "C5'" 1 
ATOM 557  C "C4'" . C A 1 28 ? -3.474  -18.676 -4.824  1.00 77.18  ?  27 C A "C4'" 1 
ATOM 558  O "O4'" . C A 1 28 ? -2.482  -17.625 -4.905  1.00 77.71  ?  27 C A "O4'" 1 
ATOM 559  C "C3'" . C A 1 28 ? -3.143  -19.565 -6.015  1.00 70.56  ?  27 C A "C3'" 1 
ATOM 560  O "O3'" . C A 1 28 ? -4.321  -20.285 -6.285  1.00 75.38  ?  27 C A "O3'" 1 
ATOM 561  C "C2'" . C A 1 28 ? -2.793  -18.522 -7.071  1.00 79.40  ?  27 C A "C2'" 1 
ATOM 562  O "O2'" . C A 1 28 ? -3.925  -17.872 -7.608  1.00 98.02  ?  27 C A "O2'" 1 
ATOM 563  C "C1'" . C A 1 28 ? -1.991  -17.537 -6.224  1.00 71.83  ?  27 C A "C1'" 1 
ATOM 564  N N1    . C A 1 28 ? -0.532  -17.819 -6.234  1.00 66.73  ?  27 C A N1    1 
ATOM 565  C C2    . C A 1 28 ? 0.201   -17.338 -7.318  1.00 72.00  ?  27 C A C2    1 
ATOM 566  O O2    . C A 1 28 ? -0.390  -16.729 -8.224  1.00 83.51  ?  27 C A O2    1 
ATOM 567  N N3    . C A 1 28 ? 1.531   -17.550 -7.357  1.00 66.88  ?  27 C A N3    1 
ATOM 568  C C4    . C A 1 28 ? 2.132   -18.212 -6.371  1.00 66.00  ?  27 C A C4    1 
ATOM 569  N N4    . C A 1 28 ? 3.441   -18.382 -6.472  1.00 70.39  ?  27 C A N4    1 
ATOM 570  C C5    . C A 1 28 ? 1.403   -18.705 -5.254  1.00 63.95  ?  27 C A C5    1 
ATOM 571  C C6    . C A 1 28 ? 0.080   -18.496 -5.228  1.00 62.78  ?  27 C A C6    1 
ATOM 572  P P     . C A 1 29 ? -4.209  -21.725 -6.964  1.00 88.03  ?  28 C A P     1 
ATOM 573  O OP1   . C A 1 29 ? -5.576  -22.291 -7.138  1.00 100.34 ?  28 C A OP1   1 
ATOM 574  O OP2   . C A 1 29 ? -3.230  -22.448 -6.100  1.00 80.36  -1 28 C A OP2   1 
ATOM 575  O "O5'" . C A 1 29 ? -3.658  -21.326 -8.419  1.00 102.42 ?  28 C A "O5'" 1 
ATOM 576  C "C5'" . C A 1 29 ? -4.508  -20.545 -9.312  1.00 95.51  ?  28 C A "C5'" 1 
ATOM 577  C "C4'" . C A 1 29 ? -3.771  -20.210 -10.586 1.00 92.73  ?  28 C A "C4'" 1 
ATOM 578  O "O4'" . C A 1 29 ? -2.692  -19.277 -10.332 1.00 85.96  ?  28 C A "O4'" 1 
ATOM 579  C "C3'" . C A 1 29 ? -3.057  -21.362 -11.297 1.00 89.18  ?  28 C A "C3'" 1 
ATOM 580  O "O3'" . C A 1 29 ? -3.975  -22.133 -12.050 1.00 97.53  ?  28 C A "O3'" 1 
ATOM 581  C "C2'" . C A 1 29 ? -2.150  -20.579 -12.243 1.00 89.87  ?  28 C A "C2'" 1 
ATOM 582  O "O2'" . C A 1 29 ? -2.874  -20.033 -13.330 1.00 103.86 ?  28 C A "O2'" 1 
ATOM 583  C "C1'" . C A 1 29 ? -1.688  -19.456 -11.309 1.00 82.56  ?  28 C A "C1'" 1 
ATOM 584  N N1    . C A 1 29 ? -0.419  -19.786 -10.623 1.00 75.90  ?  28 C A N1    1 
ATOM 585  C C2    . C A 1 29 ? 0.773   -19.603 -11.326 1.00 79.47  ?  28 C A C2    1 
ATOM 586  O O2    . C A 1 29 ? 0.714   -19.169 -12.484 1.00 83.70  ?  28 C A O2    1 
ATOM 587  N N3    . C A 1 29 ? 1.952   -19.893 -10.723 1.00 78.73  ?  28 C A N3    1 
ATOM 588  C C4    . C A 1 29 ? 1.959   -20.354 -9.466  1.00 86.95  ?  28 C A C4    1 
ATOM 589  N N4    . C A 1 29 ? 3.133   -20.625 -8.920  1.00 83.75  ?  28 C A N4    1 
ATOM 590  C C5    . C A 1 29 ? 0.749   -20.539 -8.730  1.00 90.77  ?  28 C A C5    1 
ATOM 591  C C6    . C A 1 29 ? -0.410  -20.249 -9.343  1.00 83.29  ?  28 C A C6    1 
ATOM 592  P P     . A A 1 30 ? -3.635  -23.660 -12.390 1.00 101.45 ?  29 A A P     1 
ATOM 593  O OP1   . A A 1 30 ? -4.733  -24.291 -13.180 1.00 87.25  ?  29 A A OP1   1 
ATOM 594  O OP2   . A A 1 30 ? -3.173  -24.277 -11.112 1.00 93.72  -1 29 A A OP2   1 
ATOM 595  O "O5'" . A A 1 30 ? -2.393  -23.510 -13.377 1.00 97.86  ?  29 A A "O5'" 1 
ATOM 596  C "C5'" . A A 1 30 ? -2.674  -23.161 -14.747 1.00 95.36  ?  29 A A "C5'" 1 
ATOM 597  C "C4'" . A A 1 30 ? -1.390  -23.247 -15.529 1.00 97.42  ?  29 A A "C4'" 1 
ATOM 598  O "O4'" . A A 1 30 ? -0.427  -22.335 -14.954 1.00 94.11  ?  29 A A "O4'" 1 
ATOM 599  C "C3'" . A A 1 30 ? -0.654  -24.583 -15.467 1.00 97.88  ?  29 A A "C3'" 1 
ATOM 600  O "O3'" . A A 1 30 ? -1.227  -25.521 -16.349 1.00 104.73 ?  29 A A "O3'" 1 
ATOM 601  C "C2'" . A A 1 30 ? 0.753   -24.176 -15.900 1.00 94.52  ?  29 A A "C2'" 1 
ATOM 602  O "O2'" . A A 1 30 ? 0.887   -24.069 -17.300 1.00 99.96  ?  29 A A "O2'" 1 
ATOM 603  C "C1'" . A A 1 30 ? 0.875   -22.832 -15.189 1.00 92.61  ?  29 A A "C1'" 1 
ATOM 604  N N9    . A A 1 30 ? 1.540   -22.962 -13.910 1.00 85.47  ?  29 A A N9    1 
ATOM 605  C C8    . A A 1 30 ? 0.959   -23.125 -12.678 1.00 94.39  ?  29 A A C8    1 
ATOM 606  N N7    . A A 1 30 ? 1.836   -23.228 -11.708 1.00 87.12  ?  29 A A N7    1 
ATOM 607  C C5    . A A 1 30 ? 3.063   -23.130 -12.348 1.00 81.67  ?  29 A A C5    1 
ATOM 608  C C6    . A A 1 30 ? 4.385   -23.166 -11.874 1.00 79.79  ?  29 A A C6    1 
ATOM 609  N N6    . A A 1 30 ? 4.703   -23.317 -10.596 1.00 86.37  ?  29 A A N6    1 
ATOM 610  N N1    . A A 1 30 ? 5.382   -23.034 -12.779 1.00 76.00  ?  29 A A N1    1 
ATOM 611  C C2    . A A 1 30 ? 5.056   -22.890 -14.070 1.00 78.31  ?  29 A A C2    1 
ATOM 612  N N3    . A A 1 30 ? 3.852   -22.836 -14.631 1.00 73.10  ?  29 A A N3    1 
ATOM 613  C C4    . A A 1 30 ? 2.891   -22.975 -13.708 1.00 77.25  ?  29 A A C4    1 
ATOM 614  P P     . G A 1 31 ? -1.159  -27.070 -15.959 1.00 109.41 ?  30 G A P     1 
ATOM 615  O OP1   . G A 1 31 ? -1.998  -27.829 -16.934 1.00 103.36 ?  30 G A OP1   1 
ATOM 616  O OP2   . G A 1 31 ? -1.445  -27.177 -14.498 1.00 99.24  -1 30 G A OP2   1 
ATOM 617  O "O5'" . G A 1 31 ? 0.400   -27.354 -16.185 1.00 112.16 ?  30 G A "O5'" 1 
ATOM 618  C "C5'" . G A 1 31 ? 0.870   -27.616 -17.526 1.00 100.75 ?  30 G A "C5'" 1 
ATOM 619  C "C4'" . G A 1 31 ? 2.358   -27.838 -17.499 1.00 99.05  ?  30 G A "C4'" 1 
ATOM 620  O "O4'" . G A 1 31 ? 2.988   -26.683 -16.897 1.00 101.77 ?  30 G A "O4'" 1 
ATOM 621  C "C3'" . G A 1 31 ? 2.897   -28.985 -16.636 1.00 103.04 ?  30 G A "C3'" 1 
ATOM 622  O "O3'" . G A 1 31 ? 2.791   -30.274 -17.210 1.00 122.91 ?  30 G A "O3'" 1 
ATOM 623  C "C2'" . G A 1 31 ? 4.362   -28.569 -16.542 1.00 99.50  ?  30 G A "C2'" 1 
ATOM 624  O "O2'" . G A 1 31 ? 5.098   -28.777 -17.727 1.00 107.00 ?  30 G A "O2'" 1 
ATOM 625  C "C1'" . G A 1 31 ? 4.184   -27.084 -16.263 1.00 97.07  ?  30 G A "C1'" 1 
ATOM 626  N N9    . G A 1 31 ? 4.097   -26.837 -14.834 1.00 88.28  ?  30 G A N9    1 
ATOM 627  C C8    . G A 1 31 ? 2.974   -26.712 -14.058 1.00 82.11  ?  30 G A C8    1 
ATOM 628  N N7    . G A 1 31 ? 3.258   -26.537 -12.790 1.00 86.87  ?  30 G A N7    1 
ATOM 629  C C5    . G A 1 31 ? 4.648   -26.574 -12.734 1.00 86.82  ?  30 G A C5    1 
ATOM 630  C C6    . G A 1 31 ? 5.530   -26.441 -11.633 1.00 85.11  ?  30 G A C6    1 
ATOM 631  O O6    . G A 1 31 ? 5.248   -26.263 -10.441 1.00 84.58  ?  30 G A O6    1 
ATOM 632  N N1    . G A 1 31 ? 6.866   -26.537 -12.022 1.00 87.66  ?  30 G A N1    1 
ATOM 633  C C2    . G A 1 31 ? 7.302   -26.732 -13.311 1.00 87.83  ?  30 G A C2    1 
ATOM 634  N N2    . G A 1 31 ? 8.628   -26.793 -13.491 1.00 88.76  ?  30 G A N2    1 
ATOM 635  N N3    . G A 1 31 ? 6.479   -26.854 -14.354 1.00 81.50  ?  30 G A N3    1 
ATOM 636  C C4    . G A 1 31 ? 5.176   -26.769 -13.988 1.00 84.34  ?  30 G A C4    1 
ATOM 637  P P     . A A 1 32 ? 2.846   -31.583 -16.277 1.00 136.17 ?  31 A A P     1 
ATOM 638  O OP1   . A A 1 32 ? 2.456   -32.800 -17.046 1.00 137.18 ?  31 A A OP1   1 
ATOM 639  O OP2   . A A 1 32 ? 2.175   -31.296 -14.979 1.00 147.02 -1 31 A A OP2   1 
ATOM 640  O "O5'" . A A 1 32 ? 4.364   -31.770 -15.836 1.00 113.40 ?  31 A A "O5'" 1 
ATOM 641  C "C5'" . A A 1 32 ? 5.342   -32.092 -16.836 1.00 111.80 ?  31 A A "C5'" 1 
ATOM 642  C "C4'" . A A 1 32 ? 6.691   -31.971 -16.184 1.00 124.83 ?  31 A A "C4'" 1 
ATOM 643  O "O4'" . A A 1 32 ? 6.773   -30.673 -15.547 1.00 133.68 ?  31 A A "O4'" 1 
ATOM 644  C "C3'" . A A 1 32 ? 6.943   -32.949 -15.036 1.00 132.80 ?  31 A A "C3'" 1 
ATOM 645  O "O3'" . A A 1 32 ? 7.455   -34.185 -15.497 1.00 138.96 ?  31 A A "O3'" 1 
ATOM 646  C "C2'" . A A 1 32 ? 7.993   -32.206 -14.213 1.00 133.09 ?  31 A A "C2'" 1 
ATOM 647  O "O2'" . A A 1 32 ? 9.294   -32.381 -14.726 1.00 128.41 ?  31 A A "O2'" 1 
ATOM 648  C "C1'" . A A 1 32 ? 7.480   -30.774 -14.329 1.00 132.77 ?  31 A A "C1'" 1 
ATOM 649  N N9    . A A 1 32 ? 6.604   -30.391 -13.231 1.00 131.01 ?  31 A A N9    1 
ATOM 650  C C8    . A A 1 32 ? 5.242   -30.228 -13.242 1.00 129.55 ?  31 A A C8    1 
ATOM 651  N N7    . A A 1 32 ? 4.754   -29.877 -12.078 1.00 130.28 ?  31 A A N7    1 
ATOM 652  C C5    . A A 1 32 ? 5.863   -29.810 -11.245 1.00 135.09 ?  31 A A C5    1 
ATOM 653  C C6    . A A 1 32 ? 6.018   -29.493 -9.878  1.00 133.30 ?  31 A A C6    1 
ATOM 654  N N6    . A A 1 32 ? 5.010   -29.167 -9.073  1.00 129.37 ?  31 A A N6    1 
ATOM 655  N N1    . A A 1 32 ? 7.271   -29.527 -9.364  1.00 129.14 ?  31 A A N1    1 
ATOM 656  C C2    . A A 1 32 ? 8.287   -29.860 -10.171 1.00 131.03 ?  31 A A C2    1 
ATOM 657  N N3    . A A 1 32 ? 8.263   -30.173 -11.463 1.00 127.43 ?  31 A A N3    1 
ATOM 658  C C4    . A A 1 32 ? 7.009   -30.131 -11.947 1.00 133.47 ?  31 A A C4    1 
ATOM 659  P P     . U A 1 33 ? 7.062   -35.536 -14.728 1.00 156.16 ?  32 U A P     1 
ATOM 660  O OP1   . U A 1 33 ? 7.776   -36.691 -15.343 1.00 166.24 ?  32 U A OP1   1 
ATOM 661  O OP2   . U A 1 33 ? 5.580   -35.589 -14.578 1.00 159.06 -1 32 U A OP2   1 
ATOM 662  O "O5'" . U A 1 33 ? 7.686   -35.255 -13.286 1.00 158.55 ?  32 U A "O5'" 1 
ATOM 663  C "C5'" . U A 1 33 ? 9.112   -35.397 -13.101 1.00 161.79 ?  32 U A "C5'" 1 
ATOM 664  C "C4'" . U A 1 33 ? 9.420   -35.178 -11.644 1.00 169.93 ?  32 U A "C4'" 1 
ATOM 665  O "O4'" . U A 1 33 ? 9.090   -33.810 -11.288 1.00 171.16 ?  32 U A "O4'" 1 
ATOM 666  C "C3'" . U A 1 33 ? 8.579   -35.997 -10.656 1.00 191.04 ?  32 U A "C3'" 1 
ATOM 667  O "O3'" . U A 1 33 ? 8.954   -37.360 -10.531 1.00 208.39 ?  32 U A "O3'" 1 
ATOM 668  C "C2'" . U A 1 33 ? 8.789   -35.179 -9.381  1.00 195.66 ?  32 U A "C2'" 1 
ATOM 669  O "O2'" . U A 1 33 ? 10.083  -35.320 -8.839  1.00 218.51 ?  32 U A "O2'" 1 
ATOM 670  C "C1'" . U A 1 33 ? 8.618   -33.772 -9.954  1.00 185.52 ?  32 U A "C1'" 1 
ATOM 671  N N1    . U A 1 33 ? 7.199   -33.347 -9.923  1.00 186.58 ?  32 U A N1    1 
ATOM 672  C C2    . U A 1 33 ? 6.728   -32.878 -8.709  1.00 184.59 ?  32 U A C2    1 
ATOM 673  O O2    . U A 1 33 ? 7.439   -32.788 -7.715  1.00 166.49 ?  32 U A O2    1 
ATOM 674  N N3    . U A 1 33 ? 5.403   -32.510 -8.708  1.00 189.43 ?  32 U A N3    1 
ATOM 675  C C4    . U A 1 33 ? 4.521   -32.578 -9.773  1.00 177.36 ?  32 U A C4    1 
ATOM 676  O O4    . U A 1 33 ? 3.357   -32.210 -9.621  1.00 172.50 ?  32 U A O4    1 
ATOM 677  C C5    . U A 1 33 ? 5.080   -33.086 -10.992 1.00 173.12 ?  32 U A C5    1 
ATOM 678  C C6    . U A 1 33 ? 6.373   -33.447 -11.023 1.00 181.59 ?  32 U A C6    1 
ATOM 679  P P     . U A 1 34 ? 7.851   -38.493 -10.236 1.00 213.81 ?  33 U A P     1 
ATOM 680  O OP1   . U A 1 34 ? 8.459   -39.831 -10.486 1.00 226.05 -1 33 U A OP1   1 
ATOM 681  O OP2   . U A 1 34 ? 6.534   -38.193 -10.871 1.00 197.05 ?  33 U A OP2   1 
ATOM 682  O "O5'" . U A 1 34 ? 7.624   -38.339 -8.662  1.00 202.55 ?  33 U A "O5'" 1 
ATOM 683  C "C5'" . U A 1 34 ? 8.391   -39.153 -7.741  1.00 202.31 ?  33 U A "C5'" 1 
ATOM 684  C "C4'" . U A 1 34 ? 8.163   -38.670 -6.328  1.00 211.60 ?  33 U A "C4'" 1 
ATOM 685  O "O4'" . U A 1 34 ? 8.209   -37.219 -6.265  1.00 211.69 ?  33 U A "O4'" 1 
ATOM 686  C "C3'" . U A 1 34 ? 6.804   -38.996 -5.697  1.00 207.20 ?  33 U A "C3'" 1 
ATOM 687  O "O3'" . U A 1 34 ? 6.690   -40.349 -5.280  1.00 216.28 ?  33 U A "O3'" 1 
ATOM 688  C "C2'" . U A 1 34 ? 6.814   -38.008 -4.529  1.00 193.69 ?  33 U A "C2'" 1 
ATOM 689  O "O2'" . U A 1 34 ? 7.646   -38.375 -3.453  1.00 185.38 ?  33 U A "O2'" 1 
ATOM 690  C "C1'" . U A 1 34 ? 7.346   -36.763 -5.239  1.00 199.70 ?  33 U A "C1'" 1 
ATOM 691  N N1    . U A 1 34 ? 6.227   -36.016 -5.833  1.00 203.98 ?  33 U A N1    1 
ATOM 692  C C2    . U A 1 34 ? 5.483   -35.235 -4.970  1.00 209.36 ?  33 U A C2    1 
ATOM 693  O O2    . U A 1 34 ? 5.767   -35.090 -3.787  1.00 203.25 ?  33 U A O2    1 
ATOM 694  N N3    . U A 1 34 ? 4.412   -34.606 -5.551  1.00 232.20 ?  33 U A N3    1 
ATOM 695  C C4    . U A 1 34 ? 4.005   -34.696 -6.867  1.00 254.74 ?  33 U A C4    1 
ATOM 696  O O4    . U A 1 34 ? 3.017   -34.064 -7.240  1.00 286.16 ?  33 U A O4    1 
ATOM 697  C C5    . U A 1 34 ? 4.812   -35.545 -7.694  1.00 242.96 ?  33 U A C5    1 
ATOM 698  C C6    . U A 1 34 ? 5.866   -36.172 -7.152  1.00 221.26 ?  33 U A C6    1 
ATOM 699  P P     . G A 1 37 ? -0.868  -38.415 -1.434  1.00 211.22 ?  36 G A P     1 
ATOM 700  O OP1   . G A 1 37 ? -1.992  -38.652 -2.421  1.00 198.22 ?  36 G A OP1   1 
ATOM 701  O OP2   . G A 1 37 ? -1.197  -38.944 -0.049  1.00 212.18 -1 36 G A OP2   1 
ATOM 702  O "O5'" . G A 1 37 ? -0.675  -36.804 -1.286  1.00 217.22 ?  36 G A "O5'" 1 
ATOM 703  C "C5'" . G A 1 37 ? -1.850  -35.976 -1.052  1.00 202.68 ?  36 G A "C5'" 1 
ATOM 704  C "C4'" . G A 1 37 ? -1.548  -34.518 -1.328  1.00 182.40 ?  36 G A "C4'" 1 
ATOM 705  O "O4'" . G A 1 37 ? -0.848  -34.383 -2.587  1.00 178.25 ?  36 G A "O4'" 1 
ATOM 706  C "C3'" . G A 1 37 ? -2.767  -33.604 -1.503  1.00 159.77 ?  36 G A "C3'" 1 
ATOM 707  O "O3'" . G A 1 37 ? -2.579  -32.267 -1.038  1.00 147.27 ?  36 G A "O3'" 1 
ATOM 708  C "C2'" . G A 1 37 ? -3.104  -33.754 -2.993  1.00 153.75 ?  36 G A "C2'" 1 
ATOM 709  O "O2'" . G A 1 37 ? -3.619  -32.568 -3.556  1.00 137.01 ?  36 G A "O2'" 1 
ATOM 710  C "C1'" . G A 1 37 ? -1.767  -34.147 -3.630  1.00 165.66 ?  36 G A "C1'" 1 
ATOM 711  N N9    . G A 1 37 ? -1.818  -35.354 -4.451  1.00 167.43 ?  36 G A N9    1 
ATOM 712  C C8    . G A 1 37 ? -0.981  -36.438 -4.357  1.00 160.83 ?  36 G A C8    1 
ATOM 713  N N7    . G A 1 37 ? -1.252  -37.386 -5.219  1.00 158.62 ?  36 G A N7    1 
ATOM 714  C C5    . G A 1 37 ? -2.341  -36.895 -5.927  1.00 157.93 ?  36 G A C5    1 
ATOM 715  C C6    . G A 1 37 ? -3.080  -37.489 -6.978  1.00 148.61 ?  36 G A C6    1 
ATOM 716  O O6    . G A 1 37 ? -2.897  -38.595 -7.508  1.00 151.76 ?  36 G A O6    1 
ATOM 717  N N1    . G A 1 37 ? -4.114  -36.654 -7.409  1.00 142.00 ?  36 G A N1    1 
ATOM 718  C C2    . G A 1 37 ? -4.399  -35.411 -6.890  1.00 138.95 ?  36 G A C2    1 
ATOM 719  N N2    . G A 1 37 ? -5.427  -34.749 -7.436  1.00 129.60 ?  36 G A N2    1 
ATOM 720  N N3    . G A 1 37 ? -3.711  -34.851 -5.897  1.00 149.82 ?  36 G A N3    1 
ATOM 721  C C4    . G A 1 37 ? -2.700  -35.647 -5.463  1.00 163.56 ?  36 G A C4    1 
ATOM 722  P P     . G A 1 38 ? -1.387  -31.302 -1.531  1.00 140.31 ?  37 G A P     1 
ATOM 723  O OP1   . G A 1 38 ? -1.468  -30.023 -0.771  1.00 141.30 -1 37 G A OP1   1 
ATOM 724  O OP2   . G A 1 38 ? -1.413  -31.218 -3.021  1.00 130.55 ?  37 G A OP2   1 
ATOM 725  O "O5'" . G A 1 38 ? -0.047  -32.042 -1.049  1.00 146.64 ?  37 G A "O5'" 1 
ATOM 726  C "C5'" . G A 1 38 ? 0.485   -31.827 0.290   1.00 138.86 ?  37 G A "C5'" 1 
ATOM 727  C "C4'" . G A 1 38 ? 1.784   -32.586 0.459   1.00 158.56 ?  37 G A "C4'" 1 
ATOM 728  O "O4'" . G A 1 38 ? 1.624   -33.912 -0.105  1.00 164.36 ?  37 G A "O4'" 1 
ATOM 729  C "C3'" . G A 1 38 ? 3.040   -32.001 -0.215  1.00 168.63 ?  37 G A "C3'" 1 
ATOM 730  O "O3'" . G A 1 38 ? 3.838   -31.182 0.643   1.00 163.27 ?  37 G A "O3'" 1 
ATOM 731  C "C2'" . G A 1 38 ? 3.861   -33.236 -0.605  1.00 163.49 ?  37 G A "C2'" 1 
ATOM 732  O "O2'" . G A 1 38 ? 4.898   -33.536 0.305   1.00 166.64 ?  37 G A "O2'" 1 
ATOM 733  C "C1'" . G A 1 38 ? 2.836   -34.368 -0.668  1.00 167.86 ?  37 G A "C1'" 1 
ATOM 734  N N9    . G A 1 38 ? 2.558   -34.839 -2.019  1.00 169.53 ?  37 G A N9    1 
ATOM 735  C C8    . G A 1 38 ? 2.051   -34.087 -3.048  1.00 163.32 ?  37 G A C8    1 
ATOM 736  N N7    . G A 1 38 ? 1.890   -34.769 -4.155  1.00 171.49 ?  37 G A N7    1 
ATOM 737  C C5    . G A 1 38 ? 2.323   -36.051 -3.839  1.00 181.35 ?  37 G A C5    1 
ATOM 738  C C6    . G A 1 38 ? 2.388   -37.219 -4.644  1.00 186.96 ?  37 G A C6    1 
ATOM 739  O O6    . G A 1 38 ? 2.064   -37.351 -5.835  1.00 170.79 ?  37 G A O6    1 
ATOM 740  N N1    . G A 1 38 ? 2.884   -38.309 -3.924  1.00 202.32 ?  37 G A N1    1 
ATOM 741  C C2    . G A 1 38 ? 3.273   -38.278 -2.603  1.00 196.83 ?  37 G A C2    1 
ATOM 742  N N2    . G A 1 38 ? 3.729   -39.425 -2.079  1.00 178.74 ?  37 G A N2    1 
ATOM 743  N N3    . G A 1 38 ? 3.219   -37.181 -1.845  1.00 189.47 ?  37 G A N3    1 
ATOM 744  C C4    . G A 1 38 ? 2.736   -36.108 -2.523  1.00 182.36 ?  37 G A C4    1 
ATOM 745  P P     . U A 1 39 ? 4.229   -29.665 0.261   1.00 157.07 ?  38 U A P     1 
ATOM 746  O OP1   . U A 1 39 ? 3.599   -28.718 1.226   1.00 174.97 ?  38 U A OP1   1 
ATOM 747  O OP2   . U A 1 39 ? 4.018   -29.446 -1.200  1.00 174.94 -1 38 U A OP2   1 
ATOM 748  O "O5'" . U A 1 39 ? 5.792   -29.452 0.493   1.00 123.95 ?  38 U A "O5'" 1 
ATOM 749  C "C5'" . U A 1 39 ? 6.512   -30.353 1.351   1.00 123.45 ?  38 U A "C5'" 1 
ATOM 750  C "C4'" . U A 1 39 ? 7.664   -30.940 0.577   1.00 136.34 ?  38 U A "C4'" 1 
ATOM 751  O "O4'" . U A 1 39 ? 7.189   -32.024 -0.261  1.00 146.65 ?  38 U A "O4'" 1 
ATOM 752  C "C3'" . U A 1 39 ? 8.385   -30.022 -0.423  1.00 134.69 ?  38 U A "C3'" 1 
ATOM 753  O "O3'" . U A 1 39 ? 9.293   -29.111 0.183   1.00 141.47 ?  38 U A "O3'" 1 
ATOM 754  C "C2'" . U A 1 39 ? 9.111   -31.060 -1.283  1.00 126.49 ?  38 U A "C2'" 1 
ATOM 755  O "O2'" . U A 1 39 ? 10.303  -31.538 -0.696  1.00 96.28  ?  38 U A "O2'" 1 
ATOM 756  C "C1'" . U A 1 39 ? 8.050   -32.161 -1.376  1.00 139.38 ?  38 U A "C1'" 1 
ATOM 757  N N1    . U A 1 39 ? 7.253   -32.068 -2.618  1.00 144.47 ?  38 U A N1    1 
ATOM 758  C C2    . U A 1 39 ? 7.841   -32.547 -3.776  1.00 145.42 ?  38 U A C2    1 
ATOM 759  O O2    . U A 1 39 ? 8.959   -33.042 -3.804  1.00 131.49 ?  38 U A O2    1 
ATOM 760  N N3    . U A 1 39 ? 7.068   -32.429 -4.903  1.00 168.56 ?  38 U A N3    1 
ATOM 761  C C4    . U A 1 39 ? 5.799   -31.886 -4.992  1.00 179.60 ?  38 U A C4    1 
ATOM 762  O O4    . U A 1 39 ? 5.233   -31.854 -6.086  1.00 203.78 ?  38 U A O4    1 
ATOM 763  C C5    . U A 1 39 ? 5.261   -31.408 -3.749  1.00 159.95 ?  38 U A C5    1 
ATOM 764  C C6    . U A 1 39 ? 5.996   -31.506 -2.630  1.00 147.67 ?  38 U A C6    1 
ATOM 765  P P     . U A 1 40 ? 9.523   -27.639 -0.422  1.00 142.96 ?  39 U A P     1 
ATOM 766  O OP1   . U A 1 40 ? 10.399  -26.820 0.466   1.00 137.99 ?  39 U A OP1   1 
ATOM 767  O OP2   . U A 1 40 ? 8.220   -27.061 -0.863  1.00 138.50 -1 39 U A OP2   1 
ATOM 768  O "O5'" . U A 1 40 ? 10.358  -27.958 -1.747  1.00 132.78 ?  39 U A "O5'" 1 
ATOM 769  C "C5'" . U A 1 40 ? 11.713  -28.452 -1.628  1.00 119.68 ?  39 U A "C5'" 1 
ATOM 770  C "C4'" . U A 1 40 ? 12.175  -28.923 -2.984  1.00 127.15 ?  39 U A "C4'" 1 
ATOM 771  O "O4'" . U A 1 40 ? 11.254  -29.932 -3.473  1.00 135.35 ?  39 U A "O4'" 1 
ATOM 772  C "C3'" . U A 1 40 ? 12.210  -27.871 -4.104  1.00 133.41 ?  39 U A "C3'" 1 
ATOM 773  O "O3'" . U A 1 40 ? 13.407  -27.102 -4.117  1.00 132.22 ?  39 U A "O3'" 1 
ATOM 774  C "C2'" . U A 1 40 ? 12.086  -28.747 -5.358  1.00 136.62 ?  39 U A "C2'" 1 
ATOM 775  O "O2'" . U A 1 40 ? 13.306  -29.309 -5.799  1.00 132.82 ?  39 U A "O2'" 1 
ATOM 776  C "C1'" . U A 1 40 ? 11.123  -29.840 -4.877  1.00 129.70 ?  39 U A "C1'" 1 
ATOM 777  N N1    . U A 1 40 ? 9.718   -29.539 -5.217  1.00 118.33 ?  39 U A N1    1 
ATOM 778  C C2    . U A 1 40 ? 9.318   -29.806 -6.514  1.00 124.37 ?  39 U A C2    1 
ATOM 779  O O2    . U A 1 40 ? 10.059  -30.300 -7.354  1.00 125.91 ?  39 U A O2    1 
ATOM 780  N N3    . U A 1 40 ? 8.015   -29.480 -6.796  1.00 137.53 ?  39 U A N3    1 
ATOM 781  C C4    . U A 1 40 ? 7.090   -28.924 -5.932  1.00 137.60 ?  39 U A C4    1 
ATOM 782  O O4    . U A 1 40 ? 5.950   -28.696 -6.336  1.00 134.43 ?  39 U A O4    1 
ATOM 783  C C5    . U A 1 40 ? 7.581   -28.676 -4.603  1.00 120.10 ?  39 U A C5    1 
ATOM 784  C C6    . U A 1 40 ? 8.855   -28.978 -4.302  1.00 112.77 ?  39 U A C6    1 
ATOM 785  P P     . C A 1 41 ? 13.448  -25.605 -4.713  1.00 128.13 ?  40 C A P     1 
ATOM 786  O OP1   . C A 1 41 ? 14.732  -24.935 -4.359  1.00 122.06 ?  40 C A OP1   1 
ATOM 787  O OP2   . C A 1 41 ? 12.174  -24.944 -4.318  1.00 139.71 -1 40 C A OP2   1 
ATOM 788  O "O5'" . C A 1 41 ? 13.427  -25.756 -6.306  1.00 104.41 ?  40 C A "O5'" 1 
ATOM 789  C "C5'" . C A 1 41 ? 14.597  -26.299 -6.948  1.00 95.38  ?  40 C A "C5'" 1 
ATOM 790  C "C4'" . C A 1 41 ? 14.285  -26.583 -8.394  1.00 97.39  ?  40 C A "C4'" 1 
ATOM 791  O "O4'" . C A 1 41 ? 13.132  -27.454 -8.463  1.00 96.62  ?  40 C A "O4'" 1 
ATOM 792  C "C3'" . C A 1 41 ? 13.891  -25.378 -9.259  1.00 92.32  ?  40 C A "C3'" 1 
ATOM 793  O "O3'" . C A 1 41 ? 15.030  -24.713 -9.785  1.00 93.37  ?  40 C A "O3'" 1 
ATOM 794  C "C2'" . C A 1 41 ? 13.079  -26.034 -10.382 1.00 86.22  ?  40 C A "C2'" 1 
ATOM 795  O "O2'" . C A 1 41 ? 13.839  -26.544 -11.460 1.00 75.60  ?  40 C A "O2'" 1 
ATOM 796  C "C1'" . C A 1 41 ? 12.404  -27.197 -9.646  1.00 90.44  ?  40 C A "C1'" 1 
ATOM 797  N N1    . C A 1 41 ? 10.997  -26.909 -9.264  1.00 91.81  ?  40 C A N1    1 
ATOM 798  C C2    . C A 1 41 ? 9.994   -27.044 -10.234 1.00 86.75  ?  40 C A C2    1 
ATOM 799  O O2    . C A 1 41 ? 10.307  -27.401 -11.381 1.00 75.71  ?  40 C A O2    1 
ATOM 800  N N3    . C A 1 41 ? 8.709   -26.785 -9.890  1.00 85.68  ?  40 C A N3    1 
ATOM 801  C C4    . C A 1 41 ? 8.407   -26.412 -8.640  1.00 86.06  ?  40 C A C4    1 
ATOM 802  N N4    . C A 1 41 ? 7.137   -26.178 -8.362  1.00 87.27  ?  40 C A N4    1 
ATOM 803  C C5    . C A 1 41 ? 9.411   -26.269 -7.641  1.00 90.91  ?  40 C A C5    1 
ATOM 804  C C6    . C A 1 41 ? 10.682  -26.525 -7.990  1.00 91.75  ?  40 C A C6    1 
ATOM 805  P P     . U A 1 42 ? 15.048  -23.114 -9.940  1.00 96.40  ?  41 U A P     1 
ATOM 806  O OP1   . U A 1 42 ? 16.420  -22.663 -10.309 1.00 92.87  ?  41 U A OP1   1 
ATOM 807  O OP2   . U A 1 42 ? 14.422  -22.559 -8.702  1.00 98.34  -1 41 U A OP2   1 
ATOM 808  O "O5'" . U A 1 42 ? 14.105  -22.879 -11.211 1.00 82.18  ?  41 U A "O5'" 1 
ATOM 809  C "C5'" . U A 1 42 ? 14.628  -23.210 -12.518 1.00 78.23  ?  41 U A "C5'" 1 
ATOM 810  C "C4'" . U A 1 42 ? 13.539  -23.152 -13.561 1.00 83.75  ?  41 U A "C4'" 1 
ATOM 811  O "O4'" . U A 1 42 ? 12.510  -24.137 -13.288 1.00 88.50  ?  41 U A "O4'" 1 
ATOM 812  C "C3'" . U A 1 42 ? 12.745  -21.848 -13.694 1.00 79.48  ?  41 U A "C3'" 1 
ATOM 813  O "O3'" . U A 1 42 ? 13.490  -20.853 -14.379 1.00 87.85  ?  41 U A "O3'" 1 
ATOM 814  C "C2'" . U A 1 42 ? 11.546  -22.350 -14.506 1.00 69.49  ?  41 U A "C2'" 1 
ATOM 815  O "O2'" . U A 1 42 ? 11.849  -22.616 -15.859 1.00 51.75  ?  41 U A "O2'" 1 
ATOM 816  C "C1'" . U A 1 42 ? 11.275  -23.685 -13.807 1.00 75.13  ?  41 U A "C1'" 1 
ATOM 817  N N1    . U A 1 42 ? 10.319  -23.549 -12.697 1.00 77.16  ?  41 U A N1    1 
ATOM 818  C C2    . U A 1 42 ? 8.976   -23.634 -13.011 1.00 98.62  ?  41 U A C2    1 
ATOM 819  O O2    . U A 1 42 ? 8.571   -23.830 -14.151 1.00 111.39 ?  41 U A O2    1 
ATOM 820  N N3    . U A 1 42 ? 8.120   -23.482 -11.944 1.00 115.60 ?  41 U A N3    1 
ATOM 821  C C4    . U A 1 42 ? 8.469   -23.261 -10.624 1.00 107.37 ?  41 U A C4    1 
ATOM 822  O O4    . U A 1 42 ? 7.586   -23.140 -9.777  1.00 105.68 ?  41 U A O4    1 
ATOM 823  C C5    . U A 1 42 ? 9.882   -23.191 -10.379 1.00 96.50  ?  41 U A C5    1 
ATOM 824  C C6    . U A 1 42 ? 10.737  -23.330 -11.405 1.00 83.82  ?  41 U A C6    1 
ATOM 825  P P     . G A 1 43 ? 13.271  -19.290 -14.070 1.00 95.61  ?  42 G A P     1 
ATOM 826  O OP1   . G A 1 43 ? 14.218  -18.477 -14.890 1.00 81.88  ?  42 G A OP1   1 
ATOM 827  O OP2   . G A 1 43 ? 13.312  -19.135 -12.584 1.00 96.19  -1 42 G A OP2   1 
ATOM 828  O "O5'" . G A 1 43 ? 11.796  -19.033 -14.654 1.00 86.80  ?  42 G A "O5'" 1 
ATOM 829  C "C5'" . G A 1 43 ? 11.636  -18.861 -16.095 1.00 77.78  ?  42 G A "C5'" 1 
ATOM 830  C "C4'" . G A 1 43 ? 10.183  -18.744 -16.505 1.00 69.52  ?  42 G A "C4'" 1 
ATOM 831  O "O4'" . G A 1 43 ? 9.442   -19.913 -16.067 1.00 74.73  ?  42 G A "O4'" 1 
ATOM 832  C "C3'" . G A 1 43 ? 9.365   -17.585 -15.926 1.00 63.91  ?  42 G A "C3'" 1 
ATOM 833  O "O3'" . G A 1 43 ? 9.544   -16.312 -16.529 1.00 62.49  ?  42 G A "O3'" 1 
ATOM 834  C "C2'" . G A 1 43 ? 7.953   -18.108 -16.186 1.00 62.70  ?  42 G A "C2'" 1 
ATOM 835  O "O2'" . G A 1 43 ? 7.628   -18.000 -17.551 1.00 64.25  ?  42 G A "O2'" 1 
ATOM 836  C "C1'" . G A 1 43 ? 8.107   -19.561 -15.758 1.00 66.43  ?  42 G A "C1'" 1 
ATOM 837  N N9    . G A 1 43 ? 7.841   -19.761 -14.334 1.00 71.18  ?  42 G A N9    1 
ATOM 838  C C8    . G A 1 43 ? 8.754   -19.872 -13.313 1.00 75.77  ?  42 G A C8    1 
ATOM 839  N N7    . G A 1 43 ? 8.206   -20.005 -12.128 1.00 83.04  ?  42 G A N7    1 
ATOM 840  C C5    . G A 1 43 ? 6.840   -19.975 -12.382 1.00 80.25  ?  42 G A C5    1 
ATOM 841  C C6    . G A 1 43 ? 5.741   -20.064 -11.488 1.00 86.43  ?  42 G A C6    1 
ATOM 842  O O6    . G A 1 43 ? 5.770   -20.200 -10.257 1.00 97.56  ?  42 G A O6    1 
ATOM 843  N N1    . G A 1 43 ? 4.518   -19.973 -12.158 1.00 82.55  ?  42 G A N1    1 
ATOM 844  C C2    . G A 1 43 ? 4.378   -19.822 -13.516 1.00 79.90  ?  42 G A C2    1 
ATOM 845  N N2    . G A 1 43 ? 3.130   -19.767 -13.991 1.00 82.49  ?  42 G A N2    1 
ATOM 846  N N3    . G A 1 43 ? 5.405   -19.737 -14.360 1.00 81.06  ?  42 G A N3    1 
ATOM 847  C C4    . G A 1 43 ? 6.603   -19.817 -13.731 1.00 75.78  ?  42 G A C4    1 
ATOM 848  P P     . G A 1 44 ? 9.330   -14.973 -15.649 1.00 63.51  ?  43 G A P     1 
ATOM 849  O OP1   . G A 1 44 ? 9.557   -13.705 -16.398 1.00 66.63  ?  43 G A OP1   1 
ATOM 850  O OP2   . G A 1 44 ? 10.079  -15.143 -14.370 1.00 64.21  -1 43 G A OP2   1 
ATOM 851  O "O5'" . G A 1 44 ? 7.752   -14.947 -15.396 1.00 55.12  ?  43 G A "O5'" 1 
ATOM 852  C "C5'" . G A 1 44 ? 6.880   -14.760 -16.544 1.00 53.46  ?  43 G A "C5'" 1 
ATOM 853  C "C4'" . G A 1 44 ? 5.438   -14.801 -16.112 1.00 51.85  ?  43 G A "C4'" 1 
ATOM 854  O "O4'" . G A 1 44 ? 5.125   -16.094 -15.539 1.00 53.07  ?  43 G A "O4'" 1 
ATOM 855  C "C3'" . G A 1 44 ? 5.029   -13.828 -15.004 1.00 49.08  ?  43 G A "C3'" 1 
ATOM 856  O "O3'" . G A 1 44 ? 4.778   -12.529 -15.498 1.00 49.47  ?  43 G A "O3'" 1 
ATOM 857  C "C2'" . G A 1 44 ? 3.732   -14.471 -14.525 1.00 45.19  ?  43 G A "C2'" 1 
ATOM 858  O "O2'" . G A 1 44 ? 2.676   -14.167 -15.407 1.00 44.00  ?  43 G A "O2'" 1 
ATOM 859  C "C1'" . G A 1 44 ? 4.137   -15.942 -14.537 1.00 46.97  ?  43 G A "C1'" 1 
ATOM 860  N N9    . G A 1 44 ? 4.665   -16.358 -13.247 1.00 44.32  ?  43 G A N9    1 
ATOM 861  C C8    . G A 1 44 ? 5.971   -16.570 -12.899 1.00 44.93  ?  43 G A C8    1 
ATOM 862  N N7    . G A 1 44 ? 6.123   -16.890 -11.638 1.00 48.16  ?  43 G A N7    1 
ATOM 863  C C5    . G A 1 44 ? 4.836   -16.882 -11.127 1.00 48.55  ?  43 G A C5    1 
ATOM 864  C C6    . G A 1 44 ? 4.375   -17.149 -9.818  1.00 53.83  ?  43 G A C6    1 
ATOM 865  O O6    . G A 1 44 ? 5.038   -17.462 -8.823  1.00 56.02  ?  43 G A O6    1 
ATOM 866  N N1    . G A 1 44 ? 2.993   -17.010 -9.725  1.00 56.60  ?  43 G A N1    1 
ATOM 867  C C2    . G A 1 44 ? 2.163   -16.668 -10.761 1.00 55.41  ?  43 G A C2    1 
ATOM 868  N N2    . G A 1 44 ? 0.857   -16.600 -10.474 1.00 57.19  ?  43 G A N2    1 
ATOM 869  N N3    . G A 1 44 ? 2.594   -16.417 -11.996 1.00 50.73  ?  43 G A N3    1 
ATOM 870  C C4    . G A 1 44 ? 3.933   -16.546 -12.105 1.00 46.48  ?  43 G A C4    1 
ATOM 871  P P     . C A 1 45 ? 5.228   -11.254 -14.634 1.00 52.41  ?  44 C A P     1 
ATOM 872  O OP1   . C A 1 45 ? 4.935   -10.055 -15.467 1.00 62.36  ?  44 C A OP1   1 
ATOM 873  O OP2   . C A 1 45 ? 6.592   -11.382 -14.038 1.00 49.37  -1 44 C A OP2   1 
ATOM 874  O "O5'" . C A 1 45 ? 4.129   -11.309 -13.476 1.00 49.99  ?  44 C A "O5'" 1 
ATOM 875  C "C5'" . C A 1 45 ? 2.754   -11.039 -13.836 1.00 53.57  ?  44 C A "C5'" 1 
ATOM 876  C "C4'" . C A 1 45 ? 1.848   -11.319 -12.665 1.00 49.35  ?  44 C A "C4'" 1 
ATOM 877  O "O4'" . C A 1 45 ? 2.031   -12.687 -12.207 1.00 51.03  ?  44 C A "O4'" 1 
ATOM 878  C "C3'" . C A 1 45 ? 2.114   -10.470 -11.420 1.00 47.76  ?  44 C A "C3'" 1 
ATOM 879  O "O3'" . C A 1 45 ? 1.534   -9.181  -11.583 1.00 50.27  ?  44 C A "O3'" 1 
ATOM 880  C "C2'" . C A 1 45 ? 1.462   -11.352 -10.357 1.00 47.67  ?  44 C A "C2'" 1 
ATOM 881  O "O2'" . C A 1 45 ? 0.059   -11.349 -10.492 1.00 48.43  ?  44 C A "O2'" 1 
ATOM 882  C "C1'" . C A 1 45 ? 1.958   -12.734 -10.798 1.00 48.62  ?  44 C A "C1'" 1 
ATOM 883  N N1    . C A 1 45 ? 3.302   -13.095 -10.261 1.00 46.73  ?  44 C A N1    1 
ATOM 884  C C2    . C A 1 45 ? 3.402   -13.577 -8.956  1.00 45.08  ?  44 C A C2    1 
ATOM 885  O O2    . C A 1 45 ? 2.378   -13.691 -8.272  1.00 46.78  ?  44 C A O2    1 
ATOM 886  N N3    . C A 1 45 ? 4.613   -13.901 -8.467  1.00 47.85  ?  44 C A N3    1 
ATOM 887  C C4    . C A 1 45 ? 5.704   -13.771 -9.228  1.00 51.85  ?  44 C A C4    1 
ATOM 888  N N4    . C A 1 45 ? 6.869   -14.114 -8.706  1.00 64.46  ?  44 C A N4    1 
ATOM 889  C C5    . C A 1 45 ? 5.632   -13.284 -10.554 1.00 46.93  ?  44 C A C5    1 
ATOM 890  C C6    . C A 1 45 ? 4.422   -12.969 -11.027 1.00 45.98  ?  44 C A C6    1 
ATOM 891  P P     . G A 1 46 ? 2.429   -7.842  -11.635 1.00 47.63  ?  45 G A P     1 
ATOM 892  O OP1   . G A 1 46 ? 2.719   -7.307  -12.992 1.00 48.38  ?  45 G A OP1   1 
ATOM 893  O OP2   . G A 1 46 ? 3.601   -8.074  -10.751 1.00 49.73  -1 45 G A OP2   1 
ATOM 894  O "O5'" . G A 1 46 ? 1.375   -6.840  -10.980 1.00 37.27  ?  45 G A "O5'" 1 
ATOM 895  C "C5'" . G A 1 46 ? 1.078   -7.032  -9.600  1.00 31.75  ?  45 G A "C5'" 1 
ATOM 896  C "C4'" . G A 1 46 ? 0.143   -5.955  -9.122  1.00 32.69  ?  45 G A "C4'" 1 
ATOM 897  O "O4'" . G A 1 46 ? 0.715   -4.630  -9.222  1.00 33.13  ?  45 G A "O4'" 1 
ATOM 898  C "C3'" . G A 1 46 ? -1.147  -5.751  -9.889  1.00 31.61  ?  45 G A "C3'" 1 
ATOM 899  O "O3'" . G A 1 46 ? -1.972  -6.870  -9.670  1.00 36.23  ?  45 G A "O3'" 1 
ATOM 900  C "C2'" . G A 1 46 ? -1.624  -4.490  -9.181  1.00 29.17  ?  45 G A "C2'" 1 
ATOM 901  O "O2'" . G A 1 46 ? -2.032  -4.829  -7.876  1.00 28.05  ?  45 G A "O2'" 1 
ATOM 902  C "C1'" . G A 1 46 ? -0.329  -3.688  -9.108  1.00 29.47  ?  45 G A "C1'" 1 
ATOM 903  N N9    . G A 1 46 ? -0.157  -2.726  -10.183 1.00 30.35  ?  45 G A N9    1 
ATOM 904  C C8    . G A 1 46 ? 0.833   -2.740  -11.127 1.00 31.32  ?  45 G A C8    1 
ATOM 905  N N7    . G A 1 46 ? 0.765   -1.747  -11.978 1.00 31.50  ?  45 G A N7    1 
ATOM 906  C C5    . G A 1 46 ? -0.351  -1.036  -11.568 1.00 34.22  ?  45 G A C5    1 
ATOM 907  C C6    . G A 1 46 ? -0.932  0.139   -12.107 1.00 36.46  ?  45 G A C6    1 
ATOM 908  O O6    . G A 1 46 ? -0.569  0.813   -13.078 1.00 41.57  ?  45 G A O6    1 
ATOM 909  N N1    . G A 1 46 ? -2.050  0.534   -11.389 1.00 34.25  ?  45 G A N1    1 
ATOM 910  C C2    . G A 1 46 ? -2.547  -0.119  -10.297 1.00 33.76  ?  45 G A C2    1 
ATOM 911  N N2    . G A 1 46 ? -3.635  0.412   -9.742  1.00 34.42  ?  45 G A N2    1 
ATOM 912  N N3    . G A 1 46 ? -2.013  -1.223  -9.779  1.00 35.72  ?  45 G A N3    1 
ATOM 913  C C4    . G A 1 46 ? -0.921  -1.626  -10.464 1.00 33.23  ?  45 G A C4    1 
ATOM 914  P P     . C A 1 47 ? -2.882  -7.376  -10.886 1.00 44.77  ?  46 C A P     1 
ATOM 915  O OP1   . C A 1 47 ? -3.614  -8.615  -10.506 1.00 50.86  ?  46 C A OP1   1 
ATOM 916  O OP2   . C A 1 47 ? -1.985  -7.437  -12.078 1.00 43.93  -1 46 C A OP2   1 
ATOM 917  O "O5'" . C A 1 47 ? -3.955  -6.187  -10.925 1.00 37.44  ?  46 C A "O5'" 1 
ATOM 918  C "C5'" . C A 1 47 ? -4.893  -6.083  -9.826  1.00 34.52  ?  46 C A "C5'" 1 
ATOM 919  C "C4'" . C A 1 47 ? -5.748  -4.865  -10.033 1.00 33.60  ?  46 C A "C4'" 1 
ATOM 920  O "O4'" . C A 1 47 ? -4.922  -3.683  -10.016 1.00 32.90  ?  46 C A "O4'" 1 
ATOM 921  C "C3'" . C A 1 47 ? -6.410  -4.812  -11.403 1.00 36.50  ?  46 C A "C3'" 1 
ATOM 922  O "O3'" . C A 1 47 ? -7.592  -5.572  -11.314 1.00 42.80  ?  46 C A "O3'" 1 
ATOM 923  C "C2'" . C A 1 47 ? -6.637  -3.317  -11.627 1.00 33.87  ?  46 C A "C2'" 1 
ATOM 924  O "O2'" . C A 1 47 ? -7.854  -2.835  -11.111 1.00 34.27  ?  46 C A "O2'" 1 
ATOM 925  C "C1'" . C A 1 47 ? -5.398  -2.732  -10.939 1.00 32.82  ?  46 C A "C1'" 1 
ATOM 926  N N1    . C A 1 47 ? -4.335  -2.505  -11.944 1.00 32.00  ?  46 C A N1    1 
ATOM 927  C C2    . C A 1 47 ? -4.532  -1.443  -12.827 1.00 32.96  ?  46 C A C2    1 
ATOM 928  O O2    . C A 1 47 ? -5.536  -0.727  -12.679 1.00 31.19  ?  46 C A O2    1 
ATOM 929  N N3    . C A 1 47 ? -3.616  -1.228  -13.806 1.00 33.05  ?  46 C A N3    1 
ATOM 930  C C4    . C A 1 47 ? -2.565  -2.052  -13.938 1.00 29.72  ?  46 C A C4    1 
ATOM 931  N N4    . C A 1 47 ? -1.698  -1.804  -14.906 1.00 25.34  ?  46 C A N4    1 
ATOM 932  C C5    . C A 1 47 ? -2.375  -3.152  -13.055 1.00 29.73  ?  46 C A C5    1 
ATOM 933  C C6    . C A 1 47 ? -3.279  -3.353  -12.084 1.00 28.92  ?  46 C A C6    1 
ATOM 934  P P     . C A 1 48 ? -8.013  -6.493  -12.547 1.00 50.49  ?  47 C A P     1 
ATOM 935  O OP1   . C A 1 48 ? -9.088  -7.423  -12.091 1.00 47.12  ?  47 C A OP1   1 
ATOM 936  O OP2   . C A 1 48 ? -6.766  -7.079  -13.122 1.00 58.99  -1 47 C A OP2   1 
ATOM 937  O "O5'" . C A 1 48 ? -8.496  -5.329  -13.537 1.00 47.98  ?  47 C A "O5'" 1 
ATOM 938  C "C5'" . C A 1 48 ? -9.706  -4.608  -13.204 1.00 46.50  ?  47 C A "C5'" 1 
ATOM 939  C "C4'" . C A 1 48 ? -9.933  -3.475  -14.173 1.00 43.83  ?  47 C A "C4'" 1 
ATOM 940  O "O4'" . C A 1 48 ? -8.825  -2.546  -14.116 1.00 45.48  ?  47 C A "O4'" 1 
ATOM 941  C "C3'" . C A 1 48 ? -9.984  -3.873  -15.644 1.00 41.24  ?  47 C A "C3'" 1 
ATOM 942  O "O3'" . C A 1 48 ? -11.272 -4.349  -15.941 1.00 43.92  ?  47 C A "O3'" 1 
ATOM 943  C "C2'" . C A 1 48 ? -9.658  -2.560  -16.346 1.00 37.82  ?  47 C A "C2'" 1 
ATOM 944  O "O2'" . C A 1 48 ? -10.786 -1.732  -16.393 1.00 35.64  ?  47 C A "O2'" 1 
ATOM 945  C "C1'" . C A 1 48 ? -8.652  -1.939  -15.379 1.00 41.07  ?  47 C A "C1'" 1 
ATOM 946  N N1    . C A 1 48 ? -7.255  -2.173  -15.819 1.00 42.16  ?  47 C A N1    1 
ATOM 947  C C2    . C A 1 48 ? -6.774  -1.366  -16.850 1.00 40.18  ?  47 C A C2    1 
ATOM 948  O O2    . C A 1 48 ? -7.528  -0.505  -17.323 1.00 37.52  ?  47 C A O2    1 
ATOM 949  N N3    . C A 1 48 ? -5.505  -1.541  -17.290 1.00 39.38  ?  47 C A N3    1 
ATOM 950  C C4    . C A 1 48 ? -4.733  -2.479  -16.733 1.00 36.79  ?  47 C A C4    1 
ATOM 951  N N4    . C A 1 48 ? -3.506  -2.592  -17.192 1.00 33.38  ?  47 C A N4    1 
ATOM 952  C C5    . C A 1 48 ? -5.208  -3.318  -15.678 1.00 37.77  ?  47 C A C5    1 
ATOM 953  C C6    . C A 1 48 ? -6.468  -3.138  -15.253 1.00 39.44  ?  47 C A C6    1 
ATOM 954  P P     . G A 1 49 a -11.402 -5.474  -17.070 1.00 53.86  ?  47 G A P     1 
ATOM 955  O OP1   . G A 1 49 a -12.809 -5.959  -17.012 1.00 54.75  ?  47 G A OP1   1 
ATOM 956  O OP2   . G A 1 49 a -10.286 -6.445  -16.872 1.00 53.47  -1 47 G A OP2   1 
ATOM 957  O "O5'" . G A 1 49 a -11.128 -4.701  -18.442 1.00 45.47  ?  47 G A "O5'" 1 
ATOM 958  C "C5'" . G A 1 49 a -12.076 -3.693  -18.850 1.00 40.03  ?  47 G A "C5'" 1 
ATOM 959  C "C4'" . G A 1 49 a -11.566 -3.018  -20.093 1.00 39.54  ?  47 G A "C4'" 1 
ATOM 960  O "O4'" . G A 1 49 a -10.396 -2.223  -19.795 1.00 36.81  ?  47 G A "O4'" 1 
ATOM 961  C "C3'" . G A 1 49 a -11.059 -3.916  -21.218 1.00 40.56  ?  47 G A "C3'" 1 
ATOM 962  O "O3'" . G A 1 49 a -12.095 -4.357  -22.073 1.00 51.01  ?  47 G A "O3'" 1 
ATOM 963  C "C2'" . G A 1 49 a -10.316 -2.880  -22.050 1.00 38.93  ?  47 G A "C2'" 1 
ATOM 964  O "O2'" . G A 1 49 a -11.233 -2.170  -22.854 1.00 43.17  ?  47 G A "O2'" 1 
ATOM 965  C "C1'" . G A 1 49 a -9.615  -2.082  -20.957 1.00 36.42  ?  47 G A "C1'" 1 
ATOM 966  N N9    . G A 1 49 a -8.301  -2.656  -20.716 1.00 40.49  ?  47 G A N9    1 
ATOM 967  C C8    . G A 1 49 a -7.990  -3.687  -19.865 1.00 44.45  ?  47 G A C8    1 
ATOM 968  N N7    . G A 1 49 a -6.726  -4.035  -19.909 1.00 42.69  ?  47 G A N7    1 
ATOM 969  C C5    . G A 1 49 a -6.182  -3.196  -20.865 1.00 40.13  ?  47 G A C5    1 
ATOM 970  C C6    . G A 1 49 a -4.860  -3.121  -21.345 1.00 44.93  ?  47 G A C6    1 
ATOM 971  O O6    . G A 1 49 a -3.893  -3.819  -21.019 1.00 56.44  ?  47 G A O6    1 
ATOM 972  N N1    . G A 1 49 a -4.717  -2.125  -22.306 1.00 44.18  ?  47 G A N1    1 
ATOM 973  C C2    . G A 1 49 a -5.727  -1.316  -22.747 1.00 42.85  ?  47 G A C2    1 
ATOM 974  N N2    . G A 1 49 a -5.398  -0.429  -23.691 1.00 45.84  ?  47 G A N2    1 
ATOM 975  N N3    . G A 1 49 a -6.982  -1.391  -22.312 1.00 40.35  ?  47 G A N3    1 
ATOM 976  C C4    . G A 1 49 a -7.135  -2.353  -21.376 1.00 39.54  ?  47 G A C4    1 
ATOM 977  P P     . C A 1 50 b -12.387 -5.920  -22.241 1.00 62.15  ?  47 C A P     1 
ATOM 978  O OP1   . C A 1 50 b -13.688 -6.088  -22.948 1.00 67.70  ?  47 C A OP1   1 
ATOM 979  O OP2   . C A 1 50 b -12.172 -6.584  -20.920 1.00 64.19  -1 47 C A OP2   1 
ATOM 980  O "O5'" . C A 1 50 b -11.205 -6.308  -23.230 1.00 58.88  ?  47 C A "O5'" 1 
ATOM 981  C "C5'" . C A 1 50 b -10.932 -7.710  -23.468 1.00 59.76  ?  47 C A "C5'" 1 
ATOM 982  C "C4'" . C A 1 50 b -10.220 -7.855  -24.789 1.00 56.67  ?  47 C A "C4'" 1 
ATOM 983  O "O4'" . C A 1 50 b -11.193 -7.868  -25.856 1.00 48.12  ?  47 C A "O4'" 1 
ATOM 984  C "C3'" . C A 1 50 b -9.258  -6.713  -25.143 1.00 57.68  ?  47 C A "C3'" 1 
ATOM 985  O "O3'" . C A 1 50 b -7.959  -6.965  -24.623 1.00 59.13  ?  47 C A "O3'" 1 
ATOM 986  C "C2'" . C A 1 50 b -9.284  -6.700  -26.667 1.00 50.30  ?  47 C A "C2'" 1 
ATOM 987  O "O2'" . C A 1 50 b -8.364  -7.611  -27.212 1.00 52.95  ?  47 C A "O2'" 1 
ATOM 988  C "C1'" . C A 1 50 b -10.728 -7.114  -26.952 1.00 50.58  ?  47 C A "C1'" 1 
ATOM 989  N N1    . C A 1 50 b -11.626 -5.947  -27.154 1.00 55.69  ?  47 C A N1    1 
ATOM 990  C C2    . C A 1 50 b -11.568 -5.285  -28.386 1.00 59.95  ?  47 C A C2    1 
ATOM 991  O O2    . C A 1 50 b -10.779 -5.695  -29.254 1.00 71.89  ?  47 C A O2    1 
ATOM 992  N N3    . C A 1 50 b -12.370 -4.215  -28.593 1.00 52.78  ?  47 C A N3    1 
ATOM 993  C C4    . C A 1 50 b -13.208 -3.804  -27.640 1.00 49.80  ?  47 C A C4    1 
ATOM 994  N N4    . C A 1 50 b -13.962 -2.748  -27.898 1.00 48.93  ?  47 C A N4    1 
ATOM 995  C C5    . C A 1 50 b -13.286 -4.465  -26.386 1.00 53.55  ?  47 C A C5    1 
ATOM 996  C C6    . C A 1 50 b -12.486 -5.521  -26.184 1.00 53.93  ?  47 C A C6    1 
ATOM 997  P P     . A A 1 51 c -7.152  -5.834  -23.819 1.00 54.69  ?  47 A A P     1 
ATOM 998  O OP1   . A A 1 51 c -6.409  -6.449  -22.682 1.00 62.29  ?  47 A A OP1   1 
ATOM 999  O OP2   . A A 1 51 c -7.913  -4.596  -23.512 1.00 50.54  -1 47 A A OP2   1 
ATOM 1000 O "O5'" . A A 1 51 c -6.293  -5.637  -25.152 1.00 46.20  ?  47 A A "O5'" 1 
ATOM 1001 C "C5'" . A A 1 51 c -5.693  -4.357  -25.375 1.00 43.97  ?  47 A A "C5'" 1 
ATOM 1002 C "C4'" . A A 1 51 c -5.743  -3.998  -26.840 1.00 45.98  ?  47 A A "C4'" 1 
ATOM 1003 O "O4'" . A A 1 51 c -7.022  -4.353  -27.424 1.00 45.04  ?  47 A A "O4'" 1 
ATOM 1004 C "C3'" . A A 1 51 c -5.523  -2.507  -27.115 1.00 43.84  ?  47 A A "C3'" 1 
ATOM 1005 O "O3'" . A A 1 51 c -4.194  -2.329  -27.584 1.00 40.84  ?  47 A A "O3'" 1 
ATOM 1006 C "C2'" . A A 1 51 c -6.518  -2.178  -28.229 1.00 44.31  ?  47 A A "C2'" 1 
ATOM 1007 O "O2'" . A A 1 51 c -5.971  -2.228  -29.522 1.00 48.94  ?  47 A A "O2'" 1 
ATOM 1008 C "C1'" . A A 1 51 c -7.598  -3.245  -28.076 1.00 46.14  ?  47 A A "C1'" 1 
ATOM 1009 N N9    . A A 1 51 c -8.704  -2.758  -27.272 1.00 52.25  ?  47 A A N9    1 
ATOM 1010 C C8    . A A 1 51 c -9.053  -3.185  -26.017 1.00 56.22  ?  47 A A C8    1 
ATOM 1011 N N7    . A A 1 51 c -10.079 -2.546  -25.512 1.00 55.11  ?  47 A A N7    1 
ATOM 1012 C C5    . A A 1 51 c -10.398 -1.610  -26.480 1.00 48.03  ?  47 A A C5    1 
ATOM 1013 C C6    . A A 1 51 c -11.386 -0.626  -26.527 1.00 42.56  ?  47 A A C6    1 
ATOM 1014 N N6    . A A 1 51 c -12.242 -0.434  -25.533 1.00 45.90  ?  47 A A N6    1 
ATOM 1015 N N1    . A A 1 51 c -11.450 0.150   -27.630 1.00 41.40  ?  47 A A N1    1 
ATOM 1016 C C2    . A A 1 51 c -10.575 -0.081  -28.616 1.00 48.28  ?  47 A A C2    1 
ATOM 1017 N N3    . A A 1 51 c -9.600  -0.982  -28.685 1.00 50.63  ?  47 A A N3    1 
ATOM 1018 C C4    . A A 1 51 c -9.562  -1.726  -27.571 1.00 51.25  ?  47 A A C4    1 
ATOM 1019 P P     . A A 1 52 d -3.146  -1.333  -26.886 1.00 35.62  ?  47 A A P     1 
ATOM 1020 O OP1   . A A 1 52 d -1.815  -1.554  -27.518 1.00 33.94  ?  47 A A OP1   1 
ATOM 1021 O OP2   . A A 1 52 d -3.288  -1.308  -25.397 1.00 40.35  -1 47 A A OP2   1 
ATOM 1022 O "O5'" . A A 1 52 d -3.558  0.058   -27.525 1.00 34.67  ?  47 A A "O5'" 1 
ATOM 1023 C "C5'" . A A 1 52 d -3.051  0.337   -28.842 1.00 37.33  ?  47 A A "C5'" 1 
ATOM 1024 C "C4'" . A A 1 52 d -3.768  1.554   -29.358 1.00 42.07  ?  47 A A "C4'" 1 
ATOM 1025 O "O4'" . A A 1 52 d -5.195  1.299   -29.402 1.00 41.58  ?  47 A A "O4'" 1 
ATOM 1026 C "C3'" . A A 1 52 d -3.609  2.770   -28.446 1.00 46.31  ?  47 A A "C3'" 1 
ATOM 1027 O "O3'" . A A 1 52 d -2.388  3.395   -28.816 1.00 50.28  ?  47 A A "O3'" 1 
ATOM 1028 C "C2'" . A A 1 52 d -4.898  3.556   -28.702 1.00 42.61  ?  47 A A "C2'" 1 
ATOM 1029 O "O2'" . A A 1 52 d -4.739  4.471   -29.762 1.00 38.91  ?  47 A A "O2'" 1 
ATOM 1030 C "C1'" . A A 1 52 d -5.907  2.439   -28.976 1.00 42.57  ?  47 A A "C1'" 1 
ATOM 1031 N N9    . A A 1 52 d -6.722  2.074   -27.825 1.00 42.94  ?  47 A A N9    1 
ATOM 1032 C C8    . A A 1 52 d -6.350  1.256   -26.793 1.00 45.56  ?  47 A A C8    1 
ATOM 1033 N N7    . A A 1 52 d -7.290  1.097   -25.897 1.00 48.74  ?  47 A A N7    1 
ATOM 1034 C C5    . A A 1 52 d -8.355  1.844   -26.375 1.00 48.69  ?  47 A A C5    1 
ATOM 1035 C C6    . A A 1 52 d -9.640  2.099   -25.863 1.00 54.57  ?  47 A A C6    1 
ATOM 1036 N N6    . A A 1 52 d -10.091 1.598   -24.721 1.00 68.80  ?  47 A A N6    1 
ATOM 1037 N N1    . A A 1 52 d -10.458 2.899   -26.583 1.00 52.54  ?  47 A A N1    1 
ATOM 1038 C C2    . A A 1 52 d -9.999  3.394   -27.733 1.00 48.66  ?  47 A A C2    1 
ATOM 1039 N N3    . A A 1 52 d -8.806  3.251   -28.294 1.00 47.39  ?  47 A A N3    1 
ATOM 1040 C C4    . A A 1 52 d -8.016  2.452   -27.562 1.00 45.31  ?  47 A A C4    1 
ATOM 1041 P P     . G A 1 53 e -1.373  3.995   -27.725 1.00 50.20  ?  47 G A P     1 
ATOM 1042 O OP1   . G A 1 53 e -1.400  5.472   -27.954 1.00 46.75  -1 47 G A OP1   1 
ATOM 1043 O OP2   . G A 1 53 e -0.060  3.286   -27.714 1.00 48.72  ?  47 G A OP2   1 
ATOM 1044 O "O5'" . G A 1 53 e -2.098  3.696   -26.334 1.00 46.36  ?  47 G A "O5'" 1 
ATOM 1045 C "C5'" . G A 1 53 e -2.168  4.780   -25.384 1.00 46.40  ?  47 G A "C5'" 1 
ATOM 1046 C "C4'" . G A 1 53 e -3.520  4.802   -24.728 1.00 44.16  ?  47 G A "C4'" 1 
ATOM 1047 O "O4'" . G A 1 53 e -3.992  3.444   -24.615 1.00 43.77  ?  47 G A "O4'" 1 
ATOM 1048 C "C3'" . G A 1 53 e -3.494  5.328   -23.296 1.00 49.55  ?  47 G A "C3'" 1 
ATOM 1049 O "O3'" . G A 1 53 e -3.549  6.743   -23.286 1.00 55.50  ?  47 G A "O3'" 1 
ATOM 1050 C "C2'" . G A 1 53 e -4.650  4.585   -22.621 1.00 52.97  ?  47 G A "C2'" 1 
ATOM 1051 O "O2'" . G A 1 53 e -5.921  5.204   -22.664 1.00 44.23  ?  47 G A "O2'" 1 
ATOM 1052 C "C1'" . G A 1 53 e -4.606  3.250   -23.363 1.00 55.45  ?  47 G A "C1'" 1 
ATOM 1053 N N9    . G A 1 53 e -3.881  2.217   -22.638 1.00 59.82  ?  47 G A N9    1 
ATOM 1054 C C8    . G A 1 53 e -2.657  1.677   -22.928 1.00 63.73  ?  47 G A C8    1 
ATOM 1055 N N7    . G A 1 53 e -2.288  0.757   -22.072 1.00 73.27  ?  47 G A N7    1 
ATOM 1056 C C5    . G A 1 53 e -3.341  0.687   -21.165 1.00 69.02  ?  47 G A C5    1 
ATOM 1057 C C6    . G A 1 53 e -3.522  -0.132  -20.018 1.00 71.63  ?  47 G A C6    1 
ATOM 1058 O O6    . G A 1 53 e -2.753  -0.979  -19.543 1.00 82.64  ?  47 G A O6    1 
ATOM 1059 N N1    . G A 1 53 e -4.743  0.114   -19.398 1.00 61.86  ?  47 G A N1    1 
ATOM 1060 C C2    . G A 1 53 e -5.659  1.038   -19.819 1.00 58.66  ?  47 G A C2    1 
ATOM 1061 N N2    . G A 1 53 e -6.770  1.139   -19.089 1.00 61.12  ?  47 G A N2    1 
ATOM 1062 N N3    . G A 1 53 e -5.499  1.816   -20.883 1.00 61.15  ?  47 G A N3    1 
ATOM 1063 C C4    . G A 1 53 e -4.321  1.586   -21.506 1.00 63.00  ?  47 G A C4    1 
ATOM 1064 P P     . G A 1 54 f -2.816  7.547   -22.102 1.00 70.43  ?  47 G A P     1 
ATOM 1065 O OP1   . G A 1 54 f -2.446  8.945   -22.471 1.00 73.78  ?  47 G A OP1   1 
ATOM 1066 O OP2   . G A 1 54 f -1.836  6.706   -21.348 1.00 55.38  -1 47 G A OP2   1 
ATOM 1067 O "O5'" . G A 1 54 f -4.046  7.684   -21.098 1.00 65.29  ?  47 G A "O5'" 1 
ATOM 1068 C "C5'" . G A 1 54 f -3.953  6.901   -19.901 1.00 55.96  ?  47 G A "C5'" 1 
ATOM 1069 C "C4'" . G A 1 54 f -5.300  6.751   -19.254 1.00 44.83  ?  47 G A "C4'" 1 
ATOM 1070 O "O4'" . G A 1 54 f -5.800  5.419   -19.518 1.00 47.09  ?  47 G A "O4'" 1 
ATOM 1071 C "C3'" . G A 1 54 f -5.227  6.862   -17.736 1.00 42.04  ?  47 G A "C3'" 1 
ATOM 1072 O "O3'" . G A 1 54 f -5.541  8.194   -17.378 1.00 51.20  ?  47 G A "O3'" 1 
ATOM 1073 C "C2'" . G A 1 54 f -6.178  5.766   -17.249 1.00 39.56  ?  47 G A "C2'" 1 
ATOM 1074 O "O2'" . G A 1 54 f -7.535  6.115   -17.141 1.00 35.47  ?  47 G A "O2'" 1 
ATOM 1075 C "C1'" . G A 1 54 f -5.984  4.707   -18.317 1.00 43.24  ?  47 G A "C1'" 1 
ATOM 1076 N N9    . G A 1 54 f -4.847  3.819   -18.066 1.00 45.58  ?  47 G A N9    1 
ATOM 1077 C C8    . G A 1 54 f -3.650  3.793   -18.733 1.00 45.87  ?  47 G A C8    1 
ATOM 1078 N N7    . G A 1 54 f -2.821  2.894   -18.263 1.00 46.28  ?  47 G A N7    1 
ATOM 1079 C C5    . G A 1 54 f -3.514  2.280   -17.233 1.00 40.75  ?  47 G A C5    1 
ATOM 1080 C C6    . G A 1 54 f -3.131  1.222   -16.379 1.00 39.14  ?  47 G A C6    1 
ATOM 1081 O O6    . G A 1 54 f -2.070  0.594   -16.364 1.00 42.18  ?  47 G A O6    1 
ATOM 1082 N N1    . G A 1 54 f -4.130  0.900   -15.475 1.00 36.95  ?  47 G A N1    1 
ATOM 1083 C C2    . G A 1 54 f -5.350  1.510   -15.412 1.00 39.51  ?  47 G A C2    1 
ATOM 1084 N N2    . G A 1 54 f -6.191  1.051   -14.485 1.00 41.41  ?  47 G A N2    1 
ATOM 1085 N N3    . G A 1 54 f -5.726  2.505   -16.209 1.00 43.95  ?  47 G A N3    1 
ATOM 1086 C C4    . G A 1 54 f -4.762  2.836   -17.103 1.00 43.14  ?  47 G A C4    1 
ATOM 1087 P P     . U A 1 55 g -4.604  9.049   -16.386 1.00 57.70  ?  47 U A P     1 
ATOM 1088 O OP1   . U A 1 55 g -5.325  10.348  -16.231 1.00 46.81  ?  47 U A OP1   1 
ATOM 1089 O OP2   . U A 1 55 g -3.185  9.068   -16.857 1.00 46.76  -1 47 U A OP2   1 
ATOM 1090 O "O5'" . U A 1 55 g -4.656  8.167   -15.039 1.00 59.82  ?  47 U A "O5'" 1 
ATOM 1091 C "C5'" . U A 1 55 g -5.947  7.847   -14.411 1.00 50.92  ?  47 U A "C5'" 1 
ATOM 1092 C "C4'" . U A 1 55 g -5.825  6.643   -13.503 1.00 44.17  ?  47 U A "C4'" 1 
ATOM 1093 O "O4'" . U A 1 55 g -5.497  5.430   -14.222 1.00 43.37  ?  47 U A "O4'" 1 
ATOM 1094 C "C3'" . U A 1 55 g -4.690  6.718   -12.500 1.00 46.45  ?  47 U A "C3'" 1 
ATOM 1095 O "O3'" . U A 1 55 g -5.094  7.698   -11.565 1.00 42.27  ?  47 U A "O3'" 1 
ATOM 1096 C "C2'" . U A 1 55 g -4.548  5.246   -12.077 1.00 48.57  ?  47 U A "C2'" 1 
ATOM 1097 O "O2'" . U A 1 55 g -5.505  4.692   -11.199 1.00 51.78  ?  47 U A "O2'" 1 
ATOM 1098 C "C1'" . U A 1 55 g -4.764  4.542   -13.408 1.00 45.54  ?  47 U A "C1'" 1 
ATOM 1099 N N1    . U A 1 55 g -3.484  4.260   -14.068 1.00 54.60  ?  47 U A N1    1 
ATOM 1100 C C2    . U A 1 55 g -2.769  3.141   -13.663 1.00 59.63  ?  47 U A C2    1 
ATOM 1101 O O2    . U A 1 55 g -3.168  2.366   -12.804 1.00 68.71  ?  47 U A O2    1 
ATOM 1102 N N3    . U A 1 55 g -1.571  2.953   -14.309 1.00 56.61  ?  47 U A N3    1 
ATOM 1103 C C4    . U A 1 55 g -1.026  3.759   -15.294 1.00 58.92  ?  47 U A C4    1 
ATOM 1104 O O4    . U A 1 55 g 0.069   3.490   -15.786 1.00 55.36  ?  47 U A O4    1 
ATOM 1105 C C5    . U A 1 55 g -1.827  4.888   -15.653 1.00 66.56  ?  47 U A C5    1 
ATOM 1106 C C6    . U A 1 55 g -2.996  5.107   -15.029 1.00 61.29  ?  47 U A C6    1 
ATOM 1107 P P     . G A 1 56 h -3.992  8.407   -10.647 1.00 38.57  ?  47 G A P     1 
ATOM 1108 O OP1   . G A 1 56 h -4.958  8.962   -9.669  1.00 45.75  ?  47 G A OP1   1 
ATOM 1109 O OP2   . G A 1 56 h -3.194  9.332   -11.514 1.00 36.08  -1 47 G A OP2   1 
ATOM 1110 O "O5'" . G A 1 56 h -3.211  7.194   -9.932  1.00 37.06  ?  47 G A "O5'" 1 
ATOM 1111 C "C5'" . G A 1 56 h -3.858  6.605   -8.781  1.00 40.09  ?  47 G A "C5'" 1 
ATOM 1112 C "C4'" . G A 1 56 h -3.136  5.381   -8.284  1.00 46.01  ?  47 G A "C4'" 1 
ATOM 1113 O "O4'" . G A 1 56 h -2.808  4.521   -9.390  1.00 42.82  ?  47 G A "O4'" 1 
ATOM 1114 C "C3'" . G A 1 56 h -1.819  5.587   -7.525  1.00 53.09  ?  47 G A "C3'" 1 
ATOM 1115 O "O3'" . G A 1 56 h -2.050  5.685   -6.122  1.00 55.74  ?  47 G A "O3'" 1 
ATOM 1116 C "C2'" . G A 1 56 h -1.156  4.223   -7.686  1.00 54.05  ?  47 G A "C2'" 1 
ATOM 1117 O "O2'" . G A 1 56 h -1.594  3.436   -6.597  1.00 57.33  ?  47 G A "O2'" 1 
ATOM 1118 C "C1'" . G A 1 56 h -1.699  3.735   -9.032  1.00 53.88  ?  47 G A "C1'" 1 
ATOM 1119 N N9    . G A 1 56 h -0.769  3.873   -10.131 1.00 68.10  ?  47 G A N9    1 
ATOM 1120 C C8    . G A 1 56 h -0.773  4.886   -11.055 1.00 75.68  ?  47 G A C8    1 
ATOM 1121 N N7    . G A 1 56 h 0.141   4.735   -11.983 1.00 78.24  ?  47 G A N7    1 
ATOM 1122 C C5    . G A 1 56 h 0.770   3.543   -11.646 1.00 73.18  ?  47 G A C5    1 
ATOM 1123 C C6    . G A 1 56 h 1.839   2.878   -12.287 1.00 75.49  ?  47 G A C6    1 
ATOM 1124 O O6    . G A 1 56 h 2.452   3.225   -13.306 1.00 85.60  ?  47 G A O6    1 
ATOM 1125 N N1    . G A 1 56 h 2.166   1.694   -11.622 1.00 73.86  ?  47 G A N1    1 
ATOM 1126 C C2    . G A 1 56 h 1.548   1.217   -10.490 1.00 70.20  ?  47 G A C2    1 
ATOM 1127 N N2    . G A 1 56 h 2.008   0.059   -10.000 1.00 70.39  ?  47 G A N2    1 
ATOM 1128 N N3    . G A 1 56 h 0.539   1.838   -9.883  1.00 67.00  ?  47 G A N3    1 
ATOM 1129 C C4    . G A 1 56 h 0.211   2.992   -10.513 1.00 70.71  ?  47 G A C4    1 
ATOM 1130 P P     . U A 1 57 ? -1.806  7.049   -5.304  1.00 62.38  ?  48 U A P     1 
ATOM 1131 O OP1   . U A 1 57 ? -3.078  7.808   -5.097  1.00 56.45  ?  48 U A OP1   1 
ATOM 1132 O OP2   . U A 1 57 ? -0.622  7.766   -5.864  1.00 66.80  -1 48 U A OP2   1 
ATOM 1133 O "O5'" . U A 1 57 ? -1.393  6.404   -3.906  1.00 60.92  ?  48 U A "O5'" 1 
ATOM 1134 C "C5'" . U A 1 57 ? -1.910  5.086   -3.591  1.00 64.28  ?  48 U A "C5'" 1 
ATOM 1135 C "C4'" . U A 1 57 ? -1.299  4.618   -2.293  1.00 66.37  ?  48 U A "C4'" 1 
ATOM 1136 O "O4'" . U A 1 57 ? 0.037   4.099   -2.541  1.00 66.28  ?  48 U A "O4'" 1 
ATOM 1137 C "C3'" . U A 1 57 ? -1.157  5.681   -1.189  1.00 60.27  ?  48 U A "C3'" 1 
ATOM 1138 O "O3'" . U A 1 57 ? -1.523  5.152   0.085   1.00 57.45  ?  48 U A "O3'" 1 
ATOM 1139 C "C2'" . U A 1 57 ? 0.305   6.116   -1.344  1.00 59.50  ?  48 U A "C2'" 1 
ATOM 1140 O "O2'" . U A 1 57 ? 0.877   6.551   -0.133  1.00 62.90  ?  48 U A "O2'" 1 
ATOM 1141 C "C1'" . U A 1 57 ? 0.984   4.821   -1.786  1.00 62.01  ?  48 U A "C1'" 1 
ATOM 1142 N N1    . U A 1 57 ? 2.185   5.075   -2.614  1.00 64.23  ?  48 U A N1    1 
ATOM 1143 C C2    . U A 1 57 ? 3.394   4.571   -2.161  1.00 65.20  ?  48 U A C2    1 
ATOM 1144 O O2    . U A 1 57 ? 3.502   3.902   -1.143  1.00 62.50  ?  48 U A O2    1 
ATOM 1145 N N3    . U A 1 57 ? 4.477   4.877   -2.948  1.00 70.26  ?  48 U A N3    1 
ATOM 1146 C C4    . U A 1 57 ? 4.470   5.618   -4.119  1.00 69.63  ?  48 U A C4    1 
ATOM 1147 O O4    . U A 1 57 ? 5.521   5.807   -4.728  1.00 80.96  ?  48 U A O4    1 
ATOM 1148 C C5    . U A 1 57 ? 3.188   6.107   -4.522  1.00 62.10  ?  48 U A C5    1 
ATOM 1149 C C6    . U A 1 57 ? 2.117   5.829   -3.765  1.00 66.17  ?  48 U A C6    1 
ATOM 1150 P P     . G A 1 58 ? -1.935  6.075   1.343   1.00 55.79  ?  49 G A P     1 
ATOM 1151 O OP1   . G A 1 58 ? -2.122  7.523   1.035   1.00 50.54  ?  49 G A OP1   1 
ATOM 1152 O OP2   . G A 1 58 ? -0.940  5.690   2.390   1.00 54.77  -1 49 G A OP2   1 
ATOM 1153 O "O5'" . G A 1 58 ? -3.390  5.600   1.817   1.00 46.89  ?  49 G A "O5'" 1 
ATOM 1154 C "C5'" . G A 1 58 ? -4.212  4.828   0.910   1.00 41.41  ?  49 G A "C5'" 1 
ATOM 1155 C "C4'" . G A 1 58 ? -5.624  5.365   0.914   1.00 40.80  ?  49 G A "C4'" 1 
ATOM 1156 O "O4'" . G A 1 58 ? -6.060  5.619   2.278   1.00 39.96  ?  49 G A "O4'" 1 
ATOM 1157 C "C3'" . G A 1 58 ? -5.852  6.706   0.213   1.00 37.45  ?  49 G A "C3'" 1 
ATOM 1158 O "O3'" . G A 1 58 ? -6.055  6.702   -1.190  1.00 34.11  ?  49 G A "O3'" 1 
ATOM 1159 C "C2'" . G A 1 58 ? -7.166  7.139   0.865   1.00 38.43  ?  49 G A "C2'" 1 
ATOM 1160 O "O2'" . G A 1 58 ? -8.274  6.418   0.383   1.00 40.07  ?  49 G A "O2'" 1 
ATOM 1161 C "C1'" . G A 1 58 ? -6.906  6.750   2.307   1.00 38.64  ?  49 G A "C1'" 1 
ATOM 1162 N N9    . G A 1 58 ? -6.279  7.805   3.097   1.00 41.91  ?  49 G A N9    1 
ATOM 1163 C C8    . G A 1 58 ? -5.063  7.712   3.722   1.00 41.98  ?  49 G A C8    1 
ATOM 1164 N N7    . G A 1 58 ? -4.752  8.783   4.410   1.00 42.93  ?  49 G A N7    1 
ATOM 1165 C C5    . G A 1 58 ? -5.826  9.637   4.225   1.00 43.73  ?  49 G A C5    1 
ATOM 1166 C C6    . G A 1 58 ? -6.043  10.937  4.734   1.00 44.31  ?  49 G A C6    1 
ATOM 1167 O O6    . G A 1 58 ? -5.291  11.597  5.452   1.00 43.98  ?  49 G A O6    1 
ATOM 1168 N N1    . G A 1 58 ? -7.267  11.468  4.325   1.00 48.57  ?  49 G A N1    1 
ATOM 1169 C C2    . G A 1 58 ? -8.170  10.819  3.513   1.00 47.01  ?  49 G A C2    1 
ATOM 1170 N N2    . G A 1 58 ? -9.295  11.490  3.226   1.00 40.91  ?  49 G A N2    1 
ATOM 1171 N N3    . G A 1 58 ? -7.968  9.588   3.023   1.00 46.89  ?  49 G A N3    1 
ATOM 1172 C C4    . G A 1 58 ? -6.780  9.054   3.417   1.00 45.11  ?  49 G A C4    1 
ATOM 1173 P P     . C A 1 59 ? -6.191  8.113   -1.950  1.00 32.63  ?  50 C A P     1 
ATOM 1174 O OP1   . C A 1 59 ? -6.381  8.038   -3.426  1.00 32.93  ?  50 C A OP1   1 
ATOM 1175 O OP2   . C A 1 59 ? -5.004  8.833   -1.406  1.00 32.19  -1 50 C A OP2   1 
ATOM 1176 O "O5'" . C A 1 59 ? -7.524  8.772   -1.374  1.00 33.33  ?  50 C A "O5'" 1 
ATOM 1177 C "C5'" . C A 1 59 ? -8.660  8.914   -2.232  1.00 34.37  ?  50 C A "C5'" 1 
ATOM 1178 C "C4'" . C A 1 59 ? -9.251  10.280  -2.012  1.00 36.15  ?  50 C A "C4'" 1 
ATOM 1179 O "O4'" . C A 1 59 ? -9.301  10.549  -0.594  1.00 37.43  ?  50 C A "O4'" 1 
ATOM 1180 C "C3'" . C A 1 59 ? -8.415  11.457  -2.519  1.00 38.17  ?  50 C A "C3'" 1 
ATOM 1181 O "O3'" . C A 1 59 ? -8.441  11.669  -3.914  1.00 34.24  ?  50 C A "O3'" 1 
ATOM 1182 C "C2'" . C A 1 59 ? -9.061  12.608  -1.737  1.00 43.23  ?  50 C A "C2'" 1 
ATOM 1183 O "O2'" . C A 1 59 ? -10.358 13.028  -2.123  1.00 49.48  ?  50 C A "O2'" 1 
ATOM 1184 C "C1'" . C A 1 59 ? -9.165  11.939  -0.369  1.00 40.77  ?  50 C A "C1'" 1 
ATOM 1185 N N1    . C A 1 59 ? -7.951  12.195  0.444   1.00 39.76  ?  50 C A N1    1 
ATOM 1186 C C2    . C A 1 59 ? -7.859  13.438  1.065   1.00 41.56  ?  50 C A C2    1 
ATOM 1187 O O2    . C A 1 59 ? -8.791  14.240  0.909   1.00 38.89  ?  50 C A O2    1 
ATOM 1188 N N3    . C A 1 59 ? -6.768  13.715  1.819   1.00 47.41  ?  50 C A N3    1 
ATOM 1189 C C4    . C A 1 59 ? -5.783  12.808  1.937   1.00 48.29  ?  50 C A C4    1 
ATOM 1190 N N4    . C A 1 59 ? -4.734  13.118  2.690   1.00 50.42  ?  50 C A N4    1 
ATOM 1191 C C5    . C A 1 59 ? -5.858  11.543  1.290   1.00 42.49  ?  50 C A C5    1 
ATOM 1192 C C6    . C A 1 59 ? -6.948  11.281  0.558   1.00 39.37  ?  50 C A C6    1 
ATOM 1193 P P     . G A 1 60 ? -7.864  13.049  -4.484  1.00 33.05  ?  51 G A P     1 
ATOM 1194 O OP1   . G A 1 60 ? -8.146  13.171  -5.940  1.00 40.94  ?  51 G A OP1   1 
ATOM 1195 O OP2   . G A 1 60 ? -6.463  13.152  -3.990  1.00 30.18  -1 51 G A OP2   1 
ATOM 1196 O "O5'" . G A 1 60 ? -8.781  14.196  -3.852  1.00 39.23  ?  51 G A "O5'" 1 
ATOM 1197 C "C5'" . G A 1 60 ? -9.299  15.238  -4.709  1.00 44.13  ?  51 G A "C5'" 1 
ATOM 1198 C "C4'" . G A 1 60 ? -9.292  16.541  -3.955  1.00 50.47  ?  51 G A "C4'" 1 
ATOM 1199 O "O4'" . G A 1 60 ? -9.147  16.260  -2.542  1.00 53.53  ?  51 G A "O4'" 1 
ATOM 1200 C "C3'" . G A 1 60 ? -8.134  17.502  -4.236  1.00 56.21  ?  51 G A "C3'" 1 
ATOM 1201 O "O3'" . G A 1 60 ? -8.258  18.230  -5.452  1.00 61.62  ?  51 G A "O3'" 1 
ATOM 1202 C "C2'" . G A 1 60 ? -8.197  18.384  -2.984  1.00 61.15  ?  51 G A "C2'" 1 
ATOM 1203 O "O2'" . G A 1 60 ? -9.172  19.409  -2.983  1.00 63.30  ?  51 G A "O2'" 1 
ATOM 1204 C "C1'" . G A 1 60 ? -8.478  17.332  -1.915  1.00 60.26  ?  51 G A "C1'" 1 
ATOM 1205 N N9    . G A 1 60 ? -7.249  16.837  -1.321  1.00 67.76  ?  51 G A N9    1 
ATOM 1206 C C8    . G A 1 60 ? -6.635  15.627  -1.524  1.00 70.40  ?  51 G A C8    1 
ATOM 1207 N N7    . G A 1 60 ? -5.514  15.506  -0.852  1.00 74.90  ?  51 G A N7    1 
ATOM 1208 C C5    . G A 1 60 ? -5.380  16.717  -0.175  1.00 72.47  ?  51 G A C5    1 
ATOM 1209 C C6    . G A 1 60 ? -4.364  17.175  0.702   1.00 63.03  ?  51 G A C6    1 
ATOM 1210 O O6    . G A 1 60 ? -3.340  16.583  1.064   1.00 62.90  ?  51 G A O6    1 
ATOM 1211 N N1    . G A 1 60 ? -4.624  18.463  1.161   1.00 59.75  ?  51 G A N1    1 
ATOM 1212 C C2    . G A 1 60 ? -5.720  19.214  0.816   1.00 74.12  ?  51 G A C2    1 
ATOM 1213 N N2    . G A 1 60 ? -5.809  20.434  1.355   1.00 89.98  ?  51 G A N2    1 
ATOM 1214 N N3    . G A 1 60 ? -6.677  18.798  -0.008  1.00 75.12  ?  51 G A N3    1 
ATOM 1215 C C4    . G A 1 60 ? -6.441  17.546  -0.466  1.00 73.86  ?  51 G A C4    1 
ATOM 1216 P P     . A A 1 61 ? -6.952  18.763  -6.233  1.00 64.86  ?  52 A A P     1 
ATOM 1217 O OP1   . A A 1 61 ? -7.292  19.360  -7.555  1.00 60.91  ?  52 A A OP1   1 
ATOM 1218 O OP2   . A A 1 61 ? -5.851  17.759  -6.180  1.00 69.70  -1 52 A A OP2   1 
ATOM 1219 O "O5'" . A A 1 61 ? -6.483  19.977  -5.309  1.00 72.89  ?  52 A A "O5'" 1 
ATOM 1220 C "C5'" . A A 1 61 ? -7.387  21.092  -5.080  1.00 81.14  ?  52 A A "C5'" 1 
ATOM 1221 C "C4'" . A A 1 61 ? -6.730  22.016  -4.089  1.00 86.39  ?  52 A A "C4'" 1 
ATOM 1222 O "O4'" . A A 1 61 ? -6.535  21.297  -2.844  1.00 90.56  ?  52 A A "O4'" 1 
ATOM 1223 C "C3'" . A A 1 61 ? -5.307  22.448  -4.451  1.00 96.11  ?  52 A A "C3'" 1 
ATOM 1224 O "O3'" . A A 1 61 ? -5.225  23.521  -5.369  1.00 103.89 ?  52 A A "O3'" 1 
ATOM 1225 C "C2'" . A A 1 61 ? -4.759  22.838  -3.081  1.00 97.70  ?  52 A A "C2'" 1 
ATOM 1226 O "O2'" . A A 1 61 ? -5.189  24.121  -2.688  1.00 97.75  ?  52 A A "O2'" 1 
ATOM 1227 C "C1'" . A A 1 61 ? -5.332  21.712  -2.226  1.00 94.98  ?  52 A A "C1'" 1 
ATOM 1228 N N9    . A A 1 61 ? -4.406  20.591  -2.112  1.00 95.15  ?  52 A A N9    1 
ATOM 1229 C C8    . A A 1 61 ? -4.472  19.373  -2.741  1.00 96.13  ?  52 A A C8    1 
ATOM 1230 N N7    . A A 1 61 ? -3.466  18.586  -2.449  1.00 109.67 ?  52 A A N7    1 
ATOM 1231 C C5    . A A 1 61 ? -2.684  19.330  -1.576  1.00 101.10 ?  52 A A C5    1 
ATOM 1232 C C6    . A A 1 61 ? -1.476  19.051  -0.907  1.00 90.62  ?  52 A A C6    1 
ATOM 1233 N N6    . A A 1 61 ? -0.822  17.901  -1.016  1.00 83.26  ?  52 A A N6    1 
ATOM 1234 N N1    . A A 1 61 ? -0.957  20.021  -0.120  1.00 88.27  ?  52 A A N1    1 
ATOM 1235 C C2    . A A 1 61 ? -1.621  21.177  -0.015  1.00 96.33  ?  52 A A C2    1 
ATOM 1236 N N3    . A A 1 61 ? -2.758  21.552  -0.596  1.00 95.99  ?  52 A A N3    1 
ATOM 1237 C C4    . A A 1 61 ? -3.249  20.573  -1.373  1.00 96.13  ?  52 A A C4    1 
ATOM 1238 P P     . G A 1 62 ? -3.932  23.663  -6.310  1.00 114.91 ?  53 G A P     1 
ATOM 1239 O OP1   . G A 1 62 ? -4.144  24.837  -7.207  1.00 124.80 ?  53 G A OP1   1 
ATOM 1240 O OP2   . G A 1 62 ? -3.664  22.337  -6.937  1.00 92.63  -1 53 G A OP2   1 
ATOM 1241 O "O5'" . G A 1 62 ? -2.770  24.017  -5.261  1.00 130.07 ?  53 G A "O5'" 1 
ATOM 1242 C "C5'" . G A 1 62 ? -2.427  25.414  -5.030  1.00 134.02 ?  53 G A "C5'" 1 
ATOM 1243 C "C4'" . G A 1 62 ? -1.445  25.557  -3.890  1.00 135.74 ?  53 G A "C4'" 1 
ATOM 1244 O "O4'" . G A 1 62 ? -1.669  24.538  -2.885  1.00 126.47 ?  53 G A "O4'" 1 
ATOM 1245 C "C3'" . G A 1 62 ? 0.038   25.386  -4.222  1.00 143.62 ?  53 G A "C3'" 1 
ATOM 1246 O "O3'" . G A 1 62 ? 0.604   26.534  -4.822  1.00 155.27 ?  53 G A "O3'" 1 
ATOM 1247 C "C2'" . G A 1 62 ? 0.620   25.162  -2.829  1.00 142.05 ?  53 G A "C2'" 1 
ATOM 1248 O "O2'" . G A 1 62 ? 0.815   26.333  -2.063  1.00 150.45 ?  53 G A "O2'" 1 
ATOM 1249 C "C1'" . G A 1 62 ? -0.447  24.247  -2.240  1.00 134.01 ?  53 G A "C1'" 1 
ATOM 1250 N N9    . G A 1 62 ? -0.116  22.852  -2.471  1.00 125.67 ?  53 G A N9    1 
ATOM 1251 C C8    . G A 1 62 ? -0.757  21.957  -3.286  1.00 114.26 ?  53 G A C8    1 
ATOM 1252 N N7    . G A 1 62 ? -0.190  20.777  -3.285  1.00 119.54 ?  53 G A N7    1 
ATOM 1253 C C5    . G A 1 62 ? 0.898   20.918  -2.431  1.00 123.09 ?  53 G A C5    1 
ATOM 1254 C C6    . G A 1 62 ? 1.878   19.980  -2.035  1.00 132.36 ?  53 G A C6    1 
ATOM 1255 O O6    . G A 1 62 ? 1.983   18.799  -2.385  1.00 148.99 ?  53 G A O6    1 
ATOM 1256 N N1    . G A 1 62 ? 2.804   20.536  -1.151  1.00 141.41 ?  53 G A N1    1 
ATOM 1257 C C2    . G A 1 62 ? 2.789   21.835  -0.700  1.00 137.42 ?  53 G A C2    1 
ATOM 1258 N N2    . G A 1 62 ? 3.763   22.190  0.148   1.00 133.36 ?  53 G A N2    1 
ATOM 1259 N N3    . G A 1 62 ? 1.866   22.720  -1.067  1.00 134.77 ?  53 G A N3    1 
ATOM 1260 C C4    . G A 1 62 ? 0.959   22.195  -1.931  1.00 127.54 ?  53 G A C4    1 
ATOM 1261 P P     . U A 1 63 ? 1.669   26.364  -6.004  1.00 146.91 ?  54 U A P     1 
ATOM 1262 O OP1   . U A 1 63 ? 1.750   27.637  -6.775  1.00 157.06 ?  54 U A OP1   1 
ATOM 1263 O OP2   . U A 1 63 ? 1.387   25.097  -6.737  1.00 140.00 -1 54 U A OP2   1 
ATOM 1264 O "O5'" . U A 1 63 ? 3.022   26.130  -5.190  1.00 128.53 ?  54 U A "O5'" 1 
ATOM 1265 C "C5'" . U A 1 63 ? 3.387   26.999  -4.091  1.00 113.79 ?  54 U A "C5'" 1 
ATOM 1266 C "C4'" . U A 1 63 ? 4.618   26.413  -3.451  1.00 135.47 ?  54 U A "C4'" 1 
ATOM 1267 O "O4'" . U A 1 63 ? 4.234   25.259  -2.657  1.00 137.40 ?  54 U A "O4'" 1 
ATOM 1268 C "C3'" . U A 1 63 ? 5.655   25.839  -4.429  1.00 154.45 ?  54 U A "C3'" 1 
ATOM 1269 O "O3'" . U A 1 63 ? 6.516   26.793  -5.041  1.00 159.04 ?  54 U A "O3'" 1 
ATOM 1270 C "C2'" . U A 1 63 ? 6.408   24.857  -3.530  1.00 159.99 ?  54 U A "C2'" 1 
ATOM 1271 O "O2'" . U A 1 63 ? 7.316   25.509  -2.668  1.00 158.75 ?  54 U A "O2'" 1 
ATOM 1272 C "C1'" . U A 1 63 ? 5.245   24.266  -2.729  1.00 155.80 ?  54 U A "C1'" 1 
ATOM 1273 N N1    . U A 1 63 ? 4.716   23.028  -3.358  1.00 155.53 ?  54 U A N1    1 
ATOM 1274 C C2    . U A 1 63 ? 5.390   21.844  -3.087  1.00 145.04 ?  54 U A C2    1 
ATOM 1275 O O2    . U A 1 63 ? 6.364   21.777  -2.348  1.00 124.55 ?  54 U A O2    1 
ATOM 1276 N N3    . U A 1 63 ? 4.875   20.730  -3.701  1.00 140.51 ?  54 U A N3    1 
ATOM 1277 C C4    . U A 1 63 ? 3.788   20.681  -4.550  1.00 139.67 ?  54 U A C4    1 
ATOM 1278 O O4    . U A 1 63 ? 3.448   19.599  -5.024  1.00 150.64 ?  54 U A O4    1 
ATOM 1279 C C5    . U A 1 63 ? 3.149   21.944  -4.793  1.00 135.47 ?  54 U A C5    1 
ATOM 1280 C C6    . U A 1 63 ? 3.627   23.051  -4.205  1.00 141.44 ?  54 U A C6    1 
ATOM 1281 P P     . U A 1 64 ? 6.917   26.683  -6.599  1.00 162.56 ?  55 U A P     1 
ATOM 1282 O OP1   . U A 1 64 ? 7.801   27.809  -7.013  1.00 170.77 ?  55 U A OP1   1 
ATOM 1283 O OP2   . U A 1 64 ? 5.739   26.356  -7.453  1.00 157.88 -1 55 U A OP2   1 
ATOM 1284 O "O5'" . U A 1 64 ? 7.835   25.384  -6.677  1.00 158.42 ?  55 U A "O5'" 1 
ATOM 1285 C "C5'" . U A 1 64 ? 9.123   25.391  -6.032  1.00 162.96 ?  55 U A "C5'" 1 
ATOM 1286 C "C4'" . U A 1 64 ? 9.732   24.023  -6.206  1.00 178.80 ?  55 U A "C4'" 1 
ATOM 1287 O "O4'" . U A 1 64 ? 8.933   23.045  -5.485  1.00 183.69 ?  55 U A "O4'" 1 
ATOM 1288 C "C3'" . U A 1 64 ? 9.737   23.473  -7.639  1.00 187.18 ?  55 U A "C3'" 1 
ATOM 1289 O "O3'" . U A 1 64 ? 10.729  24.046  -8.477  1.00 187.09 ?  55 U A "O3'" 1 
ATOM 1290 C "C2'" . U A 1 64 ? 9.903   21.976  -7.364  1.00 181.58 ?  55 U A "C2'" 1 
ATOM 1291 O "O2'" . U A 1 64 ? 11.213  21.629  -6.970  1.00 164.04 ?  55 U A "O2'" 1 
ATOM 1292 C "C1'" . U A 1 64 ? 8.914   21.825  -6.205  1.00 190.86 ?  55 U A "C1'" 1 
ATOM 1293 N N1    . U A 1 64 ? 7.541   21.541  -6.685  1.00 200.62 ?  55 U A N1    1 
ATOM 1294 C C2    . U A 1 64 ? 7.222   20.212  -6.912  1.00 196.89 ?  55 U A C2    1 
ATOM 1295 O O2    . U A 1 64 ? 8.011   19.298  -6.711  1.00 194.80 ?  55 U A O2    1 
ATOM 1296 N N3    . U A 1 64 ? 5.950   19.995  -7.376  1.00 192.90 ?  55 U A N3    1 
ATOM 1297 C C4    . U A 1 64 ? 4.985   20.948  -7.640  1.00 185.99 ?  55 U A C4    1 
ATOM 1298 O O4    . U A 1 64 ? 3.882   20.591  -8.054  1.00 180.33 ?  55 U A O4    1 
ATOM 1299 C C5    . U A 1 64 ? 5.389   22.301  -7.391  1.00 184.63 ?  55 U A C5    1 
ATOM 1300 C C6    . U A 1 64 ? 6.628   22.543  -6.934  1.00 197.13 ?  55 U A C6    1 
ATOM 1301 P P     . C A 1 65 ? 10.313  24.878  -9.789  1.00 184.57 ?  56 C A P     1 
ATOM 1302 O OP1   . C A 1 65 ? 11.535  25.459  -10.413 1.00 178.85 ?  56 C A OP1   1 
ATOM 1303 O OP2   . C A 1 65 ? 9.161   25.781  -9.503  1.00 167.90 -1 56 C A OP2   1 
ATOM 1304 O "O5'" . C A 1 65 ? 9.761   23.714  -10.731 1.00 180.92 ?  56 C A "O5'" 1 
ATOM 1305 C "C5'" . C A 1 65 ? 10.019  23.760  -12.159 1.00 157.33 ?  56 C A "C5'" 1 
ATOM 1306 C "C4'" . C A 1 65 ? 10.426  22.386  -12.636 1.00 155.06 ?  56 C A "C4'" 1 
ATOM 1307 O "O4'" . C A 1 65 ? 11.869  22.255  -12.557 1.00 160.81 ?  56 C A "O4'" 1 
ATOM 1308 C "C3'" . C A 1 65 ? 9.913   21.197  -11.813 1.00 166.59 ?  56 C A "C3'" 1 
ATOM 1309 O "O3'" . C A 1 65 ? 8.567   20.859  -12.121 1.00 169.61 ?  56 C A "O3'" 1 
ATOM 1310 C "C2'" . C A 1 65 ? 10.923  20.106  -12.195 1.00 169.36 ?  56 C A "C2'" 1 
ATOM 1311 O "O2'" . C A 1 65 ? 10.669  19.536  -13.461 1.00 161.53 ?  56 C A "O2'" 1 
ATOM 1312 C "C1'" . C A 1 65 ? 12.223  20.915  -12.269 1.00 163.46 ?  56 C A "C1'" 1 
ATOM 1313 N N1    . C A 1 65 ? 13.039  20.858  -11.020 1.00 144.41 ?  56 C A N1    1 
ATOM 1314 C C2    . C A 1 65 ? 13.908  19.770  -10.828 1.00 126.82 ?  56 C A C2    1 
ATOM 1315 O O2    . C A 1 65 ? 13.967  18.878  -11.690 1.00 123.22 ?  56 C A O2    1 
ATOM 1316 N N3    . C A 1 65 ? 14.661  19.715  -9.704  1.00 119.93 ?  56 C A N3    1 
ATOM 1317 C C4    . C A 1 65 ? 14.576  20.687  -8.787  1.00 124.02 ?  56 C A C4    1 
ATOM 1318 N N4    . C A 1 65 ? 15.336  20.574  -7.707  1.00 127.15 ?  56 C A N4    1 
ATOM 1319 C C5    . C A 1 65 ? 13.709  21.805  -8.965  1.00 116.26 ?  56 C A C5    1 
ATOM 1320 C C6    . C A 1 65 ? 12.966  21.853  -10.082 1.00 125.99 ?  56 C A C6    1 
ATOM 1321 P P     . A A 1 66 ? 7.517   20.488  -10.959 1.00 164.57 ?  57 A A P     1 
ATOM 1322 O OP1   . A A 1 66 ? 6.159   20.301  -11.545 1.00 154.74 ?  57 A A OP1   1 
ATOM 1323 O OP2   . A A 1 66 ? 7.672   21.443  -9.823  1.00 175.37 -1 57 A A OP2   1 
ATOM 1324 O "O5'" . A A 1 66 ? 8.063   19.061  -10.489 1.00 145.38 ?  57 A A "O5'" 1 
ATOM 1325 C "C5'" . A A 1 66 ? 7.961   17.940  -11.406 1.00 145.96 ?  57 A A "C5'" 1 
ATOM 1326 C "C4'" . A A 1 66 ? 8.714   16.758  -10.846 1.00 159.05 ?  57 A A "C4'" 1 
ATOM 1327 O "O4'" . A A 1 66 ? 10.114  17.090  -10.669 1.00 170.49 ?  57 A A "O4'" 1 
ATOM 1328 C "C3'" . A A 1 66 ? 8.290   16.282  -9.455  1.00 148.17 ?  57 A A "C3'" 1 
ATOM 1329 O "O3'" . A A 1 66 ? 7.125   15.477  -9.515  1.00 144.44 ?  57 A A "O3'" 1 
ATOM 1330 C "C2'" . A A 1 66 ? 9.527   15.496  -9.011  1.00 139.08 ?  57 A A "C2'" 1 
ATOM 1331 O "O2'" . A A 1 66 ? 9.533   14.161  -9.468  1.00 121.72 ?  57 A A "O2'" 1 
ATOM 1332 C "C1'" . A A 1 66 ? 10.657  16.332  -9.607  1.00 161.84 ?  57 A A "C1'" 1 
ATOM 1333 N N9    . A A 1 66 ? 11.283  17.224  -8.635  1.00 184.05 ?  57 A A N9    1 
ATOM 1334 C C8    . A A 1 66 ? 11.060  18.571  -8.489  1.00 181.13 ?  57 A A C8    1 
ATOM 1335 N N7    . A A 1 66 ? 11.762  19.109  -7.518  1.00 185.77 ?  57 A A N7    1 
ATOM 1336 C C5    . A A 1 66 ? 12.490  18.051  -6.985  1.00 184.86 ?  57 A A C5    1 
ATOM 1337 C C6    . A A 1 66 ? 13.424  17.968  -5.927  1.00 160.55 ?  57 A A C6    1 
ATOM 1338 N N6    . A A 1 66 ? 13.791  19.013  -5.193  1.00 161.39 ?  57 A A N6    1 
ATOM 1339 N N1    . A A 1 66 ? 13.969  16.755  -5.651  1.00 136.01 ?  57 A A N1    1 
ATOM 1340 C C2    . A A 1 66 ? 13.591  15.710  -6.394  1.00 150.00 ?  57 A A C2    1 
ATOM 1341 N N3    . A A 1 66 ? 12.728  15.668  -7.409  1.00 183.58 ?  57 A A N3    1 
ATOM 1342 C C4    . A A 1 66 ? 12.201  16.881  -7.662  1.00 191.08 ?  57 A A C4    1 
ATOM 1343 P P     . A A 1 67 ? 5.905   15.727  -8.501  1.00 130.71 ?  58 A A P     1 
ATOM 1344 O OP1   . A A 1 67 ? 4.765   14.859  -8.905  1.00 129.47 ?  58 A A OP1   1 
ATOM 1345 O OP2   . A A 1 67 ? 5.663   17.192  -8.343  1.00 131.68 -1 58 A A OP2   1 
ATOM 1346 O "O5'" . A A 1 67 ? 6.525   15.128  -7.153  1.00 113.82 ?  58 A A "O5'" 1 
ATOM 1347 C "C5'" . A A 1 67 ? 6.873   13.723  -7.092  1.00 100.34 ?  58 A A "C5'" 1 
ATOM 1348 C "C4'" . A A 1 67 ? 6.660   13.216  -5.687  1.00 110.13 ?  58 A A "C4'" 1 
ATOM 1349 O "O4'" . A A 1 67 ? 7.218   14.170  -4.741  1.00 126.58 ?  58 A A "O4'" 1 
ATOM 1350 C "C3'" . A A 1 67 ? 5.197   13.021  -5.257  1.00 112.21 ?  58 A A "C3'" 1 
ATOM 1351 O "O3'" . A A 1 67 ? 5.083   11.885  -4.402  1.00 104.11 ?  58 A A "O3'" 1 
ATOM 1352 C "C2'" . A A 1 67 ? 4.890   14.360  -4.569  1.00 118.13 ?  58 A A "C2'" 1 
ATOM 1353 O "O2'" . A A 1 67 ? 3.819   14.329  -3.653  1.00 96.27  ?  58 A A "O2'" 1 
ATOM 1354 C "C1'" . A A 1 67 ? 6.212   14.607  -3.850  1.00 135.79 ?  58 A A "C1'" 1 
ATOM 1355 N N9    . A A 1 67 ? 6.474   15.994  -3.464  1.00 141.31 ?  58 A A N9    1 
ATOM 1356 C C8    . A A 1 67 ? 5.932   17.146  -3.990  1.00 131.82 ?  58 A A C8    1 
ATOM 1357 N N7    . A A 1 67 ? 6.383   18.242  -3.428  1.00 131.61 ?  58 A A N7    1 
ATOM 1358 C C5    . A A 1 67 ? 7.280   17.786  -2.469  1.00 144.46 ?  58 A A C5    1 
ATOM 1359 C C6    . A A 1 67 ? 8.094   18.458  -1.535  1.00 156.14 ?  58 A A C6    1 
ATOM 1360 N N6    . A A 1 67 ? 8.132   19.783  -1.414  1.00 168.90 ?  58 A A N6    1 
ATOM 1361 N N1    . A A 1 67 ? 8.877   17.702  -0.722  1.00 149.13 ?  58 A A N1    1 
ATOM 1362 C C2    . A A 1 67 ? 8.834   16.369  -0.848  1.00 133.54 ?  58 A A C2    1 
ATOM 1363 N N3    . A A 1 67 ? 8.108   15.631  -1.680  1.00 130.13 ?  58 A A N3    1 
ATOM 1364 C C4    . A A 1 67 ? 7.345   16.405  -2.479  1.00 140.31 ?  58 A A C4    1 
ATOM 1365 P P     . G A 1 68 ? 4.572   10.463  -4.954  1.00 83.18  ?  59 G A P     1 
ATOM 1366 O OP1   . G A 1 68 ? 5.630   9.865   -5.815  1.00 79.13  ?  59 G A OP1   1 
ATOM 1367 O OP2   . G A 1 68 ? 3.199   10.647  -5.508  1.00 66.70  -1 59 G A OP2   1 
ATOM 1368 O "O5'" . G A 1 68 ? 4.515   9.539   -3.649  1.00 72.97  ?  59 G A "O5'" 1 
ATOM 1369 C "C5'" . G A 1 68 ? 3.243   9.316   -3.003  1.00 63.33  ?  59 G A "C5'" 1 
ATOM 1370 C "C4'" . G A 1 68 ? 3.503   8.629   -1.692  1.00 62.88  ?  59 G A "C4'" 1 
ATOM 1371 O "O4'" . G A 1 68 ? 4.273   7.427   -1.927  1.00 69.84  ?  59 G A "O4'" 1 
ATOM 1372 C "C3'" . G A 1 68 ? 4.370   9.414   -0.711  1.00 67.60  ?  59 G A "C3'" 1 
ATOM 1373 O "O3'" . G A 1 68 ? 3.563   10.381  -0.059  1.00 71.33  ?  59 G A "O3'" 1 
ATOM 1374 C "C2'" . G A 1 68 ? 4.978   8.306   0.158   1.00 69.59  ?  59 G A "C2'" 1 
ATOM 1375 O "O2'" . G A 1 68 ? 4.172   7.824   1.216   1.00 60.57  ?  59 G A "O2'" 1 
ATOM 1376 C "C1'" . G A 1 68 ? 5.199   7.213   -0.881  1.00 75.37  ?  59 G A "C1'" 1 
ATOM 1377 N N9    . G A 1 68 ? 6.554   7.156   -1.429  1.00 87.05  ?  59 G A N9    1 
ATOM 1378 C C8    . G A 1 68 ? 6.940   7.489   -2.702  1.00 93.31  ?  59 G A C8    1 
ATOM 1379 N N7    . G A 1 68 ? 8.224   7.319   -2.922  1.00 87.61  ?  59 G A N7    1 
ATOM 1380 C C5    . G A 1 68 ? 8.718   6.839   -1.717  1.00 88.89  ?  59 G A C5    1 
ATOM 1381 C C6    . G A 1 68 ? 10.042  6.477   -1.358  1.00 91.02  ?  59 G A C6    1 
ATOM 1382 O O6    . G A 1 68 ? 11.072  6.515   -2.051  1.00 93.36  ?  59 G A O6    1 
ATOM 1383 N N1    . G A 1 68 ? 10.097  6.050   -0.032  1.00 84.10  ?  59 G A N1    1 
ATOM 1384 C C2    . G A 1 68 ? 9.024   5.963   0.821   1.00 80.80  ?  59 G A C2    1 
ATOM 1385 N N2    . G A 1 68 ? 9.277   5.518   2.055   1.00 87.99  ?  59 G A N2    1 
ATOM 1386 N N3    . G A 1 68 ? 7.782   6.309   0.492   1.00 77.81  ?  59 G A N3    1 
ATOM 1387 C C4    . G A 1 68 ? 7.700   6.737   -0.790  1.00 84.96  ?  59 G A C4    1 
ATOM 1388 P P     . U A 1 69 ? 3.688   11.939  -0.446  1.00 72.41  ?  60 U A P     1 
ATOM 1389 O OP1   . U A 1 69 ? 2.395   12.599  -0.119  1.00 71.76  ?  60 U A OP1   1 
ATOM 1390 O OP2   . U A 1 69 ? 4.220   12.073  -1.834  1.00 64.02  -1 60 U A OP2   1 
ATOM 1391 O "O5'" . U A 1 69 ? 4.775   12.464  0.611   1.00 68.23  ?  60 U A "O5'" 1 
ATOM 1392 C "C5'" . U A 1 69 ? 4.811   11.869  1.941   1.00 79.84  ?  60 U A "C5'" 1 
ATOM 1393 C "C4'" . U A 1 69 ? 6.222   11.828  2.491   1.00 96.24  ?  60 U A "C4'" 1 
ATOM 1394 O "O4'" . U A 1 69 ? 7.078   10.958  1.695   1.00 103.41 ?  60 U A "O4'" 1 
ATOM 1395 C "C3'" . U A 1 69 ? 6.971   13.167  2.586   1.00 101.35 ?  60 U A "C3'" 1 
ATOM 1396 O "O3'" . U A 1 69 ? 7.708   13.185  3.802   1.00 94.95  ?  60 U A "O3'" 1 
ATOM 1397 C "C2'" . U A 1 69 ? 7.814   13.163  1.303   1.00 105.04 ?  60 U A "C2'" 1 
ATOM 1398 O "O2'" . U A 1 69 ? 8.967   13.978  1.340   1.00 115.09 ?  60 U A "O2'" 1 
ATOM 1399 C "C1'" . U A 1 69 ? 8.205   11.685  1.248   1.00 95.52  ?  60 U A "C1'" 1 
ATOM 1400 N N1    . U A 1 69 ? 8.616   11.221  -0.104  1.00 91.45  ?  60 U A N1    1 
ATOM 1401 C C2    . U A 1 69 ? 9.282   10.011  -0.169  1.00 85.80  ?  60 U A C2    1 
ATOM 1402 O O2    . U A 1 69 ? 9.532   9.327   0.813   1.00 93.11  ?  60 U A O2    1 
ATOM 1403 N N3    . U A 1 69 ? 9.668   9.636   -1.428  1.00 77.33  ?  60 U A N3    1 
ATOM 1404 C C4    . U A 1 69 ? 9.452   10.314  -2.610  1.00 74.53  ?  60 U A C4    1 
ATOM 1405 O O4    . U A 1 69 ? 9.879   9.823   -3.656  1.00 74.28  ?  60 U A O4    1 
ATOM 1406 C C5    . U A 1 69 ? 8.742   11.555  -2.476  1.00 72.23  ?  60 U A C5    1 
ATOM 1407 C C6    . U A 1 69 ? 8.367   11.957  -1.249  1.00 85.82  ?  60 U A C6    1 
ATOM 1408 P P     . C A 1 70 ? 7.113   13.898  5.115   1.00 97.93  ?  61 C A P     1 
ATOM 1409 O OP1   . C A 1 70 ? 8.055   13.716  6.254   1.00 110.84 ?  61 C A OP1   1 
ATOM 1410 O OP2   . C A 1 70 ? 5.685   13.545  5.351   1.00 87.66  -1 61 C A OP2   1 
ATOM 1411 O "O5'" . C A 1 70 ? 7.184   15.415  4.609   1.00 106.47 ?  61 C A "O5'" 1 
ATOM 1412 C "C5'" . C A 1 70 ? 8.457   16.117  4.655   1.00 109.44 ?  61 C A "C5'" 1 
ATOM 1413 C "C4'" . C A 1 70 ? 8.260   17.575  4.312   1.00 109.48 ?  61 C A "C4'" 1 
ATOM 1414 O "O4'" . C A 1 70 ? 8.287   17.742  2.874   1.00 104.23 ?  61 C A "O4'" 1 
ATOM 1415 C "C3'" . C A 1 70 ? 6.934   18.210  4.754   1.00 97.73  ?  61 C A "C3'" 1 
ATOM 1416 O "O3'" . C A 1 70 ? 6.983   18.613  6.118   1.00 90.22  ?  61 C A "O3'" 1 
ATOM 1417 C "C2'" . C A 1 70 ? 6.782   19.370  3.759   1.00 93.65  ?  61 C A "C2'" 1 
ATOM 1418 O "O2'" . C A 1 70 ? 7.441   20.560  4.136   1.00 82.25  ?  61 C A "O2'" 1 
ATOM 1419 C "C1'" . C A 1 70 ? 7.441   18.806  2.493   1.00 105.52 ?  61 C A "C1'" 1 
ATOM 1420 N N1    . C A 1 70 ? 6.461   18.281  1.506   1.00 123.11 ?  61 C A N1    1 
ATOM 1421 C C2    . C A 1 70 ? 5.691   19.184  0.752   1.00 133.45 ?  61 C A C2    1 
ATOM 1422 O O2    . C A 1 70 ? 5.842   20.405  0.920   1.00 142.18 ?  61 C A O2    1 
ATOM 1423 N N3    . C A 1 70 ? 4.797   18.696  -0.143  1.00 128.46 ?  61 C A N3    1 
ATOM 1424 C C4    . C A 1 70 ? 4.652   17.373  -0.299  1.00 129.25 ?  61 C A C4    1 
ATOM 1425 N N4    . C A 1 70 ? 3.765   16.957  -1.190  1.00 121.98 ?  61 C A N4    1 
ATOM 1426 C C5    . C A 1 70 ? 5.431   16.442  0.451   1.00 131.07 ?  61 C A C5    1 
ATOM 1427 C C6    . C A 1 70 ? 6.313   16.934  1.335   1.00 123.33 ?  61 C A C6    1 
ATOM 1428 P P     . U A 1 71 ? 5.675   18.522  7.047   1.00 103.04 ?  62 U A P     1 
ATOM 1429 O OP1   . U A 1 71 ? 5.969   18.942  8.446   1.00 100.30 ?  62 U A OP1   1 
ATOM 1430 O OP2   . U A 1 71 ? 5.148   17.141  6.853   1.00 104.45 -1 62 U A OP2   1 
ATOM 1431 O "O5'" . U A 1 71 ? 4.723   19.660  6.421   1.00 94.98  ?  62 U A "O5'" 1 
ATOM 1432 C "C5'" . U A 1 71 ? 5.133   21.050  6.572   1.00 83.72  ?  62 U A "C5'" 1 
ATOM 1433 C "C4'" . U A 1 71 ? 4.188   22.001  5.876   1.00 84.50  ?  62 U A "C4'" 1 
ATOM 1434 O "O4'" . U A 1 71 ? 4.337   21.930  4.436   1.00 90.53  ?  62 U A "O4'" 1 
ATOM 1435 C "C3'" . U A 1 71 ? 2.690   21.782  6.091   1.00 89.87  ?  62 U A "C3'" 1 
ATOM 1436 O "O3'" . U A 1 71 ? 2.256   22.360  7.301   1.00 105.06 ?  62 U A "O3'" 1 
ATOM 1437 C "C2'" . U A 1 71 ? 2.096   22.557  4.912   1.00 92.84  ?  62 U A "C2'" 1 
ATOM 1438 O "O2'" . U A 1 71 ? 2.028   23.959  5.062   1.00 86.98  ?  62 U A "O2'" 1 
ATOM 1439 C "C1'" . U A 1 71 ? 3.090   22.185  3.813   1.00 104.71 ?  62 U A "C1'" 1 
ATOM 1440 N N1    . U A 1 71 ? 2.651   20.973  3.095   1.00 124.64 ?  62 U A N1    1 
ATOM 1441 C C2    . U A 1 71 ? 1.617   21.112  2.179   1.00 132.15 ?  62 U A C2    1 
ATOM 1442 O O2    . U A 1 71 ? 1.085   22.185  1.917   1.00 148.01 ?  62 U A O2    1 
ATOM 1443 N N3    . U A 1 71 ? 1.242   19.945  1.562   1.00 128.24 ?  62 U A N3    1 
ATOM 1444 C C4    . U A 1 71 ? 1.770   18.685  1.775   1.00 127.19 ?  62 U A C4    1 
ATOM 1445 O O4    . U A 1 71 ? 1.326   17.734  1.140   1.00 141.05 ?  62 U A O4    1 
ATOM 1446 C C5    . U A 1 71 ? 2.819   18.622  2.748   1.00 123.17 ?  62 U A C5    1 
ATOM 1447 C C6    . U A 1 71 ? 3.210   19.746  3.367   1.00 125.89 ?  62 U A C6    1 
ATOM 1448 P P     . C A 1 72 ? 1.106   21.653  8.165   1.00 113.54 ?  63 C A P     1 
ATOM 1449 O OP1   . C A 1 72 ? 1.129   22.252  9.532   1.00 113.55 ?  63 C A OP1   1 
ATOM 1450 O OP2   . C A 1 72 ? 1.299   20.181  8.028   1.00 114.20 -1 63 C A OP2   1 
ATOM 1451 O "O5'" . C A 1 72 ? -0.209  22.145  7.399   1.00 95.20  ?  63 C A "O5'" 1 
ATOM 1452 C "C5'" . C A 1 72 ? -0.554  23.553  7.445   1.00 90.08  ?  63 C A "C5'" 1 
ATOM 1453 C "C4'" . C A 1 72 ? -1.766  23.825  6.588   1.00 82.96  ?  63 C A "C4'" 1 
ATOM 1454 O "O4'" . C A 1 72 ? -1.444  23.593  5.191   1.00 95.86  ?  63 C A "O4'" 1 
ATOM 1455 C "C3'" . C A 1 72 ? -2.992  22.940  6.834   1.00 76.38  ?  63 C A "C3'" 1 
ATOM 1456 O "O3'" . C A 1 72 ? -3.770  23.368  7.936   1.00 73.65  ?  63 C A "O3'" 1 
ATOM 1457 C "C2'" . C A 1 72 ? -3.735  23.095  5.505   1.00 83.08  ?  63 C A "C2'" 1 
ATOM 1458 O "O2'" . C A 1 72 ? -4.339  24.356  5.313   1.00 75.89  ?  63 C A "O2'" 1 
ATOM 1459 C "C1'" . C A 1 72 ? -2.550  23.001  4.539   1.00 94.08  ?  63 C A "C1'" 1 
ATOM 1460 N N1    . C A 1 72 ? -2.224  21.594  4.175   1.00 95.78  ?  63 C A N1    1 
ATOM 1461 C C2    . C A 1 72 ? -3.071  20.946  3.276   1.00 90.31  ?  63 C A C2    1 
ATOM 1462 O O2    . C A 1 72 ? -4.039  21.571  2.825   1.00 80.98  ?  63 C A O2    1 
ATOM 1463 N N3    . C A 1 72 ? -2.797  19.663  2.927   1.00 103.32 ?  63 C A N3    1 
ATOM 1464 C C4    . C A 1 72 ? -1.730  19.029  3.443   1.00 106.01 ?  63 C A C4    1 
ATOM 1465 N N4    . C A 1 72 ? -1.499  17.781  3.064   1.00 109.06 ?  63 C A N4    1 
ATOM 1466 C C5    . C A 1 72 ? -0.863  19.672  4.363   1.00 98.72  ?  63 C A C5    1 
ATOM 1467 C C6    . C A 1 72 ? -1.145  20.940  4.700   1.00 99.86  ?  63 C A C6    1 
ATOM 1468 P P     . G A 1 73 ? -4.550  22.311  8.862   1.00 76.93  ?  64 G A P     1 
ATOM 1469 O OP1   . G A 1 73 ? -5.089  23.016  10.062  1.00 87.51  ?  64 G A OP1   1 
ATOM 1470 O OP2   . G A 1 73 ? -3.695  21.108  9.084   1.00 72.38  -1 64 G A OP2   1 
ATOM 1471 O "O5'" . G A 1 73 ? -5.826  21.926  7.977   1.00 64.88  ?  64 G A "O5'" 1 
ATOM 1472 C "C5'" . G A 1 73 ? -6.810  22.945  7.690   1.00 63.77  ?  64 G A "C5'" 1 
ATOM 1473 C "C4'" . G A 1 73 ? -7.791  22.376  6.702   1.00 71.19  ?  64 G A "C4'" 1 
ATOM 1474 O "O4'" . G A 1 73 ? -7.065  21.990  5.509   1.00 78.10  ?  64 G A "O4'" 1 
ATOM 1475 C "C3'" . G A 1 73 ? -8.463  21.063  7.110   1.00 76.18  ?  64 G A "C3'" 1 
ATOM 1476 O "O3'" . G A 1 73 ? -9.581  21.174  7.970   1.00 71.64  ?  64 G A "O3'" 1 
ATOM 1477 C "C2'" . G A 1 73 ? -8.919  20.548  5.748   1.00 80.59  ?  64 G A "C2'" 1 
ATOM 1478 O "O2'" . G A 1 73 ? -10.046 21.260  5.287   1.00 79.06  ?  64 G A "O2'" 1 
ATOM 1479 C "C1'" . G A 1 73 ? -7.669  20.851  4.930   1.00 77.27  ?  64 G A "C1'" 1 
ATOM 1480 N N9    . G A 1 73 ? -6.721  19.740  4.877   1.00 74.04  ?  64 G A N9    1 
ATOM 1481 C C8    . G A 1 73 ? -5.499  19.636  5.488   1.00 72.93  ?  64 G A C8    1 
ATOM 1482 N N7    . G A 1 73 ? -4.871  18.516  5.210   1.00 71.47  ?  64 G A N7    1 
ATOM 1483 C C5    . G A 1 73 ? -5.737  17.835  4.361   1.00 69.17  ?  64 G A C5    1 
ATOM 1484 C C6    . G A 1 73 ? -5.611  16.571  3.727   1.00 57.46  ?  64 G A C6    1 
ATOM 1485 O O6    . G A 1 73 ? -4.690  15.760  3.807   1.00 53.43  ?  64 G A O6    1 
ATOM 1486 N N1    . G A 1 73 ? -6.709  16.263  2.938   1.00 60.20  ?  64 G A N1    1 
ATOM 1487 C C2    . G A 1 73 ? -7.800  17.074  2.774   1.00 78.38  ?  64 G A C2    1 
ATOM 1488 N N2    . G A 1 73 ? -8.766  16.617  1.970   1.00 88.90  ?  64 G A N2    1 
ATOM 1489 N N3    . G A 1 73 ? -7.936  18.265  3.364   1.00 86.47  ?  64 G A N3    1 
ATOM 1490 C C4    . G A 1 73 ? -6.874  18.581  4.147   1.00 78.84  ?  64 G A C4    1 
ATOM 1491 P P     . C A 1 74 ? -9.912  19.954  8.960   1.00 68.94  ?  65 C A P     1 
ATOM 1492 O OP1   . C A 1 74 ? -11.010 20.358  9.879   1.00 75.48  ?  65 C A OP1   1 
ATOM 1493 O OP2   . C A 1 74 ? -8.636  19.437  9.543   1.00 54.43  -1 65 C A OP2   1 
ATOM 1494 O "O5'" . C A 1 74 ? -10.490 18.809  8.003   1.00 65.00  ?  65 C A "O5'" 1 
ATOM 1495 C "C5'" . C A 1 74 ? -11.820 18.929  7.456   1.00 54.34  ?  65 C A "C5'" 1 
ATOM 1496 C "C4'" . C A 1 74 ? -12.062 17.788  6.493   1.00 53.60  ?  65 C A "C4'" 1 
ATOM 1497 O "O4'" . C A 1 74 ? -10.974 17.704  5.537   1.00 52.41  ?  65 C A "O4'" 1 
ATOM 1498 C "C3'" . C A 1 74 ? -12.143 16.371  7.083   1.00 52.98  ?  65 C A "C3'" 1 
ATOM 1499 O "O3'" . C A 1 74 ? -13.445 16.032  7.534   1.00 57.97  ?  65 C A "O3'" 1 
ATOM 1500 C "C2'" . C A 1 74 ? -11.858 15.525  5.846   1.00 51.73  ?  65 C A "C2'" 1 
ATOM 1501 O "O2'" . C A 1 74 ? -13.001 15.425  5.027   1.00 55.90  ?  65 C A "O2'" 1 
ATOM 1502 C "C1'" . C A 1 74 ? -10.769 16.357  5.156   1.00 51.81  ?  65 C A "C1'" 1 
ATOM 1503 N N1    . C A 1 74 ? -9.413  15.899  5.570   1.00 48.75  ?  65 C A N1    1 
ATOM 1504 C C2    . C A 1 74 ? -8.932  14.712  4.999   1.00 44.89  ?  65 C A C2    1 
ATOM 1505 O O2    . C A 1 74 ? -9.624  14.119  4.155   1.00 40.35  ?  65 C A O2    1 
ATOM 1506 N N3    . C A 1 74 ? -7.724  14.242  5.381   1.00 43.27  ?  65 C A N3    1 
ATOM 1507 C C4    . C A 1 74 ? -7.022  14.903  6.309   1.00 43.34  ?  65 C A C4    1 
ATOM 1508 N N4    . C A 1 74 ? -5.853  14.401  6.658   1.00 47.01  ?  65 C A N4    1 
ATOM 1509 C C5    . C A 1 74 ? -7.486  16.112  6.894   1.00 40.80  ?  65 C A C5    1 
ATOM 1510 C C6    . C A 1 74 ? -8.686  16.567  6.515   1.00 42.51  ?  65 C A C6    1 
ATOM 1511 P P     . C A 1 75 ? -13.696 14.815  8.554   1.00 58.51  ?  66 C A P     1 
ATOM 1512 O OP1   . C A 1 75 ? -15.144 14.744  8.896   1.00 60.95  ?  66 C A OP1   1 
ATOM 1513 O OP2   . C A 1 75 ? -12.681 14.717  9.643   1.00 56.87  -1 66 C A OP2   1 
ATOM 1514 O "O5'" . C A 1 75 ? -13.485 13.544  7.626   1.00 54.39  ?  66 C A "O5'" 1 
ATOM 1515 C "C5'" . C A 1 75 ? -14.585 13.131  6.792   1.00 52.71  ?  66 C A "C5'" 1 
ATOM 1516 C "C4'" . C A 1 75 ? -14.193 11.810  6.191   1.00 47.88  ?  66 C A "C4'" 1 
ATOM 1517 O "O4'" . C A 1 75 ? -12.844 11.943  5.702   1.00 43.75  ?  66 C A "O4'" 1 
ATOM 1518 C "C3'" . C A 1 75 ? -14.092 10.638  7.175   1.00 44.45  ?  66 C A "C3'" 1 
ATOM 1519 O "O3'" . C A 1 75 ? -15.352 10.021  7.377   1.00 42.52  ?  66 C A "O3'" 1 
ATOM 1520 C "C2'" . C A 1 75 ? -13.151 9.693   6.433   1.00 41.97  ?  66 C A "C2'" 1 
ATOM 1521 O "O2'" . C A 1 75 ? -13.831 8.990   5.413   1.00 40.38  ?  66 C A "O2'" 1 
ATOM 1522 C "C1'" . C A 1 75 ? -12.198 10.694  5.780   1.00 43.36  ?  66 C A "C1'" 1 
ATOM 1523 N N1    . C A 1 75 ? -10.898 10.909  6.464   1.00 46.38  ?  66 C A N1    1 
ATOM 1524 C C2    . C A 1 75 ? -9.909  9.914   6.365   1.00 50.71  ?  66 C A C2    1 
ATOM 1525 O O2    . C A 1 75 ? -10.173 8.848   5.777   1.00 49.89  ?  66 C A O2    1 
ATOM 1526 N N3    . C A 1 75 ? -8.698  10.140  6.935   1.00 45.46  ?  66 C A N3    1 
ATOM 1527 C C4    . C A 1 75 ? -8.458  11.308  7.543   1.00 40.86  ?  66 C A C4    1 
ATOM 1528 N N4    . C A 1 75 ? -7.263  11.486  8.055   1.00 43.79  ?  66 C A N4    1 
ATOM 1529 C C5    . C A 1 75 ? -9.429  12.338  7.627   1.00 40.84  ?  66 C A C5    1 
ATOM 1530 C C6    . C A 1 75 ? -10.623 12.106  7.060   1.00 42.45  ?  66 C A C6    1 
ATOM 1531 P P     . U A 1 76 ? -15.748 9.460   8.822   1.00 38.56  ?  67 U A P     1 
ATOM 1532 O OP1   . U A 1 76 ? -17.168 9.015   8.841   1.00 39.93  ?  67 U A OP1   1 
ATOM 1533 O OP2   . U A 1 76 ? -15.274 10.465  9.824   1.00 34.29  -1 67 U A OP2   1 
ATOM 1534 O "O5'" . U A 1 76 ? -14.912 8.103   8.772   1.00 36.04  ?  67 U A "O5'" 1 
ATOM 1535 C "C5'" . U A 1 76 ? -15.390 7.045   7.930   1.00 36.31  ?  67 U A "C5'" 1 
ATOM 1536 C "C4'" . U A 1 76 ? -14.342 5.963   7.903   1.00 42.76  ?  67 U A "C4'" 1 
ATOM 1537 O "O4'" . U A 1 76 ? -13.079 6.481   7.407   1.00 42.88  ?  67 U A "O4'" 1 
ATOM 1538 C "C3'" . U A 1 76 ? -13.973 5.395   9.272   1.00 45.59  ?  67 U A "C3'" 1 
ATOM 1539 O "O3'" . U A 1 76 ? -14.963 4.445   9.619   1.00 52.64  ?  67 U A "O3'" 1 
ATOM 1540 C "C2'" . U A 1 76 ? -12.615 4.758   8.974   1.00 44.21  ?  67 U A "C2'" 1 
ATOM 1541 O "O2'" . U A 1 76 ? -12.718 3.521   8.301   1.00 45.79  ?  67 U A "O2'" 1 
ATOM 1542 C "C1'" . U A 1 76 ? -12.010 5.781   8.010   1.00 40.62  ?  67 U A "C1'" 1 
ATOM 1543 N N1    . U A 1 76 ? -11.107 6.746   8.671   1.00 36.67  ?  67 U A N1    1 
ATOM 1544 C C2    . U A 1 76 ? -9.829  6.308   8.968   1.00 35.73  ?  67 U A C2    1 
ATOM 1545 O O2    . U A 1 76 ? -9.443  5.182   8.715   1.00 38.44  ?  67 U A O2    1 
ATOM 1546 N N3    . U A 1 76 ? -9.014  7.228   9.560   1.00 34.05  ?  67 U A N3    1 
ATOM 1547 C C4    . U A 1 76 ? -9.351  8.525   9.868   1.00 36.95  ?  67 U A C4    1 
ATOM 1548 O O4    . U A 1 76 ? -8.517  9.236   10.418  1.00 44.60  ?  67 U A O4    1 
ATOM 1549 C C5    . U A 1 76 ? -10.689 8.911   9.535   1.00 34.25  ?  67 U A C5    1 
ATOM 1550 C C6    . U A 1 76 ? -11.511 8.022   8.963   1.00 33.86  ?  67 U A C6    1 
ATOM 1551 P P     . C A 1 77 ? -15.340 4.183   11.154  1.00 59.61  ?  68 C A P     1 
ATOM 1552 O OP1   . C A 1 77 ? -16.645 3.455   11.078  1.00 54.18  ?  68 C A OP1   1 
ATOM 1553 O OP2   . C A 1 77 ? -15.237 5.431   11.965  1.00 55.43  -1 68 C A OP2   1 
ATOM 1554 O "O5'" . C A 1 77 ? -14.070 3.381   11.704  1.00 57.66  ?  68 C A "O5'" 1 
ATOM 1555 C "C5'" . C A 1 77 ? -13.809 2.052   11.205  1.00 57.28  ?  68 C A "C5'" 1 
ATOM 1556 C "C4'" . C A 1 77 ? -12.427 1.650   11.645  1.00 58.92  ?  68 C A "C4'" 1 
ATOM 1557 O "O4'" . C A 1 77 ? -11.461 2.547   11.052  1.00 60.06  ?  68 C A "O4'" 1 
ATOM 1558 C "C3'" . C A 1 77 ? -12.101 1.847   13.123  1.00 64.26  ?  68 C A "C3'" 1 
ATOM 1559 O "O3'" . C A 1 77 ? -12.668 0.931   14.024  1.00 65.68  ?  68 C A "O3'" 1 
ATOM 1560 C "C2'" . C A 1 77 ? -10.584 1.692   13.074  1.00 69.98  ?  68 C A "C2'" 1 
ATOM 1561 O "O2'" . C A 1 77 ? -10.218 0.363   12.758  1.00 75.86  ?  68 C A "O2'" 1 
ATOM 1562 C "C1'" . C A 1 77 ? -10.311 2.604   11.876  1.00 62.33  ?  68 C A "C1'" 1 
ATOM 1563 N N1    . C A 1 77 ? -10.043 4.021   12.257  1.00 55.30  ?  68 C A N1    1 
ATOM 1564 C C2    . C A 1 77 ? -8.731  4.358   12.637  1.00 52.02  ?  68 C A C2    1 
ATOM 1565 O O2    . C A 1 77 ? -7.860  3.475   12.673  1.00 49.43  ?  68 C A O2    1 
ATOM 1566 N N3    . C A 1 77 ? -8.453  5.639   12.968  1.00 48.21  ?  68 C A N3    1 
ATOM 1567 C C4    . C A 1 77 ? -9.421  6.563   12.928  1.00 44.59  ?  68 C A C4    1 
ATOM 1568 N N4    . C A 1 77 ? -9.084  7.796   13.264  1.00 43.25  ?  68 C A N4    1 
ATOM 1569 C C5    . C A 1 77 ? -10.759 6.245   12.541  1.00 42.53  ?  68 C A C5    1 
ATOM 1570 C C6    . C A 1 77 ? -11.028 4.970   12.220  1.00 46.27  ?  68 C A C6    1 
ATOM 1571 P P     . C A 1 78 ? -12.780 1.414   15.543  1.00 72.78  ?  69 C A P     1 
ATOM 1572 O OP1   . C A 1 78 ? -13.588 0.445   16.335  1.00 90.46  ?  69 C A OP1   1 
ATOM 1573 O OP2   . C A 1 78 ? -13.062 2.871   15.661  1.00 79.29  -1 69 C A OP2   1 
ATOM 1574 O "O5'" . C A 1 78 ? -11.270 1.273   15.989  1.00 61.37  ?  69 C A "O5'" 1 
ATOM 1575 C "C5'" . C A 1 78 ? -10.919 0.080   16.673  1.00 65.36  ?  69 C A "C5'" 1 
ATOM 1576 C "C4'" . C A 1 78 ? -9.444  0.162   16.937  1.00 72.22  ?  69 C A "C4'" 1 
ATOM 1577 O "O4'" . C A 1 78 ? -8.836  1.077   15.987  1.00 65.02  ?  69 C A "O4'" 1 
ATOM 1578 C "C3'" . C A 1 78 ? -9.070  0.754   18.299  1.00 74.14  ?  69 C A "C3'" 1 
ATOM 1579 O "O3'" . C A 1 78 ? -9.347  -0.186  19.324  1.00 77.94  ?  69 C A "O3'" 1 
ATOM 1580 C "C2'" . C A 1 78 ? -7.616  1.142   18.030  1.00 66.79  ?  69 C A "C2'" 1 
ATOM 1581 O "O2'" . C A 1 78 ? -6.749  0.030   17.964  1.00 60.79  ?  69 C A "O2'" 1 
ATOM 1582 C "C1'" . C A 1 78 ? -7.782  1.763   16.636  1.00 64.74  ?  69 C A "C1'" 1 
ATOM 1583 N N1    . C A 1 78 ? -8.111  3.214   16.700  1.00 57.17  ?  69 C A N1    1 
ATOM 1584 C C2    . C A 1 78 ? -7.114  4.076   17.170  1.00 52.65  ?  69 C A C2    1 
ATOM 1585 O O2    . C A 1 78 ? -6.009  3.606   17.492  1.00 49.72  ?  69 C A O2    1 
ATOM 1586 N N3    . C A 1 78 ? -7.373  5.401   17.233  1.00 46.20  ?  69 C A N3    1 
ATOM 1587 C C4    . C A 1 78 ? -8.570  5.868   16.870  1.00 43.70  ?  69 C A C4    1 
ATOM 1588 N N4    . C A 1 78 ? -8.752  7.173   16.957  1.00 45.42  ?  69 C A N4    1 
ATOM 1589 C C5    . C A 1 78 ? -9.609  5.005   16.414  1.00 44.28  ?  69 C A C5    1 
ATOM 1590 C C6    . C A 1 78 ? -9.342  3.694   16.344  1.00 49.83  ?  69 C A C6    1 
ATOM 1591 P P     . C A 1 79 ? -10.332 0.197   20.535  1.00 86.73  ?  70 C A P     1 
ATOM 1592 O OP1   . C A 1 79 ? -10.924 -1.038  21.125  1.00 98.13  ?  70 C A OP1   1 
ATOM 1593 O OP2   . C A 1 79 ? -11.265 1.307   20.178  1.00 83.49  -1 70 C A OP2   1 
ATOM 1594 O "O5'" . C A 1 79 ? -9.172  0.704   21.510  1.00 67.49  ?  70 C A "O5'" 1 
ATOM 1595 C "C5'" . C A 1 79 ? -7.962  -0.081  21.587  1.00 59.35  ?  70 C A "C5'" 1 
ATOM 1596 C "C4'" . C A 1 79 ? -6.849  0.779   22.125  1.00 66.27  ?  70 C A "C4'" 1 
ATOM 1597 O "O4'" . C A 1 79 ? -6.400  1.704   21.103  1.00 62.18  ?  70 C A "O4'" 1 
ATOM 1598 C "C3'" . C A 1 79 ? -7.213  1.710   23.291  1.00 76.51  ?  70 C A "C3'" 1 
ATOM 1599 O "O3'" . C A 1 79 ? -7.364  1.080   24.557  1.00 76.99  ?  70 C A "O3'" 1 
ATOM 1600 C "C2'" . C A 1 79 ? -6.042  2.697   23.230  1.00 76.14  ?  70 C A "C2'" 1 
ATOM 1601 O "O2'" . C A 1 79 ? -4.792  2.194   23.647  1.00 80.28  ?  70 C A "O2'" 1 
ATOM 1602 C "C1'" . C A 1 79 ? -5.972  2.905   21.718  1.00 70.20  ?  70 C A "C1'" 1 
ATOM 1603 N N1    . C A 1 79 ? -6.848  4.038   21.314  1.00 66.61  ?  70 C A N1    1 
ATOM 1604 C C2    . C A 1 79 ? -6.344  5.325   21.534  1.00 60.77  ?  70 C A C2    1 
ATOM 1605 O O2    . C A 1 79 ? -5.202  5.443   22.012  1.00 59.72  ?  70 C A O2    1 
ATOM 1606 N N3    . C A 1 79 ? -7.106  6.392   21.188  1.00 50.57  ?  70 C A N3    1 
ATOM 1607 C C4    . C A 1 79 ? -8.323  6.204   20.672  1.00 48.04  ?  70 C A C4    1 
ATOM 1608 N N4    . C A 1 79 ? -9.018  7.281   20.355  1.00 49.67  ?  70 C A N4    1 
ATOM 1609 C C5    . C A 1 79 ? -8.861  4.902   20.463  1.00 49.43  ?  70 C A C5    1 
ATOM 1610 C C6    . C A 1 79 ? -8.101  3.851   20.802  1.00 56.97  ?  70 C A C6    1 
ATOM 1611 P P     . G A 1 80 ? -8.405  1.653   25.634  1.00 72.60  ?  71 G A P     1 
ATOM 1612 O OP1   . G A 1 80 ? -8.683  0.670   26.716  1.00 72.99  ?  71 G A OP1   1 
ATOM 1613 O OP2   . G A 1 80 ? -9.570  2.292   24.963  1.00 84.16  -1 71 G A OP2   1 
ATOM 1614 O "O5'" . G A 1 80 ? -7.570  2.864   26.244  1.00 73.14  ?  71 G A "O5'" 1 
ATOM 1615 C "C5'" . G A 1 80 ? -6.209  2.654   26.700  1.00 66.84  ?  71 G A "C5'" 1 
ATOM 1616 C "C4'" . G A 1 80 ? -5.669  3.986   27.157  1.00 63.52  ?  71 G A "C4'" 1 
ATOM 1617 O "O4'" . G A 1 80 ? -5.424  4.818   25.993  1.00 62.68  ?  71 G A "O4'" 1 
ATOM 1618 C "C3'" . G A 1 80 ? -6.637  4.838   27.985  1.00 58.77  ?  71 G A "C3'" 1 
ATOM 1619 O "O3'" . G A 1 80 ? -6.728  4.489   29.349  1.00 54.84  ?  71 G A "O3'" 1 
ATOM 1620 C "C2'" . G A 1 80 ? -6.055  6.237   27.778  1.00 57.77  ?  71 G A "C2'" 1 
ATOM 1621 O "O2'" . G A 1 80 ? -4.940  6.495   28.603  1.00 51.87  ?  71 G A "O2'" 1 
ATOM 1622 C "C1'" . G A 1 80 ? -5.751  6.162   26.285  1.00 59.16  ?  71 G A "C1'" 1 
ATOM 1623 N N9    . G A 1 80 ? -6.883  6.597   25.469  1.00 57.81  ?  71 G A N9    1 
ATOM 1624 C C8    . G A 1 80 ? -7.818  5.838   24.808  1.00 58.78  ?  71 G A C8    1 
ATOM 1625 N N7    . G A 1 80 ? -8.722  6.553   24.176  1.00 55.19  ?  71 G A N7    1 
ATOM 1626 C C5    . G A 1 80 ? -8.361  7.866   24.447  1.00 53.36  ?  71 G A C5    1 
ATOM 1627 C C6    . G A 1 80 ? -8.953  9.082   24.029  1.00 50.98  ?  71 G A C6    1 
ATOM 1628 O O6    . G A 1 80 ? -9.956  9.237   23.323  1.00 49.03  ?  71 G A O6    1 
ATOM 1629 N N1    . G A 1 80 ? -8.263  10.189  24.536  1.00 52.39  ?  71 G A N1    1 
ATOM 1630 C C2    . G A 1 80 ? -7.152  10.126  25.347  1.00 54.02  ?  71 G A C2    1 
ATOM 1631 N N2    . G A 1 80 ? -6.617  11.286  25.753  1.00 52.55  ?  71 G A N2    1 
ATOM 1632 N N3    . G A 1 80 ? -6.587  8.984   25.733  1.00 55.56  ?  71 G A N3    1 
ATOM 1633 C C4    . G A 1 80 ? -7.244  7.902   25.252  1.00 55.76  ?  71 G A C4    1 
ATOM 1634 P P     . C A 1 81 ? -7.968  5.021   30.210  1.00 62.45  ?  72 C A P     1 
ATOM 1635 O OP1   . C A 1 81 ? -8.162  4.117   31.380  1.00 67.64  ?  72 C A OP1   1 
ATOM 1636 O OP2   . C A 1 81 ? -9.168  5.364   29.388  1.00 61.45  -1 72 C A OP2   1 
ATOM 1637 O "O5'" . C A 1 81 ? -7.243  6.366   30.685  1.00 62.57  ?  72 C A "O5'" 1 
ATOM 1638 C "C5'" . C A 1 81 ? -8.017  7.382   31.385  1.00 55.51  ?  72 C A "C5'" 1 
ATOM 1639 C "C4'" . C A 1 81 ? -7.490  8.749   31.018  1.00 49.68  ?  72 C A "C4'" 1 
ATOM 1640 O "O4'" . C A 1 81 ? -7.287  8.830   29.588  1.00 51.40  ?  72 C A "O4'" 1 
ATOM 1641 C "C3'" . C A 1 81 ? -8.421  9.917   31.339  1.00 44.26  ?  72 C A "C3'" 1 
ATOM 1642 O "O3'" . C A 1 81 ? -8.153  10.435  32.619  1.00 43.19  ?  72 C A "O3'" 1 
ATOM 1643 C "C2'" . C A 1 81 ? -8.147  10.946  30.242  1.00 43.76  ?  72 C A "C2'" 1 
ATOM 1644 O "O2'" . C A 1 81 ? -7.057  11.805  30.470  1.00 42.17  ?  72 C A "O2'" 1 
ATOM 1645 C "C1'" . C A 1 81 ? -7.801  10.035  29.069  1.00 47.43  ?  72 C A "C1'" 1 
ATOM 1646 N N1    . C A 1 81 ? -8.983  9.712   28.232  1.00 52.78  ?  72 C A N1    1 
ATOM 1647 C C2    . C A 1 81 ? -9.649  10.766  27.599  1.00 54.78  ?  72 C A C2    1 
ATOM 1648 O O2    . C A 1 81 ? -9.220  11.919  27.765  1.00 58.24  ?  72 C A O2    1 
ATOM 1649 N N3    . C A 1 81 ? -10.735 10.494  26.832  1.00 53.08  ?  72 C A N3    1 
ATOM 1650 C C4    . C A 1 81 ? -11.150 9.229   26.671  1.00 54.54  ?  72 C A C4    1 
ATOM 1651 N N4    . C A 1 81 ? -12.195 9.008   25.885  1.00 49.06  ?  72 C A N4    1 
ATOM 1652 C C5    . C A 1 81 ? -10.480 8.146   27.310  1.00 59.06  ?  72 C A C5    1 
ATOM 1653 C C6    . C A 1 81 ? -9.409  8.425   28.071  1.00 56.53  ?  72 C A C6    1 
ATOM 1654 P P     . A A 1 82 ? -9.318  10.297  33.693  1.00 42.19  ?  73 A A P     1 
ATOM 1655 O OP1   . A A 1 82 ? -9.067  11.144  34.892  1.00 44.67  ?  73 A A OP1   1 
ATOM 1656 O OP2   . A A 1 82 ? -9.674  8.862   33.860  1.00 45.39  -1 73 A A OP2   1 
ATOM 1657 O "O5'" . A A 1 82 ? -10.478 10.919  32.796  1.00 47.90  ?  73 A A "O5'" 1 
ATOM 1658 C "C5'" . A A 1 82 ? -11.320 11.905  33.415  1.00 57.17  ?  73 A A "C5'" 1 
ATOM 1659 C "C4'" . A A 1 82 ? -10.572 13.213  33.473  1.00 55.61  ?  73 A A "C4'" 1 
ATOM 1660 O "O4'" . A A 1 82 ? -10.454 13.743  32.124  1.00 54.03  ?  73 A A "O4'" 1 
ATOM 1661 C "C3'" . A A 1 82 ? -11.310 14.309  34.231  1.00 52.04  ?  73 A A "C3'" 1 
ATOM 1662 O "O3'" . A A 1 82 ? -10.432 15.383  34.502  1.00 55.24  ?  73 A A "O3'" 1 
ATOM 1663 C "C2'" . A A 1 82 ? -12.344 14.684  33.174  1.00 50.99  ?  73 A A "C2'" 1 
ATOM 1664 O "O2'" . A A 1 82 ? -13.043 15.868  33.491  1.00 47.17  ?  73 A A "O2'" 1 
ATOM 1665 C "C1'" . A A 1 82 ? -11.488 14.677  31.900  1.00 52.18  ?  73 A A "C1'" 1 
ATOM 1666 N N9    . A A 1 82 ? -12.275 14.283  30.734  1.00 51.80  ?  73 A A N9    1 
ATOM 1667 C C8    . A A 1 82 ? -13.065 15.129  29.995  1.00 52.22  ?  73 A A C8    1 
ATOM 1668 N N7    . A A 1 82 ? -13.735 14.541  29.037  1.00 46.71  ?  73 A A N7    1 
ATOM 1669 C C5    . A A 1 82 ? -13.396 13.211  29.176  1.00 49.32  ?  73 A A C5    1 
ATOM 1670 C C6    . A A 1 82 ? -13.793 12.083  28.448  1.00 49.81  ?  73 A A C6    1 
ATOM 1671 N N6    . A A 1 82 ? -14.651 12.161  27.439  1.00 46.93  ?  73 A A N6    1 
ATOM 1672 N N1    . A A 1 82 ? -13.255 10.886  28.797  1.00 54.35  ?  73 A A N1    1 
ATOM 1673 C C2    . A A 1 82 ? -12.401 10.853  29.833  1.00 55.41  ?  73 A A C2    1 
ATOM 1674 N N3    . A A 1 82 ? -11.963 11.853  30.602  1.00 49.85  ?  73 A A N3    1 
ATOM 1675 C C4    . A A 1 82 ? -12.500 13.026  30.216  1.00 51.15  ?  73 A A C4    1 
ATOM 1676 P P     . C A 1 83 ? -10.399 16.035  35.967  1.00 62.48  ?  74 C A P     1 
ATOM 1677 O OP1   . C A 1 83 ? -9.636  17.311  35.899  1.00 68.37  ?  74 C A OP1   1 
ATOM 1678 O OP2   . C A 1 83 ? -9.994  14.980  36.940  1.00 60.85  -1 74 C A OP2   1 
ATOM 1679 O "O5'" . C A 1 83 ? -11.899 16.468  36.292  1.00 57.58  ?  74 C A "O5'" 1 
ATOM 1680 C "C5'" . C A 1 83 ? -12.337 17.763  35.849  1.00 58.53  ?  74 C A "C5'" 1 
ATOM 1681 C "C4'" . C A 1 83 ? -13.523 18.193  36.678  1.00 66.86  ?  74 C A "C4'" 1 
ATOM 1682 O "O4'" . C A 1 83 ? -14.553 17.173  36.648  1.00 66.80  ?  74 C A "O4'" 1 
ATOM 1683 C "C3'" . C A 1 83 ? -13.263 18.430  38.167  1.00 69.27  ?  74 C A "C3'" 1 
ATOM 1684 O "O3'" . C A 1 83 ? -12.749 19.738  38.363  1.00 78.39  ?  74 C A "O3'" 1 
ATOM 1685 C "C2'" . C A 1 83 ? -14.667 18.238  38.749  1.00 64.38  ?  74 C A "C2'" 1 
ATOM 1686 O "O2'" . C A 1 83 ? -15.536 19.320  38.505  1.00 58.77  ?  74 C A "O2'" 1 
ATOM 1687 C "C1'" . C A 1 83 ? -15.184 17.072  37.903  1.00 61.99  ?  74 C A "C1'" 1 
ATOM 1688 N N1    . C A 1 83 ? -14.853 15.726  38.436  1.00 61.99  ?  74 C A N1    1 
ATOM 1689 C C2    . C A 1 83 ? -14.653 15.535  39.813  1.00 66.40  ?  74 C A C2    1 
ATOM 1690 O O2    . C A 1 83 ? -14.773 16.493  40.597  1.00 72.86  ?  74 C A O2    1 
ATOM 1691 N N3    . C A 1 83 ? -14.341 14.298  40.252  1.00 62.78  ?  74 C A N3    1 
ATOM 1692 C C4    . C A 1 83 ? -14.223 13.279  39.395  1.00 63.35  ?  74 C A C4    1 
ATOM 1693 N N4    . C A 1 83 ? -13.925 12.096  39.905  1.00 65.57  ?  74 C A N4    1 
ATOM 1694 C C5    . C A 1 83 ? -14.428 13.449  37.995  1.00 60.05  ?  74 C A C5    1 
ATOM 1695 C C6    . C A 1 83 ? -14.726 14.682  37.565  1.00 56.79  ?  74 C A C6    1 
ATOM 1696 P P     . C A 1 84 ? -11.353 20.008  39.120  1.00 86.02  ?  75 C A P     1 
ATOM 1697 O OP1   . C A 1 84 ? -11.469 21.386  39.673  1.00 86.37  ?  75 C A OP1   1 
ATOM 1698 O OP2   . C A 1 84 ? -10.161 19.692  38.283  1.00 80.54  -1 75 C A OP2   1 
ATOM 1699 O "O5'" . C A 1 84 ? -11.243 18.963  40.322  1.00 75.05  ?  75 C A "O5'" 1 
ATOM 1700 C "C5'" . C A 1 84 ? -10.543 19.406  41.494  1.00 77.51  ?  75 C A "C5'" 1 
ATOM 1701 C "C4'" . C A 1 84 ? -11.554 19.641  42.588  1.00 78.14  ?  75 C A "C4'" 1 
ATOM 1702 O "O4'" . C A 1 84 ? -12.468 18.518  42.625  1.00 67.70  ?  75 C A "O4'" 1 
ATOM 1703 C "C3'" . C A 1 84 ? -10.980 19.706  44.011  1.00 85.08  ?  75 C A "C3'" 1 
ATOM 1704 O "O3'" . C A 1 84 ? -11.808 20.379  44.959  1.00 102.28 ?  75 C A "O3'" 1 
ATOM 1705 C "C2'" . C A 1 84 ? -10.815 18.217  44.329  1.00 81.16  ?  75 C A "C2'" 1 
ATOM 1706 O "O2'" . C A 1 84 ? -10.786 17.996  45.725  1.00 83.29  ?  75 C A "O2'" 1 
ATOM 1707 C "C1'" . C A 1 84 ? -12.030 17.602  43.610  1.00 75.31  ?  75 C A "C1'" 1 
ATOM 1708 N N1    . C A 1 84 ? -11.707 16.304  42.956  1.00 69.50  ?  75 C A N1    1 
ATOM 1709 C C2    . C A 1 84 ? -12.665 15.282  42.942  1.00 64.70  ?  75 C A C2    1 
ATOM 1710 O O2    . C A 1 84 ? -13.769 15.490  43.468  1.00 63.55  ?  75 C A O2    1 
ATOM 1711 N N3    . C A 1 84 ? -12.360 14.099  42.351  1.00 66.96  ?  75 C A N3    1 
ATOM 1712 C C4    . C A 1 84 ? -11.160 13.913  41.774  1.00 67.56  ?  75 C A C4    1 
ATOM 1713 N N4    . C A 1 84 ? -10.905 12.742  41.202  1.00 53.86  ?  75 C A N4    1 
ATOM 1714 C C5    . C A 1 84 ? -10.171 14.939  41.791  1.00 69.57  ?  75 C A C5    1 
ATOM 1715 C C6    . C A 1 84 ? -10.483 16.103  42.384  1.00 69.62  ?  75 C A C6    1 
ATOM 1716 P P     . A A 1 85 ? -11.170 21.274  46.134  1.00 116.18 ?  76 A A P     1 
ATOM 1717 O OP1   . A A 1 85 ? -11.240 22.719  45.781  1.00 114.97 ?  76 A A OP1   1 
ATOM 1718 O OP2   . A A 1 85 ? -9.852  20.693  46.531  1.00 118.29 -1 76 A A OP2   1 
ATOM 1719 O "O5'" . A A 1 85 ? -12.202 21.117  47.345  1.00 131.14 ?  76 A A "O5'" 1 
ATOM 1720 C "C5'" . A A 1 85 ? -11.921 20.160  48.396  1.00 140.10 ?  76 A A "C5'" 1 
ATOM 1721 C "C4'" . A A 1 85 ? -13.184 19.386  48.675  1.00 150.56 ?  76 A A "C4'" 1 
ATOM 1722 O "O4'" . A A 1 85 ? -14.327 20.203  48.309  1.00 152.51 ?  76 A A "O4'" 1 
ATOM 1723 C "C3'" . A A 1 85 ? -13.358 18.093  47.869  1.00 153.60 ?  76 A A "C3'" 1 
ATOM 1724 O "O3'" . A A 1 85 ? -14.161 17.175  48.600  1.00 179.68 ?  76 A A "O3'" 1 
ATOM 1725 C "C2'" . A A 1 85 ? -14.050 18.602  46.601  1.00 133.84 ?  76 A A "C2'" 1 
ATOM 1726 O "O2'" . A A 1 85 ? -14.742 17.600  45.890  1.00 101.82 ?  76 A A "O2'" 1 
ATOM 1727 C "C1'" . A A 1 85 ? -14.995 19.638  47.200  1.00 149.17 ?  76 A A "C1'" 1 
ATOM 1728 N N9    . A A 1 85 ? -15.395 20.704  46.286  1.00 152.12 ?  76 A A N9    1 
ATOM 1729 C C8    . A A 1 85 ? -15.625 20.607  44.935  1.00 139.69 ?  76 A A C8    1 
ATOM 1730 N N7    . A A 1 85 ? -16.001 21.733  44.385  1.00 128.04 ?  76 A A N7    1 
ATOM 1731 C C5    . A A 1 85 ? -16.029 22.630  45.443  1.00 142.78 ?  76 A A C5    1 
ATOM 1732 C C6    . A A 1 85 ? -16.353 23.998  45.514  1.00 137.52 ?  76 A A C6    1 
ATOM 1733 N N6    . A A 1 85 ? -16.722 24.717  44.458  1.00 124.62 ?  76 A A N6    1 
ATOM 1734 N N1    . A A 1 85 ? -16.280 24.596  46.729  1.00 136.79 ?  76 A A N1    1 
ATOM 1735 C C2    . A A 1 85 ? -15.906 23.865  47.788  1.00 132.26 ?  76 A A C2    1 
ATOM 1736 N N3    . A A 1 85 ? -15.580 22.579  47.841  1.00 135.76 ?  76 A A N3    1 
ATOM 1737 C C4    . A A 1 85 ? -15.661 22.010  46.623  1.00 148.78 ?  76 A A C4    1 
# 
